data_8SID
#
_entry.id   8SID
#
_cell.length_a   1.00
_cell.length_b   1.00
_cell.length_c   1.00
_cell.angle_alpha   90.00
_cell.angle_beta   90.00
_cell.angle_gamma   90.00
#
_symmetry.space_group_name_H-M   'P 1'
#
loop_
_entity.id
_entity.type
_entity.pdbx_description
1 polymer 'Gamma-aminobutyric acid receptor subunit beta-2'
2 polymer 'Gamma-aminobutyric acid receptor subunit alpha-1'
3 polymer 'Gamma-aminobutyric acid receptor subunit gamma-2'
4 polymer 'Kappa Fab Light Chain'
5 polymer 'IgG2b Fab Heavy Chain'
6 branched beta-D-mannopyranose-(1-4)-2-acetamido-2-deoxy-beta-D-glucopyranose-(1-4)-2-acetamido-2-deoxy-beta-D-glucopyranose
7 branched alpha-D-mannopyranose-(1-2)-alpha-D-mannopyranose-(1-2)-alpha-D-mannopyranose-(1-3)-[alpha-D-mannopyranose-(1-2)-alpha-D-mannopyranose-(1-6)-[alpha-D-mannopyranose-(1-3)]alpha-D-mannopyranose-(1-6)]beta-D-mannopyranose-(1-4)-2-acetamido-2-deoxy-beta-D-glucopyranose-(1-4)-2-acetamido-2-deoxy-beta-D-glucopyranose
8 branched 2-acetamido-2-deoxy-beta-D-glucopyranose-(1-4)-2-acetamido-2-deoxy-beta-D-glucopyranose
9 non-polymer 2-acetamido-2-deoxy-beta-D-glucopyranose
10 non-polymer 'GAMMA-AMINO-BUTANOIC ACID'
11 non-polymer '17-oxoandrost-5-en-3beta-yl hydrogen sulfate'
12 non-polymer PHOSPHATIDYLETHANOLAMINE
13 non-polymer O-[(R)-[(2S)-2-(hexadecanoyloxy)-3-(octadecanoyloxy)propoxy](hydroxy)phosphoryl]-D-serine
14 non-polymer '(2S)-3-(hexadecanoyloxy)-2-[(9Z)-octadec-9-enoyloxy]propyl 2-(trimethylammonio)ethyl phosphate'
#
loop_
_entity_poly.entity_id
_entity_poly.type
_entity_poly.pdbx_seq_one_letter_code
_entity_poly.pdbx_strand_id
1 'polypeptide(L)'
;QSVNDPSNMSLVKETVDRLLKGYDIRLRPDFGGPPVAVGMNIDIASIDMVSEVNMDYTLTMYFQQAWRDKRLSYNVIPLN
LTLDNRVADQLWVPDTYFLNDKKSFVHGVTVKNRMIRLHPDGTVLYGLRITTTAACMMDLRRYPLDEQNCTLEIESYGYT
TDDIEFYWRGDDNAVTGVTKIELPQFSIVDYKLITKKVVFSTGSYPRLSLSFKLKRNIGYFILQTYMPSILITILSWVSF
WINYDASAARVALGITTVLTMTTINTHLRETLPKIPYVKAIDMYLMGCFVFVFMALLEYALVNYIFFSQPARAAAIDRWS
RIFFPVVFSFFNIVYWLYYVNVDGSGATNFSLLKQAGDVEENPG
;
A,C
2 'polypeptide(L)'
;QPSLQDELKDNTTVFTRILDRLLDGYDNRLRPGLGERVTEVKTDIFVTSFGPVSDHDMEYTIDVFFRQSWKDERLKFKGP
MTVLRLNNLMASKIWTPDTFFHNGKKSVAHNMTMPNKLLRITEDGTLLYTMRLTVRAECPMHLEDFPMDAHACPLKFGSY
AYTRAEVVYEWTREPARSVVVAEDGSRLNQYDLLGQTVDSGIVQSSTGEYVVMTTHFHLKRKIGYFVIQTYLPCIMTVIL
SQVSFWLNRESVPARTVFGVTTVLTMTTLSISARNSLPKVAYATAMDWFIAVCYAFVFSALIEFATVNYFTKSQPARAAK
IDRLSRIAFPLLFGIFNLVYWATYLNREPQLKAPTPHQ
;
B,D
3 'polypeptide(L)'
;WSHPQFEKGGGSGGGSGGSSAWSHPQFEKLEVLFQGPQKSDDDYEDYASNKTWVLTPKVPEGDVTVILNNLLEGYDNKLR
PDIGVKPTLIHTDMYVNSIGPVNAINMEYTIDIFFAQTWYDRRLKFNSTIKVLRLNSNMVGKIWIPDTFFRNSKKADAHW
ITTPNRMLRIWNDGRVLYTLRLTIDAECQLQLHNFPMDEHSCPLEFSSYGYPREEIVYQWKRSSVEVGDTRSWRLYQFSF
VGLRNTTEVVKTTSGDYVVMSVYFDLSRRMGYFTIQTYIPCTLIVVLSWVSFWINKDAVPARTSLGITTVLTMTTLSTIA
RKSLPKVSYVTAMDLFVSVCFIFVFSALVEYGTLHYFVSSQPARAAKMDSYARIFFPTAFCLFNLVYWVSYLYLSRGSGA
TNFSLLKQAGDVEENPG
;
E
4 'polypeptide(L)'
;NIVMTQSPKSMSMSVGERVTLSCKASEYVGTYVSWYQQKPEQSPKLLIYGASNRYTGVPDRFTGSGSATDFTLTIGSVQA
EDLADYHCGQSYSYPTFGAGTKLELKRADAAPTVSIFPPSSEQLTSGGASVVCFLNNFYPKDINVKWKIDGSERQNGVLN
SWTDQDSKDSTYSMSSTLTLTKDEYERHNSYTCEATHKTSTSPIVKSFNRNEC
;
I,L
5 'polypeptide(L)'
;EVQLQQSGAELVKPGASVKLSCTASGFNIKDTYMYWVKQRPEQGLEWIGRIDPANGDTKYDPKFQGKATITTDTFSNTAY
LQLSSLTSEDTAVYYCARKGLRWAMDYWGQGTSVTVSTAKTTPPSVYPLAPGCGDTTGSSVTLGCLVKGYFPESVTVTWN
SGSLSSSVHTFPALLQSGLYTMSSSVTVPSSTWPSQTVTCSVAHPASSTTVDKKLEPSGPISTINPCPPCKECHKCPAPN
LEGGPSVFIFPPNIKDVLMISLTPKVTCVVVDVSEDDPDVQISWFVNNVEVHTAQTQTHREDYNSTIRVVSTLPIQHQDW
MSGKEFKCKVNNKDLPSPIERTISKIKGLVRAPQVYILPPPAEQLSRKDVSLTCLVVGFNPGDISVEWTSNGHTEENYKD
TAPVLDSDGSYFIYSKLNMKTSKWEKTDSFSCNVRHEGLKNYYLKKTISRSPGK
;
J,K
#
# COMPACT_ATOMS: atom_id res chain seq x y z
N SER A 7 -25.32 18.94 -45.69
CA SER A 7 -25.88 19.53 -44.49
C SER A 7 -24.78 20.10 -43.60
N ASN A 8 -25.17 20.56 -42.41
CA ASN A 8 -24.20 21.12 -41.48
C ASN A 8 -23.29 20.04 -40.92
N MET A 9 -23.83 18.85 -40.67
CA MET A 9 -23.00 17.75 -40.15
C MET A 9 -21.98 17.32 -41.19
N SER A 10 -22.38 17.22 -42.45
CA SER A 10 -21.43 16.84 -43.50
C SER A 10 -20.36 17.90 -43.66
N LEU A 11 -20.74 19.18 -43.59
CA LEU A 11 -19.76 20.25 -43.70
C LEU A 11 -18.76 20.19 -42.56
N VAL A 12 -19.24 20.00 -41.34
CA VAL A 12 -18.33 19.89 -40.20
C VAL A 12 -17.42 18.68 -40.35
N LYS A 13 -17.99 17.55 -40.78
CA LYS A 13 -17.18 16.35 -40.92
C LYS A 13 -16.07 16.57 -41.94
N GLU A 14 -16.40 17.20 -43.07
CA GLU A 14 -15.38 17.43 -44.08
C GLU A 14 -14.33 18.42 -43.60
N THR A 15 -14.75 19.43 -42.85
CA THR A 15 -13.79 20.39 -42.31
C THR A 15 -12.81 19.72 -41.36
N VAL A 16 -13.32 18.88 -40.46
CA VAL A 16 -12.43 18.22 -39.49
C VAL A 16 -11.52 17.23 -40.20
N ASP A 17 -12.05 16.49 -41.17
CA ASP A 17 -11.20 15.54 -41.90
C ASP A 17 -10.13 16.27 -42.70
N ARG A 18 -10.41 17.49 -43.16
CA ARG A 18 -9.38 18.26 -43.84
C ARG A 18 -8.34 18.77 -42.85
N LEU A 19 -8.76 19.21 -41.67
CA LEU A 19 -7.81 19.71 -40.69
C LEU A 19 -6.85 18.62 -40.25
N LEU A 20 -7.38 17.43 -39.97
CA LEU A 20 -6.53 16.36 -39.45
C LEU A 20 -5.75 15.61 -40.52
N LYS A 21 -6.05 15.83 -41.80
CA LYS A 21 -5.30 15.19 -42.87
C LYS A 21 -4.13 16.07 -43.28
N GLY A 22 -2.93 15.47 -43.31
CA GLY A 22 -1.72 16.23 -43.56
C GLY A 22 -1.33 17.04 -42.35
N TYR A 23 -1.27 16.38 -41.20
CA TYR A 23 -0.95 17.02 -39.93
C TYR A 23 0.16 16.23 -39.26
N ASP A 24 1.22 16.93 -38.85
CA ASP A 24 2.37 16.31 -38.21
C ASP A 24 2.39 16.66 -36.74
N ILE A 25 2.32 15.64 -35.89
CA ILE A 25 2.30 15.87 -34.45
C ILE A 25 3.69 16.16 -33.92
N ARG A 26 4.74 15.73 -34.62
CA ARG A 26 6.09 15.89 -34.13
C ARG A 26 6.57 17.34 -34.22
N LEU A 27 5.85 18.20 -34.92
CA LEU A 27 6.26 19.57 -35.15
C LEU A 27 5.30 20.53 -34.47
N ARG A 28 5.82 21.36 -33.59
CA ARG A 28 5.01 22.40 -32.97
C ARG A 28 4.58 23.41 -34.02
N PRO A 29 3.52 24.17 -33.76
CA PRO A 29 3.16 25.24 -34.68
C PRO A 29 4.29 26.24 -34.84
N ASP A 30 4.55 26.65 -36.08
CA ASP A 30 5.69 27.51 -36.41
C ASP A 30 7.00 26.85 -35.95
N PHE A 31 7.30 25.72 -36.59
CA PHE A 31 8.46 24.93 -36.19
C PHE A 31 9.78 25.63 -36.48
N GLY A 32 9.80 26.64 -37.32
CA GLY A 32 11.04 27.33 -37.62
C GLY A 32 11.04 28.78 -37.17
N GLY A 33 9.87 29.40 -37.13
CA GLY A 33 9.77 30.82 -36.85
C GLY A 33 9.74 31.13 -35.37
N PRO A 34 8.86 32.05 -34.97
CA PRO A 34 8.86 32.51 -33.58
C PRO A 34 8.29 31.46 -32.65
N PRO A 35 8.47 31.62 -31.35
CA PRO A 35 7.87 30.68 -30.41
C PRO A 35 6.36 30.83 -30.35
N VAL A 36 5.71 29.77 -29.96
CA VAL A 36 4.26 29.78 -29.78
C VAL A 36 3.95 30.27 -28.37
N ALA A 37 2.85 30.99 -28.23
CA ALA A 37 2.46 31.63 -26.97
C ALA A 37 1.30 30.86 -26.38
N VAL A 38 1.53 30.22 -25.22
CA VAL A 38 0.57 29.35 -24.57
C VAL A 38 0.08 30.08 -23.33
N GLY A 39 -1.20 30.43 -23.31
CA GLY A 39 -1.79 31.14 -22.18
C GLY A 39 -2.50 30.19 -21.24
N MET A 40 -2.24 30.36 -19.95
CA MET A 40 -2.68 29.42 -18.92
C MET A 40 -3.81 30.03 -18.09
N ASN A 41 -4.84 29.22 -17.85
CA ASN A 41 -5.87 29.51 -16.87
C ASN A 41 -5.93 28.36 -15.88
N ILE A 42 -6.26 28.68 -14.64
CA ILE A 42 -6.39 27.67 -13.59
C ILE A 42 -7.63 28.00 -12.79
N ASP A 43 -8.47 27.01 -12.56
CA ASP A 43 -9.66 27.15 -11.73
C ASP A 43 -9.52 26.12 -10.61
N ILE A 44 -9.09 26.56 -9.44
CA ILE A 44 -8.78 25.63 -8.36
C ILE A 44 -10.07 25.09 -7.79
N ALA A 45 -10.24 23.77 -7.89
CA ALA A 45 -11.41 23.12 -7.33
C ALA A 45 -11.27 22.96 -5.82
N SER A 46 -10.11 22.47 -5.37
CA SER A 46 -9.95 22.30 -3.93
C SER A 46 -8.48 22.12 -3.57
N ILE A 47 -8.11 22.57 -2.39
CA ILE A 47 -6.84 22.21 -1.75
C ILE A 47 -7.19 21.18 -0.70
N ASP A 48 -6.91 19.91 -0.99
CA ASP A 48 -7.51 18.83 -0.22
C ASP A 48 -6.88 18.70 1.17
N MET A 49 -5.60 18.36 1.23
CA MET A 49 -4.94 18.07 2.50
C MET A 49 -3.54 18.64 2.49
N VAL A 50 -3.15 19.23 3.62
CA VAL A 50 -1.84 19.86 3.79
C VAL A 50 -1.15 19.13 4.93
N SER A 51 -0.17 18.29 4.60
CA SER A 51 0.51 17.46 5.58
C SER A 51 1.82 18.09 5.99
N GLU A 52 2.04 18.20 7.29
CA GLU A 52 3.33 18.61 7.83
C GLU A 52 4.29 17.44 7.97
N VAL A 53 3.79 16.21 7.85
CA VAL A 53 4.63 15.03 8.00
C VAL A 53 5.23 14.63 6.66
N ASN A 54 4.45 14.70 5.58
CA ASN A 54 4.95 14.46 4.24
C ASN A 54 5.44 15.73 3.56
N MET A 55 5.20 16.90 4.15
CA MET A 55 5.65 18.17 3.58
C MET A 55 5.13 18.35 2.16
N ASP A 56 3.82 18.13 1.99
CA ASP A 56 3.21 18.33 0.69
C ASP A 56 1.73 18.62 0.88
N TYR A 57 1.13 19.14 -0.18
CA TYR A 57 -0.30 19.45 -0.22
C TYR A 57 -0.88 18.91 -1.52
N THR A 58 -2.18 18.63 -1.49
CA THR A 58 -2.90 18.08 -2.63
C THR A 58 -3.92 19.10 -3.12
N LEU A 59 -3.93 19.36 -4.42
CA LEU A 59 -4.93 20.26 -4.97
C LEU A 59 -5.49 19.69 -6.27
N THR A 60 -6.79 19.88 -6.45
CA THR A 60 -7.51 19.49 -7.66
C THR A 60 -7.89 20.77 -8.38
N MET A 61 -7.52 20.84 -9.66
CA MET A 61 -7.67 22.04 -10.46
C MET A 61 -8.17 21.69 -11.86
N TYR A 62 -8.74 22.70 -12.52
CA TYR A 62 -9.09 22.63 -13.95
C TYR A 62 -8.02 23.37 -14.74
N PHE A 63 -6.93 22.67 -15.03
CA PHE A 63 -5.82 23.28 -15.75
C PHE A 63 -6.20 23.48 -17.21
N GLN A 64 -6.05 24.69 -17.72
CA GLN A 64 -6.45 25.00 -19.09
C GLN A 64 -5.36 25.79 -19.80
N GLN A 65 -5.08 25.44 -21.04
CA GLN A 65 -4.12 26.14 -21.87
C GLN A 65 -4.75 26.54 -23.19
N ALA A 66 -4.20 27.59 -23.80
CA ALA A 66 -4.76 28.15 -25.02
C ALA A 66 -3.62 28.60 -25.91
N TRP A 67 -3.47 27.98 -27.06
CA TRP A 67 -2.45 28.41 -28.03
C TRP A 67 -3.12 28.65 -29.38
N ARG A 68 -2.33 29.03 -30.37
CA ARG A 68 -2.83 29.31 -31.72
C ARG A 68 -2.11 28.44 -32.73
N ASP A 69 -2.81 27.45 -33.26
CA ASP A 69 -2.28 26.56 -34.28
C ASP A 69 -2.83 26.99 -35.64
N LYS A 70 -1.98 27.58 -36.47
CA LYS A 70 -2.44 28.07 -37.76
C LYS A 70 -2.80 26.95 -38.72
N ARG A 71 -2.51 25.69 -38.37
CA ARG A 71 -2.89 24.59 -39.23
C ARG A 71 -4.34 24.16 -38.98
N LEU A 72 -4.84 24.36 -37.78
CA LEU A 72 -6.22 24.05 -37.44
C LEU A 72 -7.09 25.29 -37.54
N SER A 73 -7.06 25.92 -38.71
CA SER A 73 -7.84 27.12 -38.99
C SER A 73 -8.81 26.81 -40.11
N TYR A 74 -10.06 27.23 -39.94
CA TYR A 74 -11.09 27.00 -40.93
C TYR A 74 -11.98 28.23 -41.01
N ASN A 75 -12.63 28.39 -42.15
CA ASN A 75 -13.48 29.56 -42.38
C ASN A 75 -14.82 29.23 -43.03
N VAL A 76 -15.09 27.96 -43.33
CA VAL A 76 -16.33 27.62 -44.00
C VAL A 76 -17.50 27.62 -43.02
N ILE A 77 -17.26 27.36 -41.74
CA ILE A 77 -18.32 27.34 -40.73
C ILE A 77 -17.97 28.37 -39.66
N PRO A 78 -18.95 29.03 -39.04
CA PRO A 78 -18.65 30.08 -38.06
C PRO A 78 -18.61 29.64 -36.59
N LEU A 79 -18.94 28.39 -36.29
CA LEU A 79 -19.07 27.96 -34.90
C LEU A 79 -17.76 27.39 -34.37
N ASN A 80 -17.64 27.34 -33.05
CA ASN A 80 -16.47 26.80 -32.38
C ASN A 80 -16.66 25.30 -32.17
N LEU A 81 -15.86 24.50 -32.86
CA LEU A 81 -15.99 23.06 -32.78
C LEU A 81 -15.49 22.56 -31.43
N THR A 82 -16.27 21.69 -30.80
CA THR A 82 -15.87 20.99 -29.59
C THR A 82 -15.78 19.50 -29.94
N LEU A 83 -14.56 19.03 -30.18
CA LEU A 83 -14.36 17.65 -30.58
C LEU A 83 -14.31 16.75 -29.35
N ASP A 84 -14.43 15.44 -29.61
CA ASP A 84 -14.29 14.46 -28.55
C ASP A 84 -12.86 14.50 -28.00
N ASN A 85 -12.71 14.21 -26.71
CA ASN A 85 -11.39 14.31 -26.11
C ASN A 85 -10.41 13.28 -26.63
N ARG A 86 -10.80 12.44 -27.58
CA ARG A 86 -9.89 11.47 -28.17
C ARG A 86 -9.09 12.07 -29.32
N VAL A 87 -9.47 13.24 -29.81
CA VAL A 87 -8.71 13.91 -30.86
C VAL A 87 -7.48 14.61 -30.33
N ALA A 88 -7.38 14.80 -29.01
CA ALA A 88 -6.19 15.39 -28.42
C ALA A 88 -4.97 14.49 -28.52
N ASP A 89 -5.14 13.25 -28.97
CA ASP A 89 -4.00 12.38 -29.25
C ASP A 89 -3.50 12.54 -30.68
N GLN A 90 -4.18 13.30 -31.52
CA GLN A 90 -3.75 13.54 -32.88
C GLN A 90 -3.30 14.96 -33.13
N LEU A 91 -3.52 15.86 -32.19
CA LEU A 91 -3.07 17.24 -32.29
C LEU A 91 -1.76 17.41 -31.51
N TRP A 92 -1.18 18.60 -31.61
CA TRP A 92 -0.01 18.96 -30.86
C TRP A 92 -0.44 19.71 -29.61
N VAL A 93 0.02 19.26 -28.45
CA VAL A 93 -0.27 19.94 -27.19
C VAL A 93 1.04 20.19 -26.45
N PRO A 94 1.20 21.32 -25.77
CA PRO A 94 2.50 21.65 -25.19
C PRO A 94 2.89 20.73 -24.05
N ASP A 95 4.20 20.55 -23.89
CA ASP A 95 4.76 19.63 -22.90
C ASP A 95 4.91 20.33 -21.55
N THR A 96 3.77 20.68 -20.97
CA THR A 96 3.75 21.37 -19.68
C THR A 96 3.80 20.36 -18.56
N TYR A 97 4.69 20.60 -17.59
CA TYR A 97 4.83 19.72 -16.44
C TYR A 97 5.00 20.57 -15.19
N PHE A 98 4.60 20.01 -14.05
CA PHE A 98 4.75 20.67 -12.76
C PHE A 98 6.02 20.16 -12.10
N LEU A 99 6.91 21.07 -11.71
CA LEU A 99 8.23 20.65 -11.28
C LEU A 99 8.19 19.99 -9.91
N ASN A 100 7.36 20.49 -9.00
CA ASN A 100 7.38 20.03 -7.63
C ASN A 100 6.19 19.15 -7.28
N ASP A 101 5.66 18.43 -8.26
CA ASP A 101 4.61 17.48 -7.96
C ASP A 101 5.24 16.12 -7.64
N LYS A 102 4.48 15.30 -6.93
CA LYS A 102 4.93 13.97 -6.57
C LYS A 102 4.06 12.89 -7.19
N LYS A 103 2.75 13.04 -7.16
CA LYS A 103 1.83 12.09 -7.78
C LYS A 103 0.69 12.88 -8.40
N SER A 104 0.45 12.67 -9.68
CA SER A 104 -0.57 13.40 -10.42
C SER A 104 -1.32 12.46 -11.35
N PHE A 105 -2.55 12.83 -11.69
CA PHE A 105 -3.36 12.01 -12.58
C PHE A 105 -4.53 12.84 -13.10
N VAL A 106 -4.76 12.79 -14.41
CA VAL A 106 -5.99 13.32 -14.98
C VAL A 106 -7.14 12.37 -14.64
N HIS A 107 -8.20 12.91 -14.04
CA HIS A 107 -9.37 12.11 -13.74
C HIS A 107 -9.84 11.40 -15.00
N GLY A 108 -10.31 10.16 -14.85
CA GLY A 108 -10.79 9.42 -16.00
C GLY A 108 -12.17 8.79 -15.95
N VAL A 109 -13.15 9.46 -15.35
CA VAL A 109 -14.52 8.94 -15.26
C VAL A 109 -15.47 10.07 -15.61
N THR A 110 -16.45 9.82 -16.48
CA THR A 110 -16.71 8.53 -17.12
C THR A 110 -15.82 8.35 -18.33
N VAL A 111 -15.21 9.43 -18.78
CA VAL A 111 -14.20 9.42 -19.82
C VAL A 111 -12.98 10.17 -19.28
N LYS A 112 -11.93 10.20 -20.08
CA LYS A 112 -10.77 11.00 -19.71
C LYS A 112 -11.17 12.46 -19.63
N ASN A 113 -11.08 13.04 -18.44
CA ASN A 113 -11.61 14.38 -18.19
C ASN A 113 -10.69 15.40 -18.85
N ARG A 114 -10.89 15.61 -20.15
CA ARG A 114 -10.19 16.68 -20.83
C ARG A 114 -11.10 17.25 -21.91
N MET A 115 -10.86 18.52 -22.24
CA MET A 115 -11.59 19.23 -23.27
C MET A 115 -10.60 19.69 -24.33
N ILE A 116 -11.01 19.59 -25.59
CA ILE A 116 -10.21 20.07 -26.72
C ILE A 116 -11.16 20.76 -27.69
N ARG A 117 -11.08 22.09 -27.75
CA ARG A 117 -12.05 22.90 -28.47
C ARG A 117 -11.32 23.80 -29.44
N LEU A 118 -11.63 23.68 -30.72
CA LEU A 118 -11.02 24.49 -31.76
C LEU A 118 -11.84 25.75 -32.01
N HIS A 119 -11.19 26.73 -32.61
CA HIS A 119 -11.82 27.97 -33.02
C HIS A 119 -11.56 28.20 -34.49
N PRO A 120 -12.35 29.03 -35.16
CA PRO A 120 -12.17 29.22 -36.60
C PRO A 120 -10.89 29.96 -36.97
N ASP A 121 -10.25 30.64 -36.03
CA ASP A 121 -9.02 31.38 -36.32
C ASP A 121 -7.77 30.61 -35.95
N GLY A 122 -7.90 29.33 -35.58
CA GLY A 122 -6.78 28.50 -35.22
C GLY A 122 -6.58 28.32 -33.74
N THR A 123 -7.18 29.17 -32.92
CA THR A 123 -6.99 29.08 -31.47
C THR A 123 -7.48 27.74 -30.95
N VAL A 124 -6.60 27.01 -30.28
CA VAL A 124 -6.91 25.74 -29.67
C VAL A 124 -6.99 25.94 -28.16
N LEU A 125 -8.00 25.32 -27.55
CA LEU A 125 -8.28 25.45 -26.13
C LEU A 125 -8.29 24.05 -25.55
N TYR A 126 -7.34 23.76 -24.66
CA TYR A 126 -7.07 22.40 -24.19
C TYR A 126 -7.11 22.41 -22.67
N GLY A 127 -8.12 21.78 -22.08
CA GLY A 127 -8.30 21.77 -20.64
C GLY A 127 -8.20 20.38 -20.07
N LEU A 128 -7.74 20.29 -18.84
CA LEU A 128 -7.61 19.04 -18.10
C LEU A 128 -8.15 19.24 -16.70
N ARG A 129 -8.40 18.14 -16.01
CA ARG A 129 -8.83 18.14 -14.63
C ARG A 129 -7.82 17.33 -13.82
N ILE A 130 -6.87 18.02 -13.23
CA ILE A 130 -5.71 17.39 -12.61
C ILE A 130 -5.87 17.39 -11.09
N THR A 131 -5.20 16.43 -10.45
CA THR A 131 -5.13 16.31 -8.99
C THR A 131 -3.69 16.09 -8.60
N THR A 132 -2.98 17.17 -8.29
CA THR A 132 -1.53 17.13 -8.06
C THR A 132 -1.22 17.15 -6.58
N THR A 133 -0.29 16.30 -6.15
CA THR A 133 0.23 16.33 -4.79
C THR A 133 1.56 17.06 -4.76
N ALA A 134 1.47 18.38 -4.92
CA ALA A 134 2.65 19.23 -4.93
C ALA A 134 3.36 19.22 -3.59
N ALA A 135 4.69 19.22 -3.62
CA ALA A 135 5.52 19.20 -2.44
C ALA A 135 5.98 20.61 -2.08
N CYS A 136 5.72 21.02 -0.85
CA CYS A 136 6.20 22.31 -0.35
C CYS A 136 6.79 22.11 1.03
N MET A 137 8.09 22.37 1.16
CA MET A 137 8.77 22.26 2.44
C MET A 137 8.30 23.36 3.38
N MET A 138 7.99 23.00 4.62
CA MET A 138 7.45 23.92 5.60
C MET A 138 8.48 24.19 6.67
N ASP A 139 8.52 25.44 7.14
CA ASP A 139 9.41 25.86 8.23
C ASP A 139 8.59 25.91 9.51
N LEU A 140 8.74 24.87 10.34
CA LEU A 140 7.94 24.74 11.55
C LEU A 140 8.63 25.31 12.78
N ARG A 141 9.55 26.26 12.61
CA ARG A 141 10.21 26.84 13.76
C ARG A 141 9.28 27.72 14.60
N ARG A 142 8.09 28.02 14.10
CA ARG A 142 7.11 28.79 14.86
C ARG A 142 5.77 28.06 14.85
N TYR A 143 5.82 26.75 14.92
CA TYR A 143 4.62 25.93 15.01
C TYR A 143 3.97 26.11 16.38
N PRO A 144 2.64 26.30 16.46
CA PRO A 144 1.64 26.37 15.38
C PRO A 144 1.26 27.79 14.98
N LEU A 145 2.04 28.78 15.39
CA LEU A 145 1.79 30.17 15.00
C LEU A 145 2.63 30.54 13.79
N ASP A 146 2.45 29.78 12.71
CA ASP A 146 3.31 29.89 11.54
C ASP A 146 2.48 30.10 10.29
N GLU A 147 3.13 30.65 9.28
CA GLU A 147 2.52 30.90 7.97
C GLU A 147 3.35 30.19 6.91
N GLN A 148 2.74 29.21 6.25
CA GLN A 148 3.44 28.47 5.23
C GLN A 148 3.20 29.17 3.90
N ASN A 149 4.16 29.03 2.98
CA ASN A 149 3.99 29.54 1.63
C ASN A 149 4.20 28.42 0.62
N CYS A 150 3.11 27.73 0.28
CA CYS A 150 3.16 26.61 -0.65
C CYS A 150 2.88 27.04 -2.08
N THR A 151 3.74 26.65 -3.01
CA THR A 151 3.67 27.09 -4.40
C THR A 151 3.45 25.92 -5.34
N LEU A 152 3.15 26.26 -6.60
CA LEU A 152 3.04 25.28 -7.68
C LEU A 152 3.73 25.86 -8.91
N GLU A 153 4.76 25.17 -9.38
CA GLU A 153 5.59 25.64 -10.48
C GLU A 153 5.25 24.92 -11.77
N ILE A 154 5.04 25.67 -12.84
CA ILE A 154 4.57 25.15 -14.13
C ILE A 154 5.61 25.50 -15.16
N GLU A 155 6.20 24.48 -15.79
CA GLU A 155 7.34 24.70 -16.67
C GLU A 155 7.20 23.84 -17.92
N SER A 156 7.82 24.29 -19.01
CA SER A 156 7.90 23.53 -20.23
C SER A 156 9.12 22.64 -20.21
N TYR A 157 8.95 21.37 -20.58
CA TYR A 157 10.05 20.43 -20.47
C TYR A 157 10.90 20.42 -21.74
N GLY A 158 10.30 20.10 -22.87
CA GLY A 158 11.04 19.92 -24.09
C GLY A 158 11.47 21.19 -24.78
N TYR A 159 10.63 22.22 -24.75
CA TYR A 159 10.83 23.41 -25.56
C TYR A 159 11.41 24.54 -24.73
N THR A 160 12.52 25.09 -25.20
CA THR A 160 13.19 26.18 -24.53
C THR A 160 12.41 27.48 -24.79
N THR A 161 12.97 28.61 -24.36
CA THR A 161 12.27 29.88 -24.42
C THR A 161 12.22 30.47 -25.82
N ASP A 162 13.00 29.94 -26.76
CA ASP A 162 12.88 30.34 -28.16
C ASP A 162 11.98 29.40 -28.94
N ASP A 163 11.22 28.54 -28.25
CA ASP A 163 10.24 27.69 -28.88
C ASP A 163 8.85 27.80 -28.28
N ILE A 164 8.71 28.36 -27.08
CA ILE A 164 7.42 28.44 -26.41
C ILE A 164 7.48 29.60 -25.43
N GLU A 165 6.32 30.20 -25.16
CA GLU A 165 6.23 31.33 -24.23
C GLU A 165 5.00 31.14 -23.37
N PHE A 166 5.19 31.12 -22.06
CA PHE A 166 4.10 30.98 -21.11
C PHE A 166 3.69 32.34 -20.59
N TYR A 167 2.38 32.52 -20.42
CA TYR A 167 1.85 33.72 -19.80
C TYR A 167 0.49 33.39 -19.21
N TRP A 168 0.11 34.13 -18.17
CA TRP A 168 -1.22 34.00 -17.61
C TRP A 168 -2.21 34.81 -18.44
N ARG A 169 -3.40 34.26 -18.67
CA ARG A 169 -4.42 34.97 -19.43
C ARG A 169 -5.21 35.85 -18.47
N GLY A 170 -4.97 37.17 -18.55
CA GLY A 170 -5.56 38.14 -17.67
C GLY A 170 -4.60 38.65 -16.62
N ASP A 171 -3.67 37.81 -16.19
CA ASP A 171 -2.57 38.19 -15.29
C ASP A 171 -3.05 38.43 -13.87
N ASP A 172 -4.36 38.51 -13.67
CA ASP A 172 -4.94 38.50 -12.33
C ASP A 172 -6.22 37.70 -12.23
N ASN A 173 -6.88 37.39 -13.35
CA ASN A 173 -8.04 36.51 -13.37
C ASN A 173 -7.70 35.14 -13.94
N ALA A 174 -6.42 34.85 -14.16
CA ALA A 174 -6.03 33.55 -14.66
C ALA A 174 -6.31 32.45 -13.64
N VAL A 175 -6.19 32.76 -12.35
CA VAL A 175 -6.47 31.81 -11.28
C VAL A 175 -7.71 32.27 -10.54
N THR A 176 -8.73 31.42 -10.51
CA THR A 176 -9.99 31.71 -9.85
C THR A 176 -10.33 30.58 -8.90
N GLY A 177 -11.32 30.83 -8.04
CA GLY A 177 -11.75 29.84 -7.08
C GLY A 177 -10.93 29.76 -5.82
N VAL A 178 -10.07 30.74 -5.54
CA VAL A 178 -9.27 30.68 -4.32
C VAL A 178 -10.09 31.12 -3.12
N THR A 179 -10.87 32.20 -3.26
CA THR A 179 -11.63 32.71 -2.12
C THR A 179 -12.68 31.72 -1.65
N LYS A 180 -13.05 30.75 -2.48
CA LYS A 180 -14.04 29.76 -2.10
C LYS A 180 -13.42 28.55 -1.41
N ILE A 181 -12.10 28.45 -1.40
CA ILE A 181 -11.44 27.31 -0.79
C ILE A 181 -11.54 27.43 0.73
N GLU A 182 -12.13 26.42 1.36
CA GLU A 182 -12.17 26.31 2.81
C GLU A 182 -11.27 25.15 3.24
N LEU A 183 -10.33 25.44 4.13
CA LEU A 183 -9.43 24.44 4.66
C LEU A 183 -9.73 24.22 6.14
N PRO A 184 -9.73 22.97 6.61
CA PRO A 184 -10.10 22.74 8.02
C PRO A 184 -9.13 23.34 9.01
N GLN A 185 -7.88 23.56 8.62
CA GLN A 185 -6.86 24.04 9.55
C GLN A 185 -6.23 25.37 9.15
N PHE A 186 -6.08 25.64 7.87
CA PHE A 186 -5.40 26.85 7.42
C PHE A 186 -6.41 27.87 6.92
N SER A 187 -5.89 28.99 6.43
CA SER A 187 -6.69 30.05 5.83
C SER A 187 -5.84 30.73 4.78
N ILE A 188 -6.33 30.80 3.54
CA ILE A 188 -5.57 31.38 2.45
C ILE A 188 -5.49 32.89 2.67
N VAL A 189 -4.29 33.38 2.99
CA VAL A 189 -4.10 34.83 3.16
C VAL A 189 -4.14 35.53 1.81
N ASP A 190 -3.31 35.08 0.87
CA ASP A 190 -3.31 35.65 -0.47
C ASP A 190 -2.64 34.64 -1.40
N TYR A 191 -2.49 35.03 -2.66
CA TYR A 191 -1.82 34.19 -3.64
C TYR A 191 -1.19 35.09 -4.69
N LYS A 192 -0.05 34.65 -5.21
CA LYS A 192 0.69 35.44 -6.19
C LYS A 192 0.92 34.62 -7.46
N LEU A 193 0.94 35.33 -8.59
CA LEU A 193 1.18 34.75 -9.90
C LEU A 193 2.46 35.34 -10.46
N ILE A 194 3.48 34.50 -10.65
CA ILE A 194 4.80 34.94 -11.07
C ILE A 194 5.13 34.31 -12.42
N THR A 195 5.75 35.10 -13.30
CA THR A 195 6.21 34.64 -14.61
C THR A 195 7.69 34.93 -14.73
N LYS A 196 8.50 33.89 -14.98
CA LYS A 196 9.94 34.06 -15.03
C LYS A 196 10.54 33.00 -15.96
N LYS A 197 11.86 32.89 -15.95
CA LYS A 197 12.59 31.90 -16.73
C LYS A 197 13.62 31.21 -15.85
N VAL A 198 13.76 29.91 -16.03
CA VAL A 198 14.79 29.13 -15.35
C VAL A 198 15.88 28.78 -16.35
N VAL A 199 17.09 28.56 -15.84
CA VAL A 199 18.24 28.24 -16.68
C VAL A 199 18.83 26.92 -16.21
N PHE A 200 18.78 25.92 -17.08
CA PHE A 200 19.39 24.62 -16.83
C PHE A 200 20.60 24.45 -17.75
N SER A 201 21.23 23.28 -17.67
CA SER A 201 22.38 23.00 -18.50
C SER A 201 22.02 22.84 -19.97
N THR A 202 20.74 22.70 -20.29
CA THR A 202 20.28 22.47 -21.65
C THR A 202 19.60 23.67 -22.28
N GLY A 203 19.20 24.65 -21.51
CA GLY A 203 18.60 25.85 -22.08
C GLY A 203 17.86 26.65 -21.02
N SER A 204 17.27 27.74 -21.48
CA SER A 204 16.46 28.60 -20.64
C SER A 204 14.98 28.35 -20.94
N TYR A 205 14.24 27.93 -19.93
CA TYR A 205 12.86 27.50 -20.08
C TYR A 205 11.90 28.47 -19.41
N PRO A 206 10.69 28.63 -19.95
CA PRO A 206 9.71 29.50 -19.31
C PRO A 206 9.17 28.88 -18.04
N ARG A 207 8.60 29.70 -17.17
CA ARG A 207 8.06 29.16 -15.94
C ARG A 207 7.02 30.11 -15.38
N LEU A 208 5.92 29.53 -14.89
CA LEU A 208 4.94 30.24 -14.10
C LEU A 208 4.91 29.67 -12.69
N SER A 209 4.42 30.47 -11.75
CA SER A 209 4.35 30.03 -10.37
C SER A 209 3.08 30.57 -9.73
N LEU A 210 2.32 29.67 -9.11
CA LEU A 210 1.10 30.00 -8.37
C LEU A 210 1.40 29.76 -6.90
N SER A 211 1.67 30.83 -6.14
CA SER A 211 2.16 30.70 -4.76
C SER A 211 1.12 31.14 -3.73
N PHE A 212 0.51 30.17 -3.02
CA PHE A 212 -0.41 30.50 -1.94
C PHE A 212 0.37 30.76 -0.65
N LYS A 213 -0.27 31.51 0.26
CA LYS A 213 0.29 31.82 1.58
C LYS A 213 -0.68 31.42 2.69
N LEU A 214 -0.62 30.15 3.09
CA LEU A 214 -1.56 29.61 4.07
C LEU A 214 -1.16 30.06 5.48
N LYS A 215 -2.13 30.57 6.25
CA LYS A 215 -1.90 30.95 7.63
C LYS A 215 -2.66 29.98 8.53
N ARG A 216 -1.97 29.41 9.52
CA ARG A 216 -2.56 28.36 10.33
C ARG A 216 -3.46 28.90 11.43
N ASN A 217 -4.59 28.23 11.64
CA ASN A 217 -5.54 28.58 12.68
C ASN A 217 -5.00 28.14 14.05
N ILE A 218 -5.47 28.81 15.10
CA ILE A 218 -4.94 28.59 16.44
C ILE A 218 -5.97 28.04 17.42
N GLY A 219 -7.26 28.08 17.10
CA GLY A 219 -8.26 27.67 18.08
C GLY A 219 -8.12 26.23 18.51
N TYR A 220 -7.94 25.33 17.54
CA TYR A 220 -7.85 23.91 17.86
C TYR A 220 -6.67 23.66 18.79
N PHE A 221 -5.54 24.34 18.55
CA PHE A 221 -4.36 24.10 19.36
C PHE A 221 -4.56 24.61 20.78
N ILE A 222 -5.16 25.79 20.94
CA ILE A 222 -5.47 26.27 22.29
C ILE A 222 -6.33 25.25 23.02
N LEU A 223 -7.44 24.83 22.40
CA LEU A 223 -8.35 23.95 23.11
C LEU A 223 -7.76 22.55 23.32
N GLN A 224 -6.75 22.16 22.54
CA GLN A 224 -6.26 20.80 22.56
C GLN A 224 -4.99 20.61 23.40
N THR A 225 -4.04 21.53 23.34
CA THR A 225 -2.75 21.28 23.99
C THR A 225 -2.17 22.44 24.78
N TYR A 226 -2.71 23.65 24.70
CA TYR A 226 -2.24 24.73 25.57
C TYR A 226 -3.00 24.77 26.89
N MET A 227 -4.33 24.65 26.82
CA MET A 227 -5.13 24.67 28.04
C MET A 227 -4.75 23.54 29.00
N PRO A 228 -4.61 22.28 28.57
CA PRO A 228 -4.23 21.23 29.52
C PRO A 228 -2.91 21.51 30.22
N SER A 229 -1.94 22.10 29.53
CA SER A 229 -0.67 22.43 30.18
C SER A 229 -0.88 23.41 31.32
N ILE A 230 -1.65 24.47 31.07
CA ILE A 230 -1.88 25.49 32.09
C ILE A 230 -2.64 24.89 33.27
N LEU A 231 -3.64 24.04 33.00
CA LEU A 231 -4.38 23.45 34.10
C LEU A 231 -3.51 22.47 34.90
N ILE A 232 -2.59 21.77 34.24
CA ILE A 232 -1.71 20.86 34.97
C ILE A 232 -0.71 21.65 35.82
N THR A 233 -0.20 22.76 35.31
CA THR A 233 0.68 23.57 36.14
C THR A 233 -0.06 24.15 37.34
N ILE A 234 -1.33 24.55 37.16
CA ILE A 234 -2.09 25.06 38.30
C ILE A 234 -2.33 23.95 39.31
N LEU A 235 -2.65 22.75 38.82
CA LEU A 235 -2.76 21.59 39.71
C LEU A 235 -1.46 21.31 40.43
N SER A 236 -0.33 21.66 39.82
CA SER A 236 0.93 21.57 40.54
C SER A 236 1.01 22.63 41.64
N TRP A 237 0.58 23.85 41.32
CA TRP A 237 0.61 24.93 42.32
C TRP A 237 -0.26 24.65 43.53
N VAL A 238 -1.38 23.96 43.36
CA VAL A 238 -2.25 23.72 44.52
C VAL A 238 -1.46 23.10 45.66
N SER A 239 -0.38 22.37 45.34
CA SER A 239 0.42 21.72 46.37
C SER A 239 1.05 22.72 47.33
N PHE A 240 1.02 24.02 47.03
CA PHE A 240 1.60 25.00 47.93
C PHE A 240 0.68 25.32 49.10
N TRP A 241 -0.63 25.14 48.93
CA TRP A 241 -1.56 25.37 50.02
C TRP A 241 -1.55 24.22 51.02
N ILE A 242 -1.18 23.02 50.57
CA ILE A 242 -1.09 21.88 51.48
C ILE A 242 0.06 22.11 52.46
N ASN A 243 -0.18 21.77 53.72
CA ASN A 243 0.83 21.96 54.74
C ASN A 243 2.02 21.03 54.51
N TYR A 244 3.19 21.45 54.99
CA TYR A 244 4.41 20.69 54.78
C TYR A 244 4.44 19.39 55.56
N ASP A 245 3.48 19.15 56.46
CA ASP A 245 3.50 17.91 57.23
C ASP A 245 3.09 16.71 56.38
N ALA A 246 2.23 16.92 55.39
CA ALA A 246 1.80 15.82 54.53
C ALA A 246 2.83 15.64 53.42
N SER A 247 3.70 14.65 53.57
CA SER A 247 4.75 14.41 52.59
C SER A 247 4.31 13.47 51.48
N ALA A 248 3.21 12.75 51.66
CA ALA A 248 2.71 11.83 50.65
C ALA A 248 1.73 12.47 49.69
N ALA A 249 1.27 13.69 49.97
CA ALA A 249 0.32 14.39 49.13
C ALA A 249 1.01 15.36 48.17
N ARG A 250 1.92 16.18 48.68
CA ARG A 250 2.63 17.12 47.82
C ARG A 250 3.51 16.37 46.82
N VAL A 251 4.20 15.33 47.28
CA VAL A 251 4.92 14.46 46.37
C VAL A 251 3.99 13.93 45.30
N ALA A 252 2.86 13.34 45.71
CA ALA A 252 1.90 12.82 44.76
C ALA A 252 1.59 13.85 43.68
N LEU A 253 1.06 14.99 44.09
CA LEU A 253 0.73 16.06 43.16
C LEU A 253 1.87 16.37 42.21
N GLY A 254 3.04 16.70 42.76
CA GLY A 254 4.15 17.11 41.91
C GLY A 254 4.56 16.03 40.92
N ILE A 255 4.69 14.80 41.41
CA ILE A 255 5.11 13.69 40.55
C ILE A 255 4.09 13.52 39.42
N THR A 256 2.81 13.53 39.77
CA THR A 256 1.78 13.31 38.76
C THR A 256 1.83 14.40 37.71
N THR A 257 2.00 15.65 38.14
CA THR A 257 2.06 16.75 37.18
C THR A 257 3.26 16.60 36.26
N VAL A 258 4.40 16.22 36.82
CA VAL A 258 5.60 15.97 36.00
C VAL A 258 5.29 14.92 34.95
N LEU A 259 4.73 13.78 35.38
CA LEU A 259 4.40 12.72 34.44
C LEU A 259 3.48 13.22 33.35
N THR A 260 2.45 13.97 33.73
CA THR A 260 1.48 14.46 32.76
C THR A 260 2.17 15.33 31.73
N MET A 261 2.98 16.28 32.18
CA MET A 261 3.72 17.14 31.26
C MET A 261 4.56 16.32 30.30
N THR A 262 5.35 15.39 30.84
CA THR A 262 6.19 14.54 30.00
C THR A 262 5.38 13.85 28.92
N THR A 263 4.31 13.18 29.31
CA THR A 263 3.50 12.45 28.34
C THR A 263 2.89 13.39 27.31
N ILE A 264 2.40 14.55 27.75
CA ILE A 264 1.83 15.51 26.83
C ILE A 264 2.84 15.85 25.75
N ASN A 265 4.07 16.18 26.16
CA ASN A 265 5.07 16.60 25.19
C ASN A 265 5.44 15.45 24.27
N THR A 266 5.59 14.25 24.82
CA THR A 266 5.92 13.08 24.01
C THR A 266 4.89 12.89 22.90
N HIS A 267 3.63 12.73 23.30
CA HIS A 267 2.59 12.43 22.32
C HIS A 267 2.42 13.56 21.32
N LEU A 268 2.48 14.81 21.79
CA LEU A 268 2.39 15.93 20.85
C LEU A 268 3.50 15.84 19.81
N ARG A 269 4.73 15.57 20.26
CA ARG A 269 5.85 15.50 19.32
C ARG A 269 5.63 14.39 18.31
N GLU A 270 5.01 13.29 18.72
CA GLU A 270 4.87 12.15 17.83
C GLU A 270 4.10 12.51 16.55
N THR A 271 3.19 13.49 16.63
CA THR A 271 2.33 13.82 15.51
C THR A 271 3.03 14.62 14.41
N LEU A 272 4.22 15.14 14.65
CA LEU A 272 4.97 15.93 13.70
C LEU A 272 6.16 15.15 13.14
N PRO A 273 6.80 15.66 12.09
CA PRO A 273 8.01 15.00 11.58
C PRO A 273 9.17 15.17 12.55
N LYS A 274 10.26 14.46 12.25
CA LYS A 274 11.45 14.48 13.10
C LYS A 274 12.36 15.64 12.67
N ILE A 275 11.97 16.83 13.09
CA ILE A 275 12.70 18.05 12.72
C ILE A 275 13.71 18.36 13.82
N PRO A 276 14.88 18.91 13.48
CA PRO A 276 15.89 19.14 14.52
C PRO A 276 15.59 20.31 15.43
N TYR A 277 14.98 21.36 14.91
CA TYR A 277 14.81 22.59 15.66
C TYR A 277 13.65 22.48 16.64
N VAL A 278 13.77 23.21 17.74
CA VAL A 278 12.70 23.26 18.73
C VAL A 278 11.60 24.19 18.22
N LYS A 279 10.37 23.70 18.21
CA LYS A 279 9.24 24.48 17.74
C LYS A 279 8.86 25.51 18.79
N ALA A 280 7.72 26.18 18.60
CA ALA A 280 7.25 27.11 19.61
C ALA A 280 6.48 26.40 20.72
N ILE A 281 5.63 25.45 20.35
CA ILE A 281 4.91 24.69 21.37
C ILE A 281 5.86 23.85 22.18
N ASP A 282 6.97 23.42 21.58
CA ASP A 282 7.98 22.71 22.36
C ASP A 282 8.64 23.62 23.37
N MET A 283 8.87 24.89 23.01
CA MET A 283 9.41 25.84 23.96
C MET A 283 8.44 26.10 25.10
N TYR A 284 7.15 26.24 24.78
CA TYR A 284 6.16 26.45 25.82
C TYR A 284 6.09 25.24 26.76
N LEU A 285 6.09 24.03 26.20
CA LEU A 285 6.01 22.83 27.02
C LEU A 285 7.26 22.68 27.89
N MET A 286 8.43 23.04 27.36
CA MET A 286 9.64 22.98 28.17
C MET A 286 9.57 23.99 29.32
N GLY A 287 9.04 25.19 29.06
CA GLY A 287 8.88 26.15 30.14
C GLY A 287 7.92 25.66 31.21
N CYS A 288 6.79 25.10 30.80
CA CYS A 288 5.85 24.57 31.77
C CYS A 288 6.46 23.43 32.57
N PHE A 289 7.25 22.58 31.91
CA PHE A 289 7.90 21.50 32.62
C PHE A 289 8.94 22.02 33.60
N VAL A 290 9.64 23.10 33.24
CA VAL A 290 10.59 23.69 34.18
C VAL A 290 9.85 24.22 35.40
N PHE A 291 8.69 24.84 35.19
CA PHE A 291 7.93 25.36 36.32
C PHE A 291 7.46 24.22 37.23
N VAL A 292 6.96 23.13 36.65
CA VAL A 292 6.52 22.01 37.48
C VAL A 292 7.70 21.42 38.24
N PHE A 293 8.81 21.21 37.54
CA PHE A 293 9.99 20.64 38.18
C PHE A 293 10.44 21.51 39.34
N MET A 294 10.52 22.82 39.13
CA MET A 294 10.94 23.71 40.20
C MET A 294 9.95 23.68 41.35
N ALA A 295 8.66 23.52 41.07
CA ALA A 295 7.69 23.42 42.15
C ALA A 295 7.98 22.21 43.03
N LEU A 296 8.20 21.06 42.40
CA LEU A 296 8.51 19.86 43.18
C LEU A 296 9.84 20.01 43.91
N LEU A 297 10.80 20.67 43.27
CA LEU A 297 12.10 20.89 43.91
C LEU A 297 11.94 21.77 45.14
N GLU A 298 11.08 22.78 45.05
CA GLU A 298 10.86 23.66 46.20
C GLU A 298 10.17 22.91 47.32
N TYR A 299 9.21 22.03 46.98
CA TYR A 299 8.62 21.21 48.03
C TYR A 299 9.70 20.41 48.74
N ALA A 300 10.60 19.79 47.97
CA ALA A 300 11.63 18.96 48.59
C ALA A 300 12.62 19.80 49.38
N LEU A 301 12.82 21.06 48.97
CA LEU A 301 13.72 21.93 49.72
C LEU A 301 13.08 22.34 51.04
N VAL A 302 11.76 22.45 51.05
CA VAL A 302 11.05 22.71 52.29
C VAL A 302 11.12 21.48 53.19
N ASN A 303 10.95 20.30 52.59
CA ASN A 303 11.00 19.07 53.37
C ASN A 303 12.37 18.86 53.99
N TYR A 304 13.43 19.32 53.31
CA TYR A 304 14.78 19.10 53.83
C TYR A 304 15.10 19.99 55.02
N ILE A 305 14.66 21.24 55.01
CA ILE A 305 14.97 22.19 56.07
C ILE A 305 13.86 22.28 57.12
N PHE A 306 12.84 21.42 57.00
CA PHE A 306 11.66 21.56 57.86
C PHE A 306 11.93 21.10 59.29
N PHE A 307 12.69 20.01 59.46
CA PHE A 307 12.99 19.55 60.81
C PHE A 307 13.90 20.52 61.54
N SER A 308 14.89 21.10 60.84
CA SER A 308 15.84 21.98 61.49
C SER A 308 15.21 23.33 61.82
N GLN A 309 14.47 23.91 60.88
CA GLN A 309 13.84 25.21 61.06
C GLN A 309 12.39 25.14 60.59
N PRO A 310 11.41 25.28 61.49
CA PRO A 310 10.00 25.21 61.07
C PRO A 310 9.43 26.50 60.51
N ALA A 311 10.11 27.65 60.64
CA ALA A 311 9.56 28.89 60.12
C ALA A 311 10.03 29.19 58.71
N ARG A 312 11.23 28.75 58.33
CA ARG A 312 11.69 28.93 56.97
C ARG A 312 10.76 28.24 55.99
N ALA A 313 10.25 27.07 56.38
CA ALA A 313 9.35 26.32 55.50
C ALA A 313 8.07 27.10 55.24
N ALA A 314 7.46 27.64 56.31
CA ALA A 314 6.24 28.42 56.13
C ALA A 314 6.53 29.69 55.33
N ALA A 315 7.70 30.30 55.53
CA ALA A 315 8.05 31.49 54.76
C ALA A 315 8.16 31.16 53.28
N ILE A 316 8.85 30.07 52.95
CA ILE A 316 9.03 29.69 51.55
C ILE A 316 7.69 29.34 50.93
N ASP A 317 6.81 28.68 51.68
CA ASP A 317 5.50 28.33 51.13
C ASP A 317 4.70 29.60 50.85
N ARG A 318 4.66 30.52 51.82
CA ARG A 318 3.94 31.78 51.63
C ARG A 318 4.48 32.52 50.42
N TRP A 319 5.81 32.55 50.26
CA TRP A 319 6.39 33.31 49.16
C TRP A 319 6.08 32.65 47.83
N SER A 320 6.18 31.32 47.76
CA SER A 320 5.91 30.62 46.51
C SER A 320 4.47 30.79 46.08
N ARG A 321 3.54 30.78 47.05
CA ARG A 321 2.13 30.87 46.71
C ARG A 321 1.83 32.10 45.86
N ILE A 322 2.56 33.19 46.04
CA ILE A 322 2.36 34.41 45.26
C ILE A 322 3.45 34.62 44.21
N PHE A 323 4.56 33.88 44.29
CA PHE A 323 5.64 34.06 43.33
C PHE A 323 5.46 33.20 42.09
N PHE A 324 4.95 31.97 42.24
CA PHE A 324 4.85 31.08 41.08
C PHE A 324 3.83 31.60 40.07
N PRO A 325 2.60 31.96 40.46
CA PRO A 325 1.67 32.50 39.46
C PRO A 325 2.18 33.78 38.79
N VAL A 326 2.93 34.61 39.52
CA VAL A 326 3.44 35.85 38.93
C VAL A 326 4.43 35.53 37.81
N VAL A 327 5.40 34.67 38.09
CA VAL A 327 6.39 34.33 37.07
C VAL A 327 5.73 33.58 35.93
N PHE A 328 4.74 32.74 36.23
CA PHE A 328 4.06 32.02 35.16
C PHE A 328 3.34 32.97 34.23
N SER A 329 2.63 33.96 34.80
CA SER A 329 1.94 34.94 33.95
C SER A 329 2.94 35.78 33.17
N PHE A 330 4.07 36.14 33.79
CA PHE A 330 5.08 36.93 33.08
C PHE A 330 5.65 36.15 31.90
N PHE A 331 6.00 34.88 32.12
CA PHE A 331 6.50 34.06 31.03
C PHE A 331 5.44 33.85 29.95
N ASN A 332 4.19 33.66 30.36
CA ASN A 332 3.12 33.47 29.40
C ASN A 332 2.98 34.71 28.52
N ILE A 333 3.02 35.89 29.13
CA ILE A 333 2.95 37.14 28.37
C ILE A 333 4.10 37.23 27.39
N VAL A 334 5.33 37.15 27.91
CA VAL A 334 6.51 37.22 27.05
C VAL A 334 6.33 36.29 25.85
N TYR A 335 6.15 35.00 26.11
CA TYR A 335 5.98 34.01 25.05
C TYR A 335 4.93 34.45 24.03
N TRP A 336 3.70 34.66 24.49
CA TRP A 336 2.62 34.98 23.56
C TRP A 336 2.97 36.18 22.69
N LEU A 337 3.40 37.28 23.32
CA LEU A 337 3.72 38.48 22.57
C LEU A 337 4.81 38.19 21.55
N TYR A 338 5.89 37.55 21.97
CA TYR A 338 6.99 37.27 21.06
C TYR A 338 6.53 36.48 19.85
N TYR A 339 5.69 35.46 20.06
CA TYR A 339 5.28 34.60 18.97
C TYR A 339 4.08 35.12 18.20
N VAL A 340 3.39 36.14 18.71
CA VAL A 340 2.23 36.69 18.02
C VAL A 340 2.59 38.05 17.45
N ASP B 10 6.12 26.76 -47.06
CA ASP B 10 5.96 25.40 -46.57
C ASP B 10 7.21 24.94 -45.84
N ASN B 11 7.36 25.37 -44.59
CA ASN B 11 8.46 24.94 -43.74
C ASN B 11 8.13 23.66 -43.00
N THR B 12 6.89 23.55 -42.50
CA THR B 12 6.46 22.28 -41.91
C THR B 12 6.55 21.14 -42.91
N THR B 13 6.36 21.42 -44.21
CA THR B 13 6.41 20.34 -45.19
C THR B 13 7.84 19.84 -45.36
N VAL B 14 8.81 20.74 -45.44
CA VAL B 14 10.19 20.29 -45.60
C VAL B 14 10.66 19.60 -44.33
N PHE B 15 10.21 20.05 -43.16
CA PHE B 15 10.63 19.37 -41.94
C PHE B 15 9.95 18.00 -41.81
N THR B 16 8.71 17.87 -42.27
CA THR B 16 8.08 16.56 -42.30
C THR B 16 8.81 15.63 -43.25
N ARG B 17 9.26 16.16 -44.39
CA ARG B 17 10.03 15.34 -45.31
C ARG B 17 11.34 14.89 -44.67
N ILE B 18 11.99 15.78 -43.93
CA ILE B 18 13.24 15.41 -43.25
C ILE B 18 12.97 14.30 -42.24
N LEU B 19 11.95 14.49 -41.40
CA LEU B 19 11.67 13.50 -40.36
C LEU B 19 11.22 12.17 -40.95
N ASP B 20 10.58 12.19 -42.12
CA ASP B 20 10.17 10.94 -42.76
C ASP B 20 11.36 10.23 -43.39
N ARG B 21 12.25 10.97 -44.02
CA ARG B 21 13.48 10.38 -44.53
C ARG B 21 14.37 9.88 -43.41
N LEU B 22 14.20 10.41 -42.20
CA LEU B 22 15.08 10.04 -41.09
C LEU B 22 14.71 8.67 -40.54
N LEU B 23 13.42 8.32 -40.52
CA LEU B 23 12.95 7.04 -40.04
C LEU B 23 12.57 6.10 -41.18
N ASP B 24 13.07 6.34 -42.38
CA ASP B 24 12.82 5.48 -43.52
C ASP B 24 13.84 4.35 -43.52
N GLY B 25 13.39 3.15 -43.17
CA GLY B 25 14.29 2.01 -43.06
C GLY B 25 15.00 1.91 -41.73
N TYR B 26 14.50 2.57 -40.70
CA TYR B 26 15.08 2.54 -39.37
C TYR B 26 14.57 1.35 -38.59
N ASP B 27 15.48 0.59 -38.01
CA ASP B 27 15.15 -0.54 -37.13
C ASP B 27 15.52 -0.15 -35.70
N ASN B 28 14.51 0.07 -34.86
CA ASN B 28 14.73 0.44 -33.48
C ASN B 28 14.94 -0.75 -32.59
N ARG B 29 15.33 -1.90 -33.15
CA ARG B 29 15.66 -3.08 -32.37
C ARG B 29 17.15 -3.36 -32.38
N LEU B 30 17.93 -2.56 -33.10
CA LEU B 30 19.37 -2.74 -33.21
C LEU B 30 20.05 -1.48 -32.72
N ARG B 31 20.98 -1.64 -31.79
CA ARG B 31 21.70 -0.49 -31.27
C ARG B 31 22.61 0.05 -32.35
N PRO B 32 22.98 1.33 -32.26
CA PRO B 32 23.91 1.89 -33.26
C PRO B 32 25.25 1.18 -33.22
N GLY B 33 25.67 0.68 -34.38
CA GLY B 33 26.89 -0.11 -34.48
C GLY B 33 26.72 -1.44 -33.76
N LEU B 34 25.84 -2.29 -34.27
CA LEU B 34 25.50 -3.53 -33.57
C LEU B 34 26.67 -4.51 -33.58
N GLY B 35 27.29 -4.70 -34.73
CA GLY B 35 28.39 -5.66 -34.82
C GLY B 35 29.72 -5.01 -35.12
N GLU B 36 29.72 -3.69 -35.34
CA GLU B 36 30.89 -2.99 -35.83
C GLU B 36 31.51 -2.04 -34.81
N ARG B 37 30.90 -1.86 -33.64
CA ARG B 37 31.39 -0.90 -32.67
C ARG B 37 30.73 -1.18 -31.32
N VAL B 38 31.08 -0.35 -30.34
CA VAL B 38 30.46 -0.40 -29.02
C VAL B 38 29.82 0.97 -28.75
N THR B 39 28.57 0.95 -28.33
CA THR B 39 27.87 2.21 -28.10
C THR B 39 28.42 2.89 -26.85
N GLU B 40 28.44 4.21 -26.88
CA GLU B 40 29.04 5.03 -25.82
C GLU B 40 28.00 6.02 -25.33
N VAL B 41 27.31 5.66 -24.26
CA VAL B 41 26.25 6.50 -23.70
C VAL B 41 26.87 7.41 -22.64
N LYS B 42 26.80 8.71 -22.87
CA LYS B 42 27.32 9.71 -21.95
C LYS B 42 26.18 10.13 -21.03
N THR B 43 26.37 10.01 -19.73
CA THR B 43 25.30 10.18 -18.77
C THR B 43 25.53 11.43 -17.92
N ASP B 44 24.43 11.94 -17.37
CA ASP B 44 24.48 13.11 -16.51
C ASP B 44 23.24 13.11 -15.64
N ILE B 45 23.36 13.68 -14.44
CA ILE B 45 22.29 13.69 -13.46
C ILE B 45 22.21 15.07 -12.83
N PHE B 46 20.99 15.60 -12.72
CA PHE B 46 20.74 16.89 -12.08
C PHE B 46 19.65 16.70 -11.03
N VAL B 47 20.06 16.51 -9.78
CA VAL B 47 19.14 16.22 -8.69
C VAL B 47 18.34 17.48 -8.38
N THR B 48 17.06 17.50 -8.74
CA THR B 48 16.21 18.64 -8.43
C THR B 48 15.76 18.64 -6.97
N SER B 49 15.72 17.48 -6.32
CA SER B 49 15.31 17.38 -4.93
C SER B 49 15.78 16.07 -4.35
N PHE B 50 16.54 16.12 -3.27
CA PHE B 50 16.97 14.91 -2.56
C PHE B 50 15.91 14.61 -1.51
N GLY B 51 15.10 13.58 -1.76
CA GLY B 51 13.91 13.33 -1.00
C GLY B 51 14.20 12.87 0.41
N PRO B 52 13.13 12.60 1.15
CA PRO B 52 13.26 12.23 2.56
C PRO B 52 13.78 10.82 2.75
N VAL B 53 14.81 10.68 3.58
CA VAL B 53 15.41 9.38 3.87
C VAL B 53 14.56 8.66 4.91
N SER B 54 13.88 7.60 4.49
CA SER B 54 13.09 6.79 5.42
C SER B 54 14.03 5.84 6.16
N ASP B 55 14.01 5.90 7.48
CA ASP B 55 14.90 5.06 8.29
C ASP B 55 14.38 3.65 8.46
N HIS B 56 13.05 3.47 8.47
CA HIS B 56 12.50 2.14 8.71
C HIS B 56 12.73 1.22 7.53
N ASP B 57 12.43 1.71 6.33
CA ASP B 57 12.61 0.91 5.12
C ASP B 57 14.05 0.93 4.62
N MET B 58 14.94 1.69 5.23
CA MET B 58 16.32 1.82 4.76
C MET B 58 16.34 2.19 3.28
N GLU B 59 15.51 3.17 2.93
CA GLU B 59 15.37 3.64 1.56
C GLU B 59 15.45 5.16 1.54
N TYR B 60 15.59 5.72 0.35
CA TYR B 60 15.60 7.16 0.19
C TYR B 60 15.09 7.55 -1.18
N THR B 61 14.31 8.63 -1.23
CA THR B 61 13.75 9.12 -2.47
C THR B 61 14.63 10.21 -3.06
N ILE B 62 14.67 10.27 -4.39
CA ILE B 62 15.42 11.27 -5.11
C ILE B 62 14.66 11.59 -6.38
N ASP B 63 14.86 12.81 -6.90
CA ASP B 63 14.11 13.28 -8.06
C ASP B 63 15.11 13.92 -9.02
N VAL B 64 15.33 13.27 -10.17
CA VAL B 64 16.45 13.63 -11.03
C VAL B 64 15.96 13.97 -12.43
N PHE B 65 16.87 14.60 -13.18
CA PHE B 65 16.78 14.87 -14.62
C PHE B 65 17.87 14.01 -15.24
N PHE B 66 17.53 12.78 -15.58
CA PHE B 66 18.48 11.81 -16.13
C PHE B 66 18.74 12.15 -17.59
N ARG B 67 19.92 12.67 -17.89
CA ARG B 67 20.30 13.00 -19.25
C ARG B 67 21.22 11.92 -19.80
N GLN B 68 20.95 11.49 -21.03
CA GLN B 68 21.80 10.53 -21.72
C GLN B 68 22.07 11.04 -23.12
N SER B 69 23.18 10.62 -23.70
CA SER B 69 23.53 11.08 -25.03
C SER B 69 24.43 10.07 -25.71
N TRP B 70 24.04 9.62 -26.90
CA TRP B 70 24.87 8.72 -27.67
C TRP B 70 24.95 9.25 -29.09
N LYS B 71 25.54 8.50 -30.00
CA LYS B 71 25.71 8.93 -31.38
C LYS B 71 25.19 7.85 -32.31
N ASP B 72 24.12 8.17 -33.03
CA ASP B 72 23.47 7.25 -33.96
C ASP B 72 23.68 7.79 -35.38
N GLU B 73 24.52 7.11 -36.15
CA GLU B 73 24.84 7.57 -37.49
C GLU B 73 23.68 7.41 -38.46
N ARG B 74 22.66 6.64 -38.09
CA ARG B 74 21.47 6.49 -38.93
C ARG B 74 20.54 7.68 -38.84
N LEU B 75 20.86 8.68 -38.00
CA LEU B 75 20.02 9.85 -37.82
C LEU B 75 20.72 11.12 -38.27
N LYS B 76 21.63 10.99 -39.23
CA LYS B 76 22.28 12.16 -39.81
C LYS B 76 21.30 12.88 -40.75
N PHE B 77 21.27 14.21 -40.65
CA PHE B 77 20.40 15.00 -41.51
C PHE B 77 21.03 16.36 -41.74
N LYS B 78 20.79 16.90 -42.94
CA LYS B 78 21.20 18.25 -43.30
C LYS B 78 19.97 19.04 -43.70
N GLY B 79 19.72 20.14 -42.99
CA GLY B 79 18.56 20.96 -43.24
C GLY B 79 18.78 22.38 -42.80
N PRO B 80 17.71 23.18 -42.75
CA PRO B 80 17.86 24.58 -42.34
C PRO B 80 18.29 24.75 -40.90
N MET B 81 17.92 23.84 -40.00
CA MET B 81 18.29 23.92 -38.61
C MET B 81 19.42 22.95 -38.29
N THR B 82 20.17 23.27 -37.23
CA THR B 82 21.25 22.40 -36.78
C THR B 82 20.71 21.29 -35.87
N VAL B 83 20.05 21.67 -34.78
CA VAL B 83 19.49 20.70 -33.86
C VAL B 83 17.98 20.63 -34.09
N LEU B 84 17.42 19.45 -33.87
CA LEU B 84 15.99 19.23 -33.95
C LEU B 84 15.50 18.94 -32.54
N ARG B 85 14.81 19.90 -31.93
CA ARG B 85 14.20 19.71 -30.61
C ARG B 85 12.84 19.05 -30.80
N LEU B 86 12.86 17.73 -30.93
CA LEU B 86 11.66 17.01 -31.30
C LEU B 86 10.83 16.65 -30.06
N ASN B 87 9.64 16.11 -30.33
CA ASN B 87 8.72 15.75 -29.27
C ASN B 87 9.28 14.56 -28.49
N ASN B 88 8.54 14.15 -27.46
CA ASN B 88 8.93 12.98 -26.67
C ASN B 88 8.38 11.69 -27.25
N LEU B 89 7.52 11.76 -28.28
CA LEU B 89 7.02 10.54 -28.91
C LEU B 89 7.92 10.08 -30.04
N MET B 90 8.74 10.97 -30.58
CA MET B 90 9.74 10.55 -31.55
C MET B 90 10.77 9.62 -30.92
N ALA B 91 11.03 9.79 -29.62
CA ALA B 91 11.98 8.94 -28.92
C ALA B 91 11.49 7.51 -28.76
N SER B 92 10.25 7.23 -29.09
CA SER B 92 9.74 5.86 -29.06
C SER B 92 9.87 5.18 -30.41
N LYS B 93 10.36 5.88 -31.43
CA LYS B 93 10.58 5.31 -32.75
C LYS B 93 12.05 5.11 -33.07
N ILE B 94 12.95 5.51 -32.18
CA ILE B 94 14.38 5.29 -32.37
C ILE B 94 14.87 4.37 -31.28
N TRP B 95 16.15 4.01 -31.33
CA TRP B 95 16.76 3.18 -30.30
C TRP B 95 17.18 4.05 -29.13
N THR B 96 16.84 3.64 -27.91
CA THR B 96 17.19 4.38 -26.71
C THR B 96 17.71 3.37 -25.69
N PRO B 97 18.82 3.66 -25.01
CA PRO B 97 19.41 2.67 -24.12
C PRO B 97 18.49 2.34 -22.95
N ASP B 98 18.55 1.10 -22.50
CA ASP B 98 17.64 0.61 -21.47
C ASP B 98 18.29 0.67 -20.10
N THR B 99 18.60 1.89 -19.67
CA THR B 99 19.21 2.10 -18.38
C THR B 99 18.22 1.80 -17.26
N PHE B 100 18.70 1.10 -16.24
CA PHE B 100 17.90 0.82 -15.05
C PHE B 100 18.76 0.99 -13.81
N PHE B 101 18.12 1.30 -12.69
CA PHE B 101 18.83 1.55 -11.44
C PHE B 101 18.96 0.24 -10.66
N HIS B 102 20.20 -0.20 -10.46
CA HIS B 102 20.45 -1.51 -9.88
C HIS B 102 19.87 -1.66 -8.48
N ASN B 103 19.67 -0.56 -7.77
CA ASN B 103 19.17 -0.62 -6.40
C ASN B 103 17.96 0.27 -6.24
N GLY B 104 17.11 0.30 -7.26
CA GLY B 104 15.86 1.01 -7.17
C GLY B 104 14.76 0.09 -6.72
N LYS B 105 13.82 0.64 -5.97
CA LYS B 105 12.69 -0.11 -5.45
C LYS B 105 11.44 0.12 -6.28
N LYS B 106 11.02 1.38 -6.40
CA LYS B 106 9.84 1.73 -7.20
C LYS B 106 10.03 3.15 -7.72
N SER B 107 10.57 3.26 -8.92
CA SER B 107 10.81 4.55 -9.55
C SER B 107 9.71 4.84 -10.57
N VAL B 108 9.33 6.10 -10.69
CA VAL B 108 8.27 6.52 -11.60
C VAL B 108 8.84 7.48 -12.63
N ALA B 109 8.27 7.43 -13.83
CA ALA B 109 8.64 8.33 -14.92
C ALA B 109 7.46 9.26 -15.16
N HIS B 110 7.54 10.45 -14.59
CA HIS B 110 6.45 11.41 -14.63
C HIS B 110 5.97 11.65 -16.06
N ASN B 111 4.66 11.63 -16.24
CA ASN B 111 4.04 11.94 -17.52
C ASN B 111 2.87 12.90 -17.33
N MET B 112 3.12 13.95 -16.55
CA MET B 112 2.15 15.02 -16.33
C MET B 112 2.72 16.30 -16.90
N THR B 113 2.01 16.96 -17.82
CA THR B 113 0.75 16.50 -18.41
C THR B 113 1.01 15.53 -19.55
N MET B 114 1.98 15.84 -20.38
CA MET B 114 2.53 14.90 -21.35
C MET B 114 3.67 14.13 -20.74
N PRO B 115 4.18 13.11 -21.42
CA PRO B 115 5.35 12.40 -20.88
C PRO B 115 6.52 13.35 -20.73
N ASN B 116 7.11 13.37 -19.54
CA ASN B 116 8.17 14.31 -19.24
C ASN B 116 9.45 13.74 -19.83
N LYS B 117 9.74 14.15 -21.05
CA LYS B 117 10.92 13.69 -21.76
C LYS B 117 11.35 14.76 -22.74
N LEU B 118 12.52 14.54 -23.33
CA LEU B 118 13.11 15.53 -24.22
C LEU B 118 14.09 14.81 -25.14
N LEU B 119 14.04 15.16 -26.42
CA LEU B 119 14.88 14.54 -27.43
C LEU B 119 15.36 15.61 -28.38
N ARG B 120 16.68 15.75 -28.49
CA ARG B 120 17.31 16.70 -29.40
C ARG B 120 18.26 15.94 -30.32
N ILE B 121 17.97 15.95 -31.61
CA ILE B 121 18.79 15.28 -32.62
C ILE B 121 19.67 16.34 -33.29
N THR B 122 20.96 16.35 -32.95
CA THR B 122 21.90 17.19 -33.67
C THR B 122 22.09 16.68 -35.10
N GLU B 123 22.59 17.57 -35.96
CA GLU B 123 22.68 17.27 -37.39
C GLU B 123 23.72 16.22 -37.71
N ASP B 124 24.69 15.99 -36.83
CA ASP B 124 25.73 14.99 -37.06
C ASP B 124 25.40 13.65 -36.44
N GLY B 125 24.18 13.43 -35.99
CA GLY B 125 23.76 12.17 -35.44
C GLY B 125 23.75 12.09 -33.92
N THR B 126 24.33 13.07 -33.24
CA THR B 126 24.38 13.04 -31.79
C THR B 126 23.00 13.29 -31.19
N LEU B 127 22.57 12.37 -30.33
CA LEU B 127 21.27 12.46 -29.68
C LEU B 127 21.43 12.93 -28.25
N LEU B 128 20.43 13.66 -27.75
CA LEU B 128 20.34 13.99 -26.34
C LEU B 128 18.93 13.63 -25.88
N TYR B 129 18.85 12.78 -24.86
CA TYR B 129 17.59 12.20 -24.39
C TYR B 129 17.51 12.40 -22.89
N THR B 130 16.58 13.24 -22.45
CA THR B 130 16.46 13.62 -21.06
C THR B 130 15.11 13.18 -20.50
N MET B 131 15.13 12.61 -19.29
CA MET B 131 13.95 12.16 -18.58
C MET B 131 13.89 12.85 -17.23
N ARG B 132 12.68 12.99 -16.68
CA ARG B 132 12.48 13.44 -15.31
C ARG B 132 11.85 12.31 -14.53
N LEU B 133 12.52 11.87 -13.46
CA LEU B 133 12.06 10.65 -12.81
C LEU B 133 12.41 10.65 -11.33
N THR B 134 11.51 10.10 -10.53
CA THR B 134 11.68 9.93 -9.09
C THR B 134 12.10 8.49 -8.82
N VAL B 135 13.26 8.31 -8.19
CA VAL B 135 13.80 7.00 -7.87
C VAL B 135 13.72 6.81 -6.36
N ARG B 136 13.12 5.70 -5.95
CA ARG B 136 13.04 5.32 -4.54
C ARG B 136 14.06 4.23 -4.29
N ALA B 137 15.29 4.62 -4.04
CA ALA B 137 16.39 3.66 -4.02
C ALA B 137 16.59 3.11 -2.61
N GLU B 138 17.42 2.08 -2.52
CA GLU B 138 17.79 1.45 -1.26
C GLU B 138 19.04 2.10 -0.70
N CYS B 139 19.19 2.02 0.61
CA CYS B 139 20.35 2.58 1.28
C CYS B 139 20.55 1.83 2.59
N PRO B 140 21.24 0.70 2.59
CA PRO B 140 21.44 -0.03 3.85
C PRO B 140 22.24 0.79 4.82
N MET B 141 21.77 0.85 6.07
CA MET B 141 22.37 1.69 7.09
C MET B 141 22.84 0.83 8.24
N HIS B 142 23.97 1.23 8.82
CA HIS B 142 24.50 0.60 10.02
C HIS B 142 24.24 1.57 11.17
N LEU B 143 23.35 1.19 12.08
CA LEU B 143 22.85 2.10 13.10
C LEU B 143 23.46 1.81 14.47
N GLU B 144 24.75 1.47 14.51
CA GLU B 144 25.41 1.26 15.79
C GLU B 144 25.76 2.57 16.47
N ASP B 145 25.87 3.66 15.73
CA ASP B 145 26.15 4.98 16.28
C ASP B 145 24.91 5.86 16.33
N PHE B 146 23.73 5.25 16.26
CA PHE B 146 22.50 6.02 16.29
C PHE B 146 22.38 6.78 17.61
N PRO B 147 21.96 8.05 17.59
CA PRO B 147 21.59 8.88 16.45
C PRO B 147 22.70 9.79 15.97
N MET B 148 23.95 9.36 16.14
CA MET B 148 25.12 10.12 15.73
C MET B 148 25.87 9.40 14.61
N ASP B 149 25.12 8.86 13.65
CA ASP B 149 25.69 8.08 12.57
C ASP B 149 25.76 8.90 11.29
N ALA B 150 26.51 8.38 10.33
CA ALA B 150 26.65 8.98 9.01
C ALA B 150 26.58 7.89 7.96
N HIS B 151 25.87 8.15 6.88
CA HIS B 151 25.64 7.16 5.84
C HIS B 151 26.16 7.66 4.51
N ALA B 152 26.25 6.73 3.55
CA ALA B 152 26.60 7.03 2.18
C ALA B 152 25.61 6.26 1.31
N CYS B 153 24.52 6.92 0.95
CA CYS B 153 23.45 6.26 0.22
C CYS B 153 23.80 6.17 -1.26
N PRO B 154 23.92 4.97 -1.84
CA PRO B 154 24.32 4.85 -3.24
C PRO B 154 23.16 4.98 -4.21
N LEU B 155 23.50 5.30 -5.46
CA LEU B 155 22.55 5.30 -6.57
C LEU B 155 23.27 4.67 -7.76
N LYS B 156 23.18 3.35 -7.87
CA LYS B 156 23.82 2.62 -8.94
C LYS B 156 22.86 2.47 -10.11
N PHE B 157 23.35 2.68 -11.32
CA PHE B 157 22.53 2.48 -12.50
C PHE B 157 23.41 1.98 -13.63
N GLY B 158 22.88 1.05 -14.40
CA GLY B 158 23.61 0.51 -15.53
C GLY B 158 22.64 0.14 -16.62
N SER B 159 23.06 -0.72 -17.55
CA SER B 159 22.18 -1.14 -18.62
C SER B 159 21.59 -2.51 -18.30
N TYR B 160 20.46 -2.79 -18.93
CA TYR B 160 19.82 -4.09 -18.88
C TYR B 160 19.98 -4.73 -20.26
N ALA B 161 20.45 -5.96 -20.29
CA ALA B 161 20.60 -6.79 -21.48
C ALA B 161 21.79 -6.43 -22.35
N TYR B 162 22.52 -5.35 -22.09
CA TYR B 162 23.68 -4.98 -22.90
C TYR B 162 24.92 -5.05 -22.05
N THR B 163 25.81 -5.98 -22.37
CA THR B 163 26.99 -6.23 -21.56
C THR B 163 28.02 -5.13 -21.81
N ARG B 164 29.24 -5.32 -21.31
CA ARG B 164 30.29 -4.33 -21.51
C ARG B 164 30.80 -4.31 -22.94
N ALA B 165 30.64 -5.40 -23.68
CA ALA B 165 31.08 -5.44 -25.06
C ALA B 165 30.17 -4.66 -25.99
N GLU B 166 28.96 -4.35 -25.56
CA GLU B 166 27.97 -3.68 -26.40
C GLU B 166 27.73 -2.24 -26.01
N VAL B 167 27.41 -1.96 -24.75
CA VAL B 167 27.10 -0.61 -24.31
C VAL B 167 27.99 -0.29 -23.11
N VAL B 168 28.78 0.78 -23.23
CA VAL B 168 29.59 1.29 -22.13
C VAL B 168 29.11 2.68 -21.78
N TYR B 169 29.07 2.99 -20.49
CA TYR B 169 28.60 4.28 -20.01
C TYR B 169 29.78 5.17 -19.65
N GLU B 170 29.55 6.48 -19.68
CA GLU B 170 30.53 7.46 -19.24
C GLU B 170 29.82 8.71 -18.76
N TRP B 171 30.53 9.49 -17.95
CA TRP B 171 30.02 10.78 -17.53
C TRP B 171 30.34 11.81 -18.60
N THR B 172 29.41 12.74 -18.81
CA THR B 172 29.56 13.68 -19.91
C THR B 172 30.58 14.75 -19.57
N ARG B 173 30.48 15.35 -18.39
CA ARG B 173 31.47 16.29 -17.90
C ARG B 173 32.49 15.54 -17.04
N GLU B 174 33.40 16.29 -16.41
CA GLU B 174 34.34 15.69 -15.49
C GLU B 174 33.56 14.91 -14.41
N PRO B 175 34.00 13.72 -14.03
CA PRO B 175 33.21 12.94 -13.06
C PRO B 175 32.87 13.69 -11.80
N ALA B 176 33.66 14.67 -11.41
CA ALA B 176 33.33 15.46 -10.23
C ALA B 176 32.19 16.43 -10.49
N ARG B 177 32.06 16.92 -11.71
CA ARG B 177 31.06 17.92 -12.06
C ARG B 177 29.86 17.35 -12.81
N SER B 178 29.61 16.06 -12.70
CA SER B 178 28.49 15.45 -13.43
C SER B 178 27.21 15.45 -12.61
N VAL B 179 27.21 14.80 -11.45
CA VAL B 179 26.03 14.75 -10.59
C VAL B 179 25.93 16.09 -9.86
N VAL B 180 25.05 16.96 -10.34
CA VAL B 180 24.82 18.27 -9.75
C VAL B 180 23.57 18.20 -8.89
N VAL B 181 23.54 19.00 -7.82
CA VAL B 181 22.39 19.12 -6.94
C VAL B 181 21.91 20.56 -6.95
N ALA B 182 20.61 20.75 -7.09
CA ALA B 182 20.03 22.08 -7.04
C ALA B 182 20.22 22.70 -5.66
N GLU B 183 20.18 24.03 -5.62
CA GLU B 183 20.37 24.74 -4.36
C GLU B 183 19.21 24.50 -3.40
N ASP B 184 18.00 24.87 -3.82
CA ASP B 184 16.81 24.66 -3.00
C ASP B 184 16.30 23.23 -3.08
N GLY B 185 17.04 22.33 -3.72
CA GLY B 185 16.62 20.95 -3.86
C GLY B 185 17.02 20.10 -2.70
N SER B 186 16.34 20.24 -1.56
CA SER B 186 16.62 19.43 -0.40
C SER B 186 15.36 19.28 0.42
N ARG B 187 14.81 18.07 0.44
CA ARG B 187 13.68 17.73 1.29
C ARG B 187 14.09 16.90 2.50
N LEU B 188 15.35 16.99 2.90
CA LEU B 188 15.86 16.22 4.03
C LEU B 188 15.42 16.90 5.32
N ASN B 189 14.44 16.31 5.99
CA ASN B 189 13.99 16.85 7.27
C ASN B 189 15.01 16.56 8.37
N GLN B 190 15.48 15.32 8.45
CA GLN B 190 16.29 14.85 9.57
C GLN B 190 17.79 14.81 9.28
N TYR B 191 18.17 14.53 8.03
CA TYR B 191 19.57 14.38 7.67
C TYR B 191 20.15 15.70 7.16
N ASP B 192 21.38 15.65 6.68
CA ASP B 192 22.08 16.83 6.16
C ASP B 192 23.02 16.35 5.08
N LEU B 193 22.73 16.71 3.82
CA LEU B 193 23.53 16.23 2.71
C LEU B 193 24.89 16.93 2.69
N LEU B 194 25.96 16.14 2.72
CA LEU B 194 27.32 16.68 2.73
C LEU B 194 27.86 16.83 1.31
N GLY B 195 27.82 15.77 0.51
CA GLY B 195 28.30 15.87 -0.86
C GLY B 195 28.16 14.55 -1.59
N GLN B 196 28.28 14.63 -2.91
CA GLN B 196 28.20 13.47 -3.79
C GLN B 196 29.58 12.93 -4.09
N THR B 197 29.61 11.71 -4.61
CA THR B 197 30.86 11.04 -4.96
C THR B 197 30.55 9.97 -5.99
N VAL B 198 30.95 10.18 -7.23
CA VAL B 198 30.62 9.28 -8.32
C VAL B 198 31.78 8.31 -8.56
N ASP B 199 31.50 7.25 -9.30
CA ASP B 199 32.50 6.23 -9.61
C ASP B 199 31.94 5.34 -10.71
N SER B 200 32.82 4.70 -11.45
CA SER B 200 32.43 3.75 -12.49
C SER B 200 33.08 2.41 -12.22
N GLY B 201 32.34 1.32 -12.45
CA GLY B 201 32.84 -0.01 -12.22
C GLY B 201 32.23 -1.01 -13.17
N ILE B 202 32.54 -2.28 -12.96
CA ILE B 202 32.12 -3.36 -13.84
C ILE B 202 31.66 -4.52 -12.97
N VAL B 203 30.36 -4.84 -13.02
CA VAL B 203 29.80 -5.89 -12.21
C VAL B 203 29.56 -7.11 -13.10
N GLN B 204 29.45 -8.27 -12.47
CA GLN B 204 29.25 -9.53 -13.16
C GLN B 204 27.98 -10.18 -12.65
N SER B 205 27.03 -10.43 -13.54
CA SER B 205 25.78 -11.10 -13.23
C SER B 205 25.79 -12.48 -13.85
N SER B 206 24.67 -13.19 -13.72
CA SER B 206 24.56 -14.51 -14.30
C SER B 206 24.43 -14.45 -15.82
N THR B 207 24.19 -13.27 -16.38
CA THR B 207 23.99 -13.11 -17.82
C THR B 207 25.22 -12.56 -18.54
N GLY B 208 26.05 -11.79 -17.86
CA GLY B 208 27.22 -11.22 -18.51
C GLY B 208 28.02 -10.29 -17.61
N GLU B 209 28.73 -9.36 -18.23
CA GLU B 209 29.60 -8.43 -17.52
C GLU B 209 29.19 -7.02 -17.92
N TYR B 210 28.61 -6.28 -16.98
CA TYR B 210 28.00 -4.99 -17.26
C TYR B 210 28.80 -3.86 -16.63
N VAL B 211 28.51 -2.65 -17.08
CA VAL B 211 29.13 -1.43 -16.58
C VAL B 211 28.14 -0.74 -15.65
N VAL B 212 28.60 -0.38 -14.46
CA VAL B 212 27.74 0.17 -13.42
C VAL B 212 28.29 1.52 -13.02
N MET B 213 27.44 2.55 -13.12
CA MET B 213 27.78 3.90 -12.70
C MET B 213 27.20 4.12 -11.31
N THR B 214 28.07 4.35 -10.34
CA THR B 214 27.69 4.49 -8.94
C THR B 214 27.78 5.94 -8.51
N THR B 215 26.84 6.37 -7.67
CA THR B 215 26.87 7.70 -7.07
C THR B 215 26.50 7.57 -5.61
N HIS B 216 27.35 8.08 -4.73
CA HIS B 216 27.11 8.05 -3.29
C HIS B 216 26.75 9.45 -2.82
N PHE B 217 25.74 9.54 -1.97
CA PHE B 217 25.36 10.79 -1.32
C PHE B 217 25.67 10.64 0.17
N HIS B 218 26.59 11.46 0.66
CA HIS B 218 27.02 11.37 2.05
C HIS B 218 26.07 12.16 2.94
N LEU B 219 25.39 11.46 3.84
CA LEU B 219 24.43 12.04 4.74
C LEU B 219 24.91 11.97 6.18
N LYS B 220 24.46 12.92 6.99
CA LYS B 220 24.86 13.04 8.39
C LYS B 220 23.63 13.43 9.20
N ARG B 221 23.19 12.54 10.09
CA ARG B 221 21.97 12.78 10.83
C ARG B 221 22.12 13.94 11.79
N LYS B 222 21.02 14.67 11.99
CA LYS B 222 20.97 15.77 12.93
C LYS B 222 20.43 15.25 14.26
N ILE B 223 21.17 15.51 15.35
CA ILE B 223 20.80 15.00 16.66
C ILE B 223 19.79 15.87 17.39
N GLY B 224 19.35 16.97 16.79
CA GLY B 224 18.53 17.92 17.51
C GLY B 224 17.23 17.31 18.04
N TYR B 225 16.55 16.53 17.21
CA TYR B 225 15.25 16.01 17.61
C TYR B 225 15.40 14.96 18.70
N PHE B 226 16.35 14.05 18.53
CA PHE B 226 16.51 12.96 19.48
C PHE B 226 16.96 13.48 20.84
N VAL B 227 17.75 14.56 20.88
CA VAL B 227 18.11 15.15 22.16
C VAL B 227 16.85 15.44 22.96
N ILE B 228 16.01 16.34 22.43
CA ILE B 228 14.86 16.81 23.18
C ILE B 228 13.85 15.69 23.42
N GLN B 229 13.74 14.71 22.53
CA GLN B 229 12.74 13.67 22.75
C GLN B 229 13.20 12.53 23.65
N THR B 230 14.49 12.17 23.66
CA THR B 230 14.95 11.05 24.47
C THR B 230 15.95 11.46 25.55
N TYR B 231 17.00 12.20 25.19
CA TYR B 231 18.07 12.43 26.16
C TYR B 231 17.64 13.41 27.24
N LEU B 232 16.86 14.44 26.89
CA LEU B 232 16.38 15.35 27.94
C LEU B 232 15.45 14.65 28.92
N PRO B 233 14.42 13.92 28.48
CA PRO B 233 13.57 13.24 29.46
C PRO B 233 14.31 12.22 30.31
N CYS B 234 15.27 11.50 29.74
CA CYS B 234 16.04 10.54 30.53
C CYS B 234 16.85 11.25 31.61
N ILE B 235 17.54 12.32 31.25
CA ILE B 235 18.33 13.06 32.23
C ILE B 235 17.43 13.65 33.30
N MET B 236 16.30 14.23 32.89
CA MET B 236 15.39 14.81 33.86
C MET B 236 14.86 13.75 34.80
N THR B 237 14.62 12.55 34.29
CA THR B 237 14.15 11.46 35.15
C THR B 237 15.23 11.04 36.12
N VAL B 238 16.49 10.98 35.66
CA VAL B 238 17.58 10.62 36.55
C VAL B 238 17.69 11.64 37.67
N ILE B 239 17.62 12.93 37.33
CA ILE B 239 17.70 13.97 38.36
C ILE B 239 16.54 13.85 39.32
N LEU B 240 15.34 13.57 38.79
CA LEU B 240 14.16 13.44 39.65
C LEU B 240 14.32 12.26 40.59
N SER B 241 14.96 11.19 40.11
CA SER B 241 15.18 10.02 40.95
C SER B 241 16.23 10.29 42.01
N GLN B 242 17.23 11.12 41.71
CA GLN B 242 18.24 11.43 42.70
C GLN B 242 17.77 12.47 43.69
N VAL B 243 16.67 13.17 43.39
CA VAL B 243 16.09 14.09 44.37
C VAL B 243 15.62 13.32 45.60
N SER B 244 15.24 12.06 45.43
CA SER B 244 14.70 11.28 46.53
C SER B 244 15.66 11.15 47.71
N PHE B 245 16.97 11.34 47.48
CA PHE B 245 17.91 11.18 48.59
C PHE B 245 17.82 12.33 49.59
N TRP B 246 17.46 13.52 49.13
CA TRP B 246 17.42 14.69 49.99
C TRP B 246 16.17 14.72 50.87
N LEU B 247 15.18 13.88 50.59
CA LEU B 247 14.01 13.82 51.46
C LEU B 247 14.38 13.16 52.79
N ASN B 248 13.51 13.31 53.77
CA ASN B 248 13.75 12.75 55.09
C ASN B 248 13.52 11.25 55.07
N ARG B 249 14.18 10.56 56.01
CA ARG B 249 14.08 9.11 56.10
C ARG B 249 12.79 8.64 56.75
N GLU B 250 12.07 9.52 57.44
CA GLU B 250 10.82 9.17 58.09
C GLU B 250 9.61 9.33 57.17
N SER B 251 9.84 9.51 55.87
CA SER B 251 8.78 9.66 54.88
C SER B 251 8.98 8.55 53.86
N VAL B 252 8.40 7.39 54.14
CA VAL B 252 8.56 6.21 53.29
C VAL B 252 7.68 6.32 52.07
N PRO B 253 6.41 6.70 52.20
CA PRO B 253 5.55 6.75 51.00
C PRO B 253 6.09 7.67 49.93
N ALA B 254 6.64 8.82 50.31
CA ALA B 254 7.13 9.78 49.32
C ALA B 254 8.26 9.20 48.51
N ARG B 255 9.28 8.65 49.18
CA ARG B 255 10.43 8.10 48.48
C ARG B 255 10.05 6.86 47.68
N THR B 256 9.15 6.04 48.21
CA THR B 256 8.69 4.88 47.45
C THR B 256 7.99 5.31 46.18
N VAL B 257 7.15 6.35 46.26
CA VAL B 257 6.47 6.87 45.07
C VAL B 257 7.49 7.39 44.07
N PHE B 258 8.47 8.16 44.57
CA PHE B 258 9.56 8.61 43.70
C PHE B 258 10.17 7.46 42.94
N GLY B 259 10.59 6.41 43.66
CA GLY B 259 11.27 5.30 43.01
C GLY B 259 10.39 4.62 41.97
N VAL B 260 9.15 4.30 42.35
CA VAL B 260 8.32 3.51 41.45
C VAL B 260 7.95 4.33 40.22
N THR B 261 7.68 5.62 40.41
CA THR B 261 7.33 6.46 39.27
C THR B 261 8.53 6.66 38.35
N THR B 262 9.72 6.85 38.91
CA THR B 262 10.89 7.00 38.05
C THR B 262 11.14 5.74 37.25
N VAL B 263 10.96 4.57 37.87
CA VAL B 263 11.16 3.33 37.12
C VAL B 263 10.09 3.19 36.03
N LEU B 264 8.84 3.49 36.35
CA LEU B 264 7.79 3.41 35.34
C LEU B 264 8.05 4.35 34.17
N THR B 265 8.47 5.58 34.48
CA THR B 265 8.79 6.54 33.43
C THR B 265 9.93 6.04 32.57
N MET B 266 11.00 5.55 33.20
CA MET B 266 12.11 5.02 32.43
C MET B 266 11.68 3.87 31.53
N THR B 267 10.78 3.01 32.02
CA THR B 267 10.30 1.91 31.20
C THR B 267 9.53 2.42 29.98
N THR B 268 8.58 3.34 30.22
CA THR B 268 7.82 3.90 29.10
C THR B 268 8.73 4.59 28.11
N LEU B 269 9.77 5.27 28.61
CA LEU B 269 10.69 5.98 27.74
C LEU B 269 11.54 5.02 26.92
N SER B 270 12.03 3.95 27.55
CA SER B 270 12.80 2.95 26.83
C SER B 270 11.96 2.26 25.78
N ILE B 271 10.66 2.14 26.01
CA ILE B 271 9.78 1.53 25.02
C ILE B 271 9.53 2.50 23.87
N SER B 272 9.26 3.76 24.19
CA SER B 272 8.92 4.74 23.17
C SER B 272 10.11 5.03 22.26
N ALA B 273 11.30 5.21 22.85
CA ALA B 273 12.46 5.63 22.05
C ALA B 273 12.83 4.56 21.02
N ARG B 274 12.66 3.29 21.37
CA ARG B 274 12.97 2.22 20.43
C ARG B 274 12.01 2.18 19.26
N ASN B 275 10.82 2.76 19.41
CA ASN B 275 9.79 2.65 18.37
C ASN B 275 10.23 3.32 17.07
N SER B 276 11.10 4.32 17.14
CA SER B 276 11.46 5.07 15.94
C SER B 276 12.28 4.21 14.99
N LEU B 277 13.29 3.52 15.50
CA LEU B 277 14.26 2.84 14.66
C LEU B 277 13.70 1.51 14.13
N PRO B 278 14.21 1.03 13.00
CA PRO B 278 13.87 -0.33 12.57
C PRO B 278 14.36 -1.38 13.56
N LYS B 279 13.71 -2.55 13.50
CA LYS B 279 13.98 -3.62 14.45
C LYS B 279 15.31 -4.28 14.11
N VAL B 280 16.39 -3.64 14.54
CA VAL B 280 17.72 -4.18 14.34
C VAL B 280 18.07 -5.03 15.55
N ALA B 281 19.04 -5.94 15.37
CA ALA B 281 19.37 -6.93 16.38
C ALA B 281 20.59 -6.57 17.21
N TYR B 282 21.05 -5.32 17.13
CA TYR B 282 22.16 -4.84 17.95
C TYR B 282 21.69 -3.65 18.76
N ALA B 283 22.55 -3.19 19.66
CA ALA B 283 22.24 -2.08 20.55
C ALA B 283 22.90 -0.82 20.03
N THR B 284 22.09 0.20 19.80
CA THR B 284 22.59 1.49 19.31
C THR B 284 23.24 2.25 20.47
N ALA B 285 23.56 3.52 20.23
CA ALA B 285 24.12 4.34 21.29
C ALA B 285 23.04 4.89 22.21
N MET B 286 21.94 5.36 21.63
CA MET B 286 20.83 5.84 22.43
C MET B 286 20.32 4.75 23.36
N ASP B 287 20.37 3.49 22.91
CA ASP B 287 19.97 2.40 23.78
C ASP B 287 20.93 2.24 24.94
N TRP B 288 22.23 2.45 24.71
CA TRP B 288 23.18 2.39 25.81
C TRP B 288 22.93 3.50 26.82
N PHE B 289 22.63 4.70 26.32
CA PHE B 289 22.32 5.80 27.23
C PHE B 289 21.08 5.48 28.05
N ILE B 290 20.05 4.94 27.41
CA ILE B 290 18.81 4.61 28.12
C ILE B 290 19.08 3.54 29.15
N ALA B 291 19.90 2.55 28.81
CA ALA B 291 20.21 1.48 29.75
C ALA B 291 20.96 2.02 30.97
N VAL B 292 21.91 2.93 30.76
CA VAL B 292 22.64 3.48 31.89
C VAL B 292 21.72 4.31 32.77
N CYS B 293 20.82 5.09 32.15
CA CYS B 293 19.87 5.86 32.95
C CYS B 293 18.95 4.96 33.74
N TYR B 294 18.51 3.85 33.14
CA TYR B 294 17.67 2.90 33.86
C TYR B 294 18.44 2.29 35.02
N ALA B 295 19.72 2.01 34.81
CA ALA B 295 20.57 1.51 35.89
C ALA B 295 20.60 2.50 37.04
N PHE B 296 20.93 3.76 36.76
CA PHE B 296 20.97 4.77 37.82
C PHE B 296 19.66 4.83 38.58
N VAL B 297 18.54 4.89 37.87
CA VAL B 297 17.24 5.02 38.53
C VAL B 297 17.01 3.82 39.45
N PHE B 298 17.24 2.61 38.94
CA PHE B 298 16.99 1.42 39.74
C PHE B 298 17.93 1.37 40.93
N SER B 299 19.17 1.85 40.76
CA SER B 299 20.10 1.86 41.87
C SER B 299 19.65 2.81 42.95
N ALA B 300 19.07 3.95 42.56
CA ALA B 300 18.54 4.87 43.56
C ALA B 300 17.38 4.24 44.31
N LEU B 301 16.52 3.51 43.60
CA LEU B 301 15.44 2.80 44.28
C LEU B 301 15.99 1.78 45.27
N ILE B 302 17.07 1.09 44.90
CA ILE B 302 17.63 0.08 45.79
C ILE B 302 18.36 0.73 46.95
N GLU B 303 18.84 1.96 46.76
CA GLU B 303 19.51 2.65 47.85
C GLU B 303 18.46 3.12 48.87
N PHE B 304 17.30 3.54 48.39
CA PHE B 304 16.22 3.85 49.31
C PHE B 304 15.76 2.61 50.05
N ALA B 305 15.69 1.47 49.35
CA ALA B 305 15.30 0.24 50.03
C ALA B 305 16.29 -0.13 51.12
N THR B 306 17.59 0.01 50.85
CA THR B 306 18.59 -0.28 51.86
C THR B 306 18.48 0.68 53.05
N VAL B 307 18.30 1.97 52.77
CA VAL B 307 18.18 2.94 53.85
C VAL B 307 16.99 2.60 54.73
N ASN B 308 15.86 2.24 54.11
CA ASN B 308 14.67 1.91 54.90
C ASN B 308 14.84 0.59 55.63
N TYR B 309 15.70 -0.30 55.11
CA TYR B 309 15.97 -1.54 55.84
C TYR B 309 16.82 -1.29 57.08
N PHE B 310 17.76 -0.35 57.01
CA PHE B 310 18.61 -0.08 58.16
C PHE B 310 18.03 0.96 59.11
N THR B 311 17.12 1.81 58.65
CA THR B 311 16.49 2.77 59.53
C THR B 311 15.72 2.02 60.62
N LYS B 312 15.60 2.66 61.78
CA LYS B 312 14.95 2.13 62.98
C LYS B 312 15.76 1.02 63.65
N SER B 313 16.87 0.59 63.05
CA SER B 313 17.77 -0.37 63.68
C SER B 313 19.17 0.18 63.82
N GLN B 314 19.73 0.74 62.75
CA GLN B 314 21.07 1.31 62.76
C GLN B 314 21.01 2.64 62.02
N PRO B 315 20.43 3.67 62.64
CA PRO B 315 20.23 4.93 61.91
C PRO B 315 21.51 5.59 61.47
N ALA B 316 22.62 5.37 62.18
CA ALA B 316 23.88 5.96 61.78
C ALA B 316 24.31 5.47 60.41
N ARG B 317 24.21 4.16 60.18
CA ARG B 317 24.61 3.59 58.89
C ARG B 317 23.69 4.09 57.78
N ALA B 318 22.39 4.20 58.06
CA ALA B 318 21.46 4.71 57.07
C ALA B 318 21.81 6.14 56.68
N ALA B 319 22.03 7.00 57.69
CA ALA B 319 22.39 8.38 57.40
C ALA B 319 23.70 8.45 56.62
N LYS B 320 24.65 7.57 56.95
CA LYS B 320 25.94 7.58 56.28
C LYS B 320 25.78 7.22 54.80
N ILE B 321 25.04 6.16 54.52
CA ILE B 321 24.89 5.75 53.12
C ILE B 321 24.07 6.75 52.35
N ASP B 322 23.07 7.38 52.98
CA ASP B 322 22.30 8.40 52.27
C ASP B 322 23.18 9.61 51.95
N ARG B 323 23.94 10.09 52.93
CA ARG B 323 24.81 11.24 52.69
C ARG B 323 25.88 10.92 51.66
N LEU B 324 26.34 9.67 51.61
CA LEU B 324 27.32 9.30 50.59
C LEU B 324 26.69 9.25 49.20
N SER B 325 25.51 8.65 49.09
CA SER B 325 24.84 8.57 47.79
C SER B 325 24.54 9.97 47.24
N ARG B 326 24.16 10.90 48.13
CA ARG B 326 23.81 12.25 47.70
C ARG B 326 24.91 12.89 46.86
N ILE B 327 26.15 12.42 46.99
CA ILE B 327 27.27 12.92 46.20
C ILE B 327 27.67 11.91 45.14
N ALA B 328 27.75 10.63 45.50
CA ALA B 328 28.20 9.61 44.56
C ALA B 328 27.36 9.62 43.29
N PHE B 329 26.04 9.54 43.42
CA PHE B 329 25.20 9.42 42.24
C PHE B 329 25.38 10.57 41.25
N PRO B 330 25.22 11.84 41.65
CA PRO B 330 25.46 12.94 40.71
C PRO B 330 26.82 12.90 40.04
N LEU B 331 27.89 12.57 40.76
CA LEU B 331 29.21 12.62 40.16
C LEU B 331 29.38 11.48 39.16
N LEU B 332 28.81 10.33 39.44
CA LEU B 332 28.98 9.21 38.52
C LEU B 332 28.15 9.43 37.28
N PHE B 333 27.04 10.15 37.40
CA PHE B 333 26.24 10.39 36.22
C PHE B 333 26.83 11.52 35.39
N GLY B 334 27.49 12.47 36.05
CA GLY B 334 28.19 13.51 35.30
C GLY B 334 29.37 12.96 34.54
N ILE B 335 30.18 12.12 35.17
CA ILE B 335 31.33 11.58 34.45
C ILE B 335 30.86 10.61 33.38
N PHE B 336 29.75 9.90 33.59
CA PHE B 336 29.24 9.05 32.52
C PHE B 336 28.81 9.88 31.32
N ASN B 337 28.09 10.97 31.56
CA ASN B 337 27.70 11.84 30.45
C ASN B 337 28.93 12.38 29.72
N LEU B 338 29.94 12.82 30.48
CA LEU B 338 31.14 13.32 29.85
C LEU B 338 31.77 12.28 28.94
N VAL B 339 31.99 11.07 29.47
CA VAL B 339 32.61 10.01 28.67
C VAL B 339 31.77 9.71 27.44
N TYR B 340 30.44 9.58 27.62
CA TYR B 340 29.57 9.16 26.54
C TYR B 340 29.59 10.17 25.40
N TRP B 341 29.35 11.43 25.73
CA TRP B 341 29.33 12.45 24.68
C TRP B 341 30.70 12.62 24.05
N ALA B 342 31.77 12.44 24.82
CA ALA B 342 33.10 12.58 24.23
C ALA B 342 33.39 11.45 23.25
N THR B 343 32.97 10.23 23.59
CA THR B 343 33.27 9.10 22.71
C THR B 343 32.33 9.01 21.52
N TYR B 344 31.15 9.64 21.59
CA TYR B 344 30.21 9.56 20.49
C TYR B 344 30.09 10.82 19.66
N LEU B 345 30.72 11.93 20.06
CA LEU B 345 30.74 13.12 19.21
C LEU B 345 32.03 13.22 18.39
N ASN B 346 33.02 12.39 18.66
CA ASN B 346 34.27 12.41 17.91
C ASN B 346 34.19 11.56 16.65
N ARG B 347 33.39 10.51 16.66
CA ARG B 347 33.26 9.63 15.50
C ARG B 347 32.64 10.36 14.33
N SER C 7 26.21 -3.82 -45.51
CA SER C 7 26.80 -3.61 -44.19
C SER C 7 26.29 -4.67 -43.21
N ASN C 8 26.98 -4.81 -42.09
CA ASN C 8 26.58 -5.78 -41.08
C ASN C 8 25.23 -5.42 -40.47
N MET C 9 24.97 -4.12 -40.29
CA MET C 9 23.71 -3.70 -39.70
C MET C 9 22.54 -4.05 -40.60
N SER C 10 22.67 -3.83 -41.90
CA SER C 10 21.61 -4.18 -42.83
C SER C 10 21.41 -5.68 -42.88
N LEU C 11 22.50 -6.44 -42.79
CA LEU C 11 22.38 -7.90 -42.76
C LEU C 11 21.60 -8.36 -41.54
N VAL C 12 21.90 -7.79 -40.38
CA VAL C 12 21.18 -8.19 -39.17
C VAL C 12 19.71 -7.78 -39.27
N LYS C 13 19.43 -6.61 -39.82
CA LYS C 13 18.05 -6.18 -39.95
C LYS C 13 17.28 -7.12 -40.88
N GLU C 14 17.91 -7.52 -41.99
CA GLU C 14 17.26 -8.46 -42.88
C GLU C 14 17.01 -9.79 -42.20
N THR C 15 17.98 -10.28 -41.42
CA THR C 15 17.80 -11.53 -40.70
C THR C 15 16.62 -11.45 -39.73
N VAL C 16 16.54 -10.37 -38.97
CA VAL C 16 15.47 -10.25 -37.99
C VAL C 16 14.12 -10.11 -38.67
N ASP C 17 14.04 -9.32 -39.74
CA ASP C 17 12.80 -9.20 -40.48
C ASP C 17 12.35 -10.53 -41.05
N ARG C 18 13.31 -11.34 -41.52
CA ARG C 18 12.95 -12.67 -42.01
C ARG C 18 12.46 -13.56 -40.88
N LEU C 19 13.07 -13.46 -39.71
CA LEU C 19 12.64 -14.28 -38.59
C LEU C 19 11.21 -13.96 -38.20
N LEU C 20 10.90 -12.68 -38.03
CA LEU C 20 9.58 -12.30 -37.54
C LEU C 20 8.50 -12.35 -38.61
N LYS C 21 8.85 -12.58 -39.87
CA LYS C 21 7.85 -12.69 -40.92
C LYS C 21 7.27 -14.10 -40.94
N GLY C 22 5.95 -14.19 -41.02
CA GLY C 22 5.29 -15.49 -40.95
C GLY C 22 5.42 -16.15 -39.60
N TYR C 23 5.45 -15.38 -38.52
CA TYR C 23 5.59 -15.90 -37.17
C TYR C 23 4.24 -15.82 -36.47
N ASP C 24 3.76 -16.96 -35.99
CA ASP C 24 2.47 -17.04 -35.30
C ASP C 24 2.73 -17.03 -33.80
N ILE C 25 2.32 -15.96 -33.14
CA ILE C 25 2.53 -15.84 -31.70
C ILE C 25 1.54 -16.70 -30.93
N ARG C 26 0.40 -17.06 -31.53
CA ARG C 26 -0.58 -17.86 -30.82
C ARG C 26 -0.10 -19.28 -30.55
N LEU C 27 0.90 -19.76 -31.28
CA LEU C 27 1.35 -21.14 -31.20
C LEU C 27 2.72 -21.21 -30.53
N ARG C 28 2.82 -22.05 -29.50
CA ARG C 28 4.08 -22.28 -28.83
C ARG C 28 5.02 -23.04 -29.76
N PRO C 29 6.31 -23.06 -29.46
CA PRO C 29 7.22 -23.92 -30.23
C PRO C 29 6.80 -25.38 -30.13
N ASP C 30 6.83 -26.07 -31.27
CA ASP C 30 6.36 -27.44 -31.37
C ASP C 30 4.91 -27.55 -30.91
N PHE C 31 4.02 -26.90 -31.65
CA PHE C 31 2.63 -26.86 -31.24
C PHE C 31 1.92 -28.20 -31.38
N GLY C 32 2.43 -29.09 -32.22
CA GLY C 32 1.78 -30.38 -32.38
C GLY C 32 2.69 -31.55 -32.04
N GLY C 33 3.69 -31.31 -31.20
CA GLY C 33 4.66 -32.32 -30.88
C GLY C 33 4.96 -32.39 -29.41
N PRO C 34 6.20 -32.67 -29.04
CA PRO C 34 6.54 -32.84 -27.63
C PRO C 34 6.53 -31.51 -26.90
N PRO C 35 6.51 -31.53 -25.57
CA PRO C 35 6.50 -30.28 -24.83
C PRO C 35 7.84 -29.57 -24.93
N VAL C 36 7.80 -28.26 -24.75
CA VAL C 36 8.99 -27.43 -24.77
C VAL C 36 9.55 -27.34 -23.36
N ALA C 37 10.87 -27.30 -23.25
CA ALA C 37 11.56 -27.27 -21.97
C ALA C 37 12.00 -25.85 -21.67
N VAL C 38 11.52 -25.31 -20.55
CA VAL C 38 11.77 -23.93 -20.16
C VAL C 38 12.64 -23.97 -18.90
N GLY C 39 13.90 -23.55 -19.02
CA GLY C 39 14.81 -23.58 -17.89
C GLY C 39 14.81 -22.25 -17.15
N MET C 40 14.66 -22.32 -15.83
CA MET C 40 14.49 -21.15 -14.98
C MET C 40 15.77 -20.81 -14.23
N ASN C 41 16.01 -19.50 -14.07
CA ASN C 41 17.05 -18.97 -13.20
C ASN C 41 16.46 -17.83 -12.41
N ILE C 42 16.96 -17.63 -11.20
CA ILE C 42 16.53 -16.54 -10.35
C ILE C 42 17.75 -15.94 -9.69
N ASP C 43 17.91 -14.62 -9.79
CA ASP C 43 19.01 -13.92 -9.13
C ASP C 43 18.36 -12.94 -8.15
N ILE C 44 18.15 -13.41 -6.93
CA ILE C 44 17.42 -12.64 -5.92
C ILE C 44 18.23 -11.41 -5.51
N ALA C 45 17.66 -10.24 -5.78
CA ALA C 45 18.33 -8.98 -5.42
C ALA C 45 18.12 -8.67 -3.94
N SER C 46 16.90 -8.78 -3.44
CA SER C 46 16.64 -8.48 -2.05
C SER C 46 15.28 -9.04 -1.62
N ILE C 47 15.16 -9.28 -0.32
CA ILE C 47 13.89 -9.61 0.33
C ILE C 47 13.57 -8.44 1.24
N ASP C 48 12.61 -7.61 0.85
CA ASP C 48 12.47 -6.29 1.45
C ASP C 48 11.87 -6.36 2.85
N MET C 49 10.63 -6.81 2.97
CA MET C 49 9.91 -6.76 4.23
C MET C 49 9.17 -8.05 4.47
N VAL C 50 9.23 -8.54 5.70
CA VAL C 50 8.58 -9.78 6.11
C VAL C 50 7.54 -9.40 7.15
N SER C 51 6.30 -9.20 6.72
CA SER C 51 5.25 -8.65 7.57
C SER C 51 4.49 -9.77 8.25
N GLU C 52 4.36 -9.69 9.58
CA GLU C 52 3.56 -10.64 10.33
C GLU C 52 2.09 -10.27 10.37
N VAL C 53 1.75 -9.03 10.04
CA VAL C 53 0.36 -8.59 10.11
C VAL C 53 -0.38 -8.88 8.81
N ASN C 54 0.34 -8.87 7.69
CA ASN C 54 -0.23 -9.24 6.40
C ASN C 54 0.17 -10.64 5.98
N MET C 55 1.09 -11.28 6.71
CA MET C 55 1.52 -12.64 6.40
C MET C 55 2.05 -12.74 4.98
N ASP C 56 2.81 -11.73 4.57
CA ASP C 56 3.39 -11.68 3.24
C ASP C 56 4.86 -11.31 3.34
N TYR C 57 5.54 -11.32 2.20
CA TYR C 57 6.92 -10.89 2.13
C TYR C 57 7.21 -10.46 0.70
N THR C 58 7.94 -9.35 0.56
CA THR C 58 8.26 -8.77 -0.72
C THR C 58 9.69 -9.14 -1.12
N LEU C 59 9.84 -9.70 -2.32
CA LEU C 59 11.17 -10.03 -2.83
C LEU C 59 11.30 -9.51 -4.26
N THR C 60 12.48 -8.95 -4.54
CA THR C 60 12.84 -8.45 -5.85
C THR C 60 13.86 -9.41 -6.47
N MET C 61 13.60 -9.86 -7.69
CA MET C 61 14.42 -10.88 -8.31
C MET C 61 14.65 -10.56 -9.78
N TYR C 62 15.70 -11.20 -10.33
CA TYR C 62 15.99 -11.21 -11.76
C TYR C 62 15.57 -12.59 -12.25
N PHE C 63 14.33 -12.67 -12.73
CA PHE C 63 13.70 -13.91 -13.15
C PHE C 63 14.03 -14.16 -14.62
N GLN C 64 14.78 -15.21 -14.92
CA GLN C 64 15.21 -15.49 -16.28
C GLN C 64 14.70 -16.85 -16.74
N GLN C 65 14.21 -16.91 -17.98
CA GLN C 65 13.75 -18.15 -18.57
C GLN C 65 14.47 -18.38 -19.90
N ALA C 66 14.68 -19.64 -20.24
CA ALA C 66 15.43 -19.99 -21.44
C ALA C 66 14.77 -21.18 -22.11
N TRP C 67 14.27 -21.00 -23.31
CA TRP C 67 13.70 -22.11 -24.08
C TRP C 67 14.36 -22.17 -25.45
N ARG C 68 13.88 -23.07 -26.29
CA ARG C 68 14.43 -23.29 -27.63
C ARG C 68 13.32 -23.19 -28.67
N ASP C 69 13.27 -22.09 -29.39
CA ASP C 69 12.31 -21.90 -30.47
C ASP C 69 13.03 -22.12 -31.80
N LYS C 70 12.61 -23.15 -32.54
CA LYS C 70 13.27 -23.46 -33.80
C LYS C 70 12.97 -22.41 -34.87
N ARG C 71 11.88 -21.68 -34.74
CA ARG C 71 11.53 -20.68 -35.74
C ARG C 71 12.44 -19.46 -35.67
N LEU C 72 13.02 -19.18 -34.51
CA LEU C 72 13.97 -18.08 -34.36
C LEU C 72 15.40 -18.59 -34.46
N SER C 73 15.70 -19.26 -35.56
CA SER C 73 17.03 -19.83 -35.80
C SER C 73 17.59 -19.23 -37.07
N TYR C 74 18.79 -18.68 -36.97
CA TYR C 74 19.46 -18.02 -38.08
C TYR C 74 20.89 -18.53 -38.20
N ASN C 75 21.36 -18.64 -39.44
CA ASN C 75 22.69 -19.19 -39.72
C ASN C 75 23.42 -18.33 -40.74
N VAL C 76 23.25 -17.02 -40.64
CA VAL C 76 23.95 -16.07 -41.50
C VAL C 76 25.00 -15.29 -40.71
N ILE C 77 24.62 -14.74 -39.57
CA ILE C 77 25.52 -13.97 -38.73
C ILE C 77 25.95 -14.86 -37.56
N PRO C 78 27.19 -14.77 -37.09
CA PRO C 78 27.65 -15.65 -36.01
C PRO C 78 27.57 -15.07 -34.60
N LEU C 79 26.93 -13.93 -34.40
CA LEU C 79 26.89 -13.28 -33.10
C LEU C 79 25.55 -13.51 -32.41
N ASN C 80 25.58 -13.55 -31.09
CA ASN C 80 24.37 -13.72 -30.29
C ASN C 80 23.62 -12.39 -30.25
N LEU C 81 22.54 -12.31 -31.01
CA LEU C 81 21.79 -11.07 -31.13
C LEU C 81 21.18 -10.69 -29.79
N THR C 82 21.24 -9.39 -29.48
CA THR C 82 20.52 -8.81 -28.34
C THR C 82 19.64 -7.71 -28.89
N LEU C 83 18.34 -7.95 -28.85
CA LEU C 83 17.37 -7.02 -29.41
C LEU C 83 16.79 -6.13 -28.33
N ASP C 84 16.10 -5.07 -28.77
CA ASP C 84 15.42 -4.19 -27.85
C ASP C 84 14.37 -4.99 -27.08
N ASN C 85 14.04 -4.50 -25.89
CA ASN C 85 13.08 -5.21 -25.05
C ASN C 85 11.65 -5.13 -25.57
N ARG C 86 11.40 -4.43 -26.67
CA ARG C 86 10.05 -4.33 -27.20
C ARG C 86 9.72 -5.40 -28.22
N VAL C 87 10.71 -6.19 -28.66
CA VAL C 87 10.43 -7.29 -29.57
C VAL C 87 9.83 -8.48 -28.84
N ALA C 88 9.88 -8.49 -27.51
CA ALA C 88 9.25 -9.57 -26.75
C ALA C 88 7.74 -9.56 -26.87
N ASP C 89 7.15 -8.46 -27.35
CA ASP C 89 5.72 -8.43 -27.64
C ASP C 89 5.38 -9.08 -28.96
N GLN C 90 6.38 -9.60 -29.69
CA GLN C 90 6.15 -10.24 -30.97
C GLN C 90 6.68 -11.66 -31.02
N LEU C 91 7.24 -12.16 -29.93
CA LEU C 91 7.66 -13.54 -29.80
C LEU C 91 6.67 -14.28 -28.90
N TRP C 92 6.90 -15.58 -28.75
CA TRP C 92 6.17 -16.40 -27.81
C TRP C 92 6.99 -16.52 -26.53
N VAL C 93 6.39 -16.21 -25.40
CA VAL C 93 7.04 -16.34 -24.11
C VAL C 93 6.13 -17.15 -23.19
N PRO C 94 6.66 -18.04 -22.36
CA PRO C 94 5.80 -18.92 -21.58
C PRO C 94 4.95 -18.17 -20.57
N ASP C 95 3.77 -18.70 -20.32
CA ASP C 95 2.76 -18.07 -19.46
C ASP C 95 3.00 -18.39 -17.99
N THR C 96 4.16 -17.99 -17.49
CA THR C 96 4.55 -18.28 -16.12
C THR C 96 3.89 -17.30 -15.16
N TYR C 97 3.39 -17.81 -14.03
CA TYR C 97 2.77 -16.99 -13.02
C TYR C 97 3.12 -17.55 -11.65
N PHE C 98 3.21 -16.65 -10.66
CA PHE C 98 3.47 -17.05 -9.28
C PHE C 98 2.14 -17.26 -8.57
N LEU C 99 1.94 -18.47 -8.04
CA LEU C 99 0.63 -18.82 -7.52
C LEU C 99 0.30 -18.08 -6.25
N ASN C 100 1.28 -17.81 -5.40
CA ASN C 100 1.03 -17.23 -4.08
C ASN C 100 1.49 -15.78 -4.01
N ASP C 101 1.40 -15.05 -5.11
CA ASP C 101 1.71 -13.64 -5.11
C ASP C 101 0.43 -12.83 -4.93
N LYS C 102 0.59 -11.63 -4.41
CA LYS C 102 -0.53 -10.73 -4.17
C LYS C 102 -0.45 -9.46 -4.96
N LYS C 103 0.75 -8.89 -5.11
CA LYS C 103 0.93 -7.65 -5.86
C LYS C 103 2.35 -7.64 -6.40
N SER C 104 2.50 -7.66 -7.72
CA SER C 104 3.81 -7.74 -8.35
C SER C 104 3.84 -6.87 -9.60
N PHE C 105 5.06 -6.54 -10.05
CA PHE C 105 5.22 -5.66 -11.19
C PHE C 105 6.62 -5.83 -11.77
N VAL C 106 6.72 -5.67 -13.09
CA VAL C 106 8.01 -5.54 -13.76
C VAL C 106 8.44 -4.09 -13.72
N HIS C 107 9.65 -3.84 -13.21
CA HIS C 107 10.12 -2.47 -13.08
C HIS C 107 10.19 -1.81 -14.45
N GLY C 108 9.66 -0.60 -14.56
CA GLY C 108 9.54 0.07 -15.83
C GLY C 108 10.28 1.38 -15.96
N VAL C 109 11.49 1.47 -15.43
CA VAL C 109 12.30 2.68 -15.53
C VAL C 109 13.74 2.26 -15.78
N THR C 110 14.40 2.86 -16.77
CA THR C 110 13.86 3.92 -17.61
C THR C 110 13.01 3.36 -18.74
N VAL C 111 13.12 2.05 -18.95
CA VAL C 111 12.26 1.31 -19.85
C VAL C 111 11.70 0.11 -19.10
N LYS C 112 10.89 -0.69 -19.78
CA LYS C 112 10.43 -1.94 -19.19
C LYS C 112 11.63 -2.85 -18.98
N ASN C 113 11.94 -3.16 -17.72
CA ASN C 113 13.17 -3.89 -17.39
C ASN C 113 12.98 -5.34 -17.82
N ARG C 114 13.21 -5.61 -19.10
CA ARG C 114 13.26 -6.98 -19.57
C ARG C 114 14.35 -7.11 -20.62
N MET C 115 14.83 -8.33 -20.75
CA MET C 115 15.92 -8.68 -21.65
C MET C 115 15.44 -9.79 -22.54
N ILE C 116 15.62 -9.63 -23.85
CA ILE C 116 15.40 -10.71 -24.81
C ILE C 116 16.71 -10.92 -25.55
N ARG C 117 17.09 -12.18 -25.74
CA ARG C 117 18.43 -12.48 -26.26
C ARG C 117 18.37 -13.79 -27.03
N LEU C 118 18.41 -13.70 -28.36
CA LEU C 118 18.41 -14.87 -29.22
C LEU C 118 19.80 -15.51 -29.28
N HIS C 119 19.85 -16.67 -29.92
CA HIS C 119 21.07 -17.39 -30.22
C HIS C 119 20.92 -18.01 -31.60
N PRO C 120 22.02 -18.25 -32.31
CA PRO C 120 21.91 -18.72 -33.70
C PRO C 120 21.31 -20.11 -33.84
N ASP C 121 21.04 -20.82 -32.76
CA ASP C 121 20.43 -22.16 -32.84
C ASP C 121 18.98 -22.17 -32.40
N GLY C 122 18.39 -21.01 -32.15
CA GLY C 122 17.01 -20.92 -31.74
C GLY C 122 16.80 -20.65 -30.27
N THR C 123 17.82 -20.90 -29.44
CA THR C 123 17.68 -20.67 -28.01
C THR C 123 17.33 -19.22 -27.73
N VAL C 124 16.34 -19.01 -26.87
CA VAL C 124 15.88 -17.69 -26.47
C VAL C 124 16.07 -17.57 -24.97
N LEU C 125 16.68 -16.46 -24.55
CA LEU C 125 16.76 -16.09 -23.14
C LEU C 125 15.88 -14.86 -22.93
N TYR C 126 15.22 -14.82 -21.78
CA TYR C 126 14.19 -13.83 -21.54
C TYR C 126 14.14 -13.54 -20.04
N GLY C 127 14.66 -12.39 -19.64
CA GLY C 127 14.76 -12.02 -18.25
C GLY C 127 13.85 -10.85 -17.91
N LEU C 128 13.34 -10.85 -16.68
CA LEU C 128 12.56 -9.76 -16.13
C LEU C 128 13.13 -9.39 -14.77
N ARG C 129 12.75 -8.22 -14.29
CA ARG C 129 13.13 -7.73 -12.96
C ARG C 129 11.84 -7.53 -12.18
N ILE C 130 11.45 -8.55 -11.43
CA ILE C 130 10.14 -8.60 -10.81
C ILE C 130 10.26 -8.27 -9.32
N THR C 131 9.16 -7.78 -8.75
CA THR C 131 9.06 -7.50 -7.31
C THR C 131 7.74 -8.06 -6.81
N THR C 132 7.75 -9.31 -6.34
CA THR C 132 6.54 -10.00 -5.92
C THR C 132 6.34 -9.87 -4.42
N THR C 133 5.11 -9.51 -4.01
CA THR C 133 4.71 -9.54 -2.61
C THR C 133 3.97 -10.86 -2.35
N ALA C 134 4.74 -11.92 -2.16
CA ALA C 134 4.15 -13.24 -2.00
C ALA C 134 3.50 -13.40 -0.63
N ALA C 135 2.63 -14.39 -0.52
CA ALA C 135 1.92 -14.67 0.72
C ALA C 135 2.70 -15.66 1.55
N CYS C 136 2.85 -15.35 2.85
CA CYS C 136 3.67 -16.12 3.79
C CYS C 136 2.85 -16.39 5.04
N MET C 137 2.07 -17.46 5.04
CA MET C 137 1.27 -17.80 6.21
C MET C 137 2.18 -18.35 7.31
N MET C 138 2.22 -17.67 8.46
CA MET C 138 3.17 -17.95 9.51
C MET C 138 2.48 -18.60 10.71
N ASP C 139 3.18 -19.53 11.34
CA ASP C 139 2.73 -20.15 12.59
C ASP C 139 3.48 -19.48 13.73
N LEU C 140 2.80 -18.55 14.42
CA LEU C 140 3.42 -17.73 15.46
C LEU C 140 3.26 -18.31 16.86
N ARG C 141 3.14 -19.62 17.01
CA ARG C 141 2.99 -20.20 18.34
C ARG C 141 4.26 -20.17 19.16
N ARG C 142 5.40 -19.82 18.55
CA ARG C 142 6.66 -19.69 19.26
C ARG C 142 7.21 -18.28 19.19
N TYR C 143 6.45 -17.36 18.60
CA TYR C 143 6.92 -16.00 18.39
C TYR C 143 7.39 -15.41 19.72
N PRO C 144 8.56 -14.73 19.75
CA PRO C 144 9.45 -14.42 18.64
C PRO C 144 10.57 -15.43 18.42
N LEU C 145 10.48 -16.60 19.05
CA LEU C 145 11.46 -17.66 18.89
C LEU C 145 11.04 -18.65 17.82
N ASP C 146 10.74 -18.17 16.61
CA ASP C 146 10.14 -19.00 15.59
C ASP C 146 11.00 -19.02 14.33
N GLU C 147 10.92 -20.13 13.60
CA GLU C 147 11.58 -20.31 12.32
C GLU C 147 10.51 -20.44 11.25
N GLN C 148 10.43 -19.47 10.36
CA GLN C 148 9.39 -19.48 9.34
C GLN C 148 9.87 -20.16 8.07
N ASN C 149 8.91 -20.57 7.25
CA ASN C 149 9.17 -21.28 5.99
C ASN C 149 8.03 -20.93 5.05
N CYS C 150 8.26 -19.99 4.14
CA CYS C 150 7.29 -19.68 3.11
C CYS C 150 7.95 -19.56 1.75
N THR C 151 7.23 -20.04 0.74
CA THR C 151 7.75 -20.43 -0.55
C THR C 151 7.47 -19.39 -1.63
N LEU C 152 7.80 -19.77 -2.87
CA LEU C 152 7.45 -19.02 -4.08
C LEU C 152 7.18 -20.05 -5.17
N GLU C 153 5.90 -20.36 -5.37
CA GLU C 153 5.46 -21.36 -6.35
C GLU C 153 5.37 -20.72 -7.74
N ILE C 154 6.12 -21.27 -8.69
CA ILE C 154 6.20 -20.77 -10.05
C ILE C 154 5.53 -21.80 -10.96
N GLU C 155 4.34 -21.49 -11.47
CA GLU C 155 3.56 -22.45 -12.25
C GLU C 155 3.18 -21.84 -13.59
N SER C 156 3.01 -22.69 -14.59
CA SER C 156 2.50 -22.27 -15.89
C SER C 156 0.98 -22.30 -15.88
N TYR C 157 0.35 -21.24 -16.40
CA TYR C 157 -1.10 -21.15 -16.30
C TYR C 157 -1.79 -21.95 -17.40
N GLY C 158 -1.54 -21.60 -18.66
CA GLY C 158 -2.32 -22.18 -19.74
C GLY C 158 -1.90 -23.56 -20.17
N TYR C 159 -0.63 -23.88 -20.09
CA TYR C 159 -0.07 -25.07 -20.72
C TYR C 159 0.09 -26.19 -19.71
N THR C 160 -0.51 -27.35 -20.02
CA THR C 160 -0.39 -28.51 -19.17
C THR C 160 1.03 -29.06 -19.23
N THR C 161 1.26 -30.16 -18.49
CA THR C 161 2.58 -30.77 -18.46
C THR C 161 2.92 -31.48 -19.76
N ASP C 162 1.94 -31.75 -20.62
CA ASP C 162 2.21 -32.28 -21.95
C ASP C 162 2.36 -31.19 -22.99
N ASP C 163 2.59 -29.95 -22.56
CA ASP C 163 2.86 -28.84 -23.45
C ASP C 163 4.01 -27.97 -22.99
N ILE C 164 4.57 -28.21 -21.81
CA ILE C 164 5.66 -27.40 -21.30
C ILE C 164 6.30 -28.17 -20.15
N GLU C 165 7.58 -27.92 -19.92
CA GLU C 165 8.32 -28.60 -18.85
C GLU C 165 9.22 -27.60 -18.15
N PHE C 166 9.00 -27.42 -16.85
CA PHE C 166 9.79 -26.51 -16.05
C PHE C 166 10.93 -27.27 -15.37
N TYR C 167 12.11 -26.68 -15.38
CA TYR C 167 13.26 -27.27 -14.71
C TYR C 167 14.25 -26.17 -14.36
N TRP C 168 14.84 -26.26 -13.18
CA TRP C 168 15.86 -25.32 -12.78
C TRP C 168 17.11 -25.51 -13.64
N ARG C 169 17.71 -24.40 -14.05
CA ARG C 169 18.90 -24.43 -14.90
C ARG C 169 20.14 -24.49 -14.01
N GLY C 170 20.73 -25.67 -13.91
CA GLY C 170 21.84 -25.90 -13.00
C GLY C 170 21.40 -26.76 -11.83
N ASP C 171 20.17 -26.56 -11.37
CA ASP C 171 19.51 -27.39 -10.39
C ASP C 171 20.05 -27.21 -8.97
N ASP C 172 21.19 -26.54 -8.84
CA ASP C 172 21.64 -26.05 -7.54
C ASP C 172 22.21 -24.64 -7.59
N ASN C 173 22.78 -24.21 -8.72
CA ASN C 173 23.20 -22.84 -8.93
C ASN C 173 22.17 -22.02 -9.68
N ALA C 174 20.92 -22.49 -9.71
CA ALA C 174 19.86 -21.74 -10.37
C ALA C 174 19.57 -20.46 -9.62
N VAL C 175 19.40 -20.55 -8.31
CA VAL C 175 19.07 -19.41 -7.47
C VAL C 175 20.34 -18.91 -6.81
N THR C 176 20.77 -17.71 -7.17
CA THR C 176 21.96 -17.09 -6.60
C THR C 176 21.59 -15.85 -5.81
N GLY C 177 22.57 -15.32 -5.10
CA GLY C 177 22.37 -14.11 -4.33
C GLY C 177 21.63 -14.27 -3.02
N VAL C 178 21.54 -15.49 -2.50
CA VAL C 178 20.83 -15.69 -1.24
C VAL C 178 21.74 -15.43 -0.05
N THR C 179 23.03 -15.76 -0.16
CA THR C 179 23.96 -15.55 0.93
C THR C 179 24.37 -14.09 1.10
N LYS C 180 23.91 -13.20 0.21
CA LYS C 180 24.16 -11.77 0.35
C LYS C 180 22.95 -11.02 0.89
N ILE C 181 21.82 -11.69 1.05
CA ILE C 181 20.62 -11.06 1.58
C ILE C 181 20.82 -10.79 3.07
N GLU C 182 20.72 -9.53 3.46
CA GLU C 182 20.85 -9.14 4.85
C GLU C 182 19.51 -8.57 5.32
N LEU C 183 18.80 -9.34 6.13
CA LEU C 183 17.53 -8.87 6.65
C LEU C 183 17.75 -8.22 8.02
N PRO C 184 16.95 -7.21 8.38
CA PRO C 184 17.18 -6.55 9.66
C PRO C 184 16.80 -7.38 10.85
N GLN C 185 15.82 -8.28 10.71
CA GLN C 185 15.32 -9.08 11.80
C GLN C 185 15.59 -10.57 11.63
N PHE C 186 15.21 -11.15 10.50
CA PHE C 186 15.37 -12.57 10.26
C PHE C 186 16.80 -12.89 9.82
N SER C 187 17.02 -14.14 9.42
CA SER C 187 18.31 -14.57 8.91
C SER C 187 18.10 -15.86 8.13
N ILE C 188 18.42 -15.84 6.84
CA ILE C 188 18.16 -17.00 5.99
C ILE C 188 18.98 -18.17 6.49
N VAL C 189 18.31 -19.26 6.84
CA VAL C 189 18.98 -20.46 7.34
C VAL C 189 19.24 -21.45 6.21
N ASP C 190 18.25 -21.67 5.34
CA ASP C 190 18.38 -22.64 4.27
C ASP C 190 17.41 -22.27 3.16
N TYR C 191 17.72 -22.72 1.95
CA TYR C 191 16.83 -22.57 0.81
C TYR C 191 16.87 -23.82 -0.05
N LYS C 192 15.72 -24.17 -0.62
CA LYS C 192 15.56 -25.39 -1.40
C LYS C 192 14.79 -25.12 -2.67
N LEU C 193 15.14 -25.87 -3.72
CA LEU C 193 14.49 -25.80 -5.03
C LEU C 193 13.79 -27.13 -5.30
N ILE C 194 12.50 -27.07 -5.59
CA ILE C 194 11.68 -28.27 -5.77
C ILE C 194 11.02 -28.22 -7.14
N THR C 195 10.71 -29.41 -7.67
CA THR C 195 10.08 -29.57 -8.98
C THR C 195 8.94 -30.57 -8.87
N LYS C 196 7.71 -30.11 -9.10
CA LYS C 196 6.51 -30.92 -8.94
C LYS C 196 5.62 -30.79 -10.17
N LYS C 197 4.54 -31.58 -10.18
CA LYS C 197 3.50 -31.49 -11.20
C LYS C 197 2.15 -31.48 -10.49
N VAL C 198 1.60 -30.29 -10.25
CA VAL C 198 0.33 -30.20 -9.54
C VAL C 198 -0.82 -30.55 -10.47
N VAL C 199 -1.93 -30.99 -9.88
CA VAL C 199 -3.09 -31.45 -10.64
C VAL C 199 -4.30 -30.59 -10.26
N PHE C 200 -4.86 -29.91 -11.24
CA PHE C 200 -6.13 -29.21 -11.09
C PHE C 200 -7.17 -29.88 -11.99
N SER C 201 -8.42 -29.46 -11.82
CA SER C 201 -9.51 -30.06 -12.57
C SER C 201 -9.38 -29.83 -14.07
N THR C 202 -8.43 -29.02 -14.51
CA THR C 202 -8.23 -28.76 -15.93
C THR C 202 -6.97 -29.42 -16.48
N GLY C 203 -6.20 -30.12 -15.66
CA GLY C 203 -5.05 -30.84 -16.16
C GLY C 203 -4.01 -30.99 -15.06
N SER C 204 -2.78 -31.27 -15.50
CA SER C 204 -1.64 -31.41 -14.61
C SER C 204 -0.55 -30.48 -15.11
N TYR C 205 -0.26 -29.44 -14.33
CA TYR C 205 0.65 -28.39 -14.71
C TYR C 205 1.97 -28.50 -13.96
N PRO C 206 3.09 -28.15 -14.60
CA PRO C 206 4.37 -28.19 -13.92
C PRO C 206 4.47 -27.08 -12.88
N ARG C 207 5.39 -27.26 -11.95
CA ARG C 207 5.56 -26.25 -10.91
C ARG C 207 6.96 -26.35 -10.36
N LEU C 208 7.57 -25.19 -10.13
CA LEU C 208 8.81 -25.10 -9.38
C LEU C 208 8.51 -24.39 -8.08
N SER C 209 9.26 -24.73 -7.04
CA SER C 209 9.09 -24.08 -5.75
C SER C 209 10.44 -23.61 -5.26
N LEU C 210 10.51 -22.35 -4.85
CA LEU C 210 11.71 -21.83 -4.19
C LEU C 210 11.33 -21.55 -2.74
N SER C 211 12.00 -22.21 -1.80
CA SER C 211 11.60 -22.20 -0.40
C SER C 211 12.75 -21.71 0.46
N PHE C 212 12.48 -20.72 1.31
CA PHE C 212 13.44 -20.25 2.29
C PHE C 212 13.09 -20.79 3.68
N LYS C 213 14.00 -20.55 4.62
CA LYS C 213 13.76 -20.85 6.03
C LYS C 213 14.37 -19.72 6.85
N LEU C 214 13.53 -18.81 7.32
CA LEU C 214 13.97 -17.63 8.04
C LEU C 214 13.88 -17.87 9.54
N LYS C 215 15.00 -17.73 10.24
CA LYS C 215 15.05 -17.83 11.68
C LYS C 215 15.10 -16.42 12.25
N ARG C 216 14.16 -16.09 13.14
CA ARG C 216 14.07 -14.74 13.67
C ARG C 216 15.12 -14.48 14.72
N ASN C 217 15.73 -13.29 14.66
CA ASN C 217 16.70 -12.86 15.65
C ASN C 217 15.97 -12.40 16.90
N ILE C 218 16.54 -12.69 18.06
CA ILE C 218 15.89 -12.43 19.34
C ILE C 218 16.52 -11.26 20.08
N GLY C 219 17.49 -10.56 19.46
CA GLY C 219 18.11 -9.45 20.15
C GLY C 219 17.15 -8.30 20.38
N TYR C 220 16.36 -7.96 19.36
CA TYR C 220 15.47 -6.81 19.48
C TYR C 220 14.41 -7.04 20.54
N PHE C 221 13.87 -8.26 20.62
CA PHE C 221 12.82 -8.55 21.59
C PHE C 221 13.38 -8.66 23.00
N ILE C 222 14.55 -9.28 23.15
CA ILE C 222 15.21 -9.27 24.45
C ILE C 222 15.44 -7.83 24.89
N LEU C 223 15.69 -6.94 23.94
CA LEU C 223 15.94 -5.55 24.28
C LEU C 223 14.66 -4.82 24.66
N GLN C 224 13.56 -5.12 23.97
CA GLN C 224 12.37 -4.28 24.02
C GLN C 224 11.28 -4.78 24.97
N THR C 225 11.02 -6.10 25.01
CA THR C 225 9.85 -6.59 25.74
C THR C 225 10.14 -7.57 26.87
N TYR C 226 11.29 -8.26 26.88
CA TYR C 226 11.57 -9.16 27.99
C TYR C 226 12.16 -8.41 29.17
N MET C 227 13.13 -7.54 28.92
CA MET C 227 13.80 -6.86 30.01
C MET C 227 12.88 -5.94 30.79
N PRO C 228 12.01 -5.14 30.17
CA PRO C 228 11.10 -4.30 30.98
C PRO C 228 10.22 -5.11 31.90
N SER C 229 9.67 -6.24 31.43
CA SER C 229 8.83 -7.05 32.30
C SER C 229 9.66 -7.68 33.42
N ILE C 230 10.87 -8.14 33.11
CA ILE C 230 11.71 -8.73 34.14
C ILE C 230 12.02 -7.70 35.22
N LEU C 231 12.41 -6.49 34.80
CA LEU C 231 12.75 -5.45 35.77
C LEU C 231 11.51 -4.98 36.54
N ILE C 232 10.34 -5.04 35.93
CA ILE C 232 9.13 -4.70 36.66
C ILE C 232 8.87 -5.73 37.76
N THR C 233 9.13 -7.00 37.46
CA THR C 233 8.99 -8.02 38.49
C THR C 233 10.03 -7.82 39.60
N ILE C 234 11.27 -7.50 39.24
CA ILE C 234 12.28 -7.22 40.26
C ILE C 234 11.82 -6.08 41.14
N LEU C 235 11.27 -5.02 40.53
CA LEU C 235 10.77 -3.90 41.32
C LEU C 235 9.65 -4.36 42.25
N SER C 236 8.74 -5.17 41.75
CA SER C 236 7.66 -5.68 42.61
C SER C 236 8.22 -6.42 43.81
N TRP C 237 9.35 -7.11 43.64
CA TRP C 237 9.91 -7.84 44.76
C TRP C 237 10.38 -6.93 45.89
N VAL C 238 10.63 -5.64 45.60
CA VAL C 238 11.08 -4.72 46.64
C VAL C 238 10.02 -4.59 47.72
N SER C 239 8.75 -4.79 47.38
CA SER C 239 7.67 -4.61 48.35
C SER C 239 7.79 -5.52 49.56
N PHE C 240 8.72 -6.47 49.56
CA PHE C 240 8.88 -7.36 50.70
C PHE C 240 9.85 -6.82 51.74
N TRP C 241 10.83 -6.02 51.33
CA TRP C 241 11.78 -5.44 52.27
C TRP C 241 11.20 -4.26 53.04
N ILE C 242 10.13 -3.65 52.53
CA ILE C 242 9.43 -2.60 53.28
C ILE C 242 8.71 -3.23 54.47
N ASN C 243 8.68 -2.51 55.58
CA ASN C 243 7.97 -2.99 56.76
C ASN C 243 6.48 -3.12 56.45
N TYR C 244 5.86 -4.14 57.06
CA TYR C 244 4.46 -4.41 56.78
C TYR C 244 3.51 -3.38 57.38
N ASP C 245 4.02 -2.40 58.14
CA ASP C 245 3.14 -1.36 58.65
C ASP C 245 2.83 -0.32 57.59
N ALA C 246 3.72 -0.15 56.61
CA ALA C 246 3.49 0.81 55.54
C ALA C 246 2.40 0.29 54.62
N SER C 247 1.27 1.00 54.58
CA SER C 247 0.12 0.57 53.79
C SER C 247 0.07 1.23 52.42
N ALA C 248 0.58 2.46 52.30
CA ALA C 248 0.58 3.14 51.01
C ALA C 248 1.77 2.72 50.16
N ALA C 249 2.97 2.70 50.75
CA ALA C 249 4.17 2.35 50.00
C ALA C 249 4.00 1.00 49.30
N ARG C 250 3.74 -0.05 50.08
CA ARG C 250 3.63 -1.38 49.50
C ARG C 250 2.50 -1.44 48.47
N VAL C 251 1.37 -0.81 48.77
CA VAL C 251 0.26 -0.82 47.83
C VAL C 251 0.63 -0.07 46.57
N ALA C 252 1.28 1.10 46.72
CA ALA C 252 1.77 1.82 45.56
C ALA C 252 2.61 0.90 44.68
N LEU C 253 3.59 0.22 45.29
CA LEU C 253 4.42 -0.72 44.54
C LEU C 253 3.56 -1.70 43.76
N GLY C 254 2.75 -2.48 44.47
CA GLY C 254 2.02 -3.56 43.82
C GLY C 254 1.05 -3.07 42.76
N ILE C 255 0.49 -1.87 42.93
CA ILE C 255 -0.53 -1.42 42.00
C ILE C 255 0.11 -0.82 40.77
N THR C 256 1.17 -0.04 40.96
CA THR C 256 1.90 0.48 39.82
C THR C 256 2.44 -0.66 38.99
N THR C 257 2.97 -1.69 39.66
CA THR C 257 3.51 -2.84 38.94
C THR C 257 2.42 -3.53 38.13
N VAL C 258 1.28 -3.84 38.76
CA VAL C 258 0.20 -4.52 38.06
C VAL C 258 -0.18 -3.71 36.81
N LEU C 259 -0.52 -2.45 37.01
CA LEU C 259 -0.95 -1.61 35.88
C LEU C 259 0.11 -1.59 34.79
N THR C 260 1.38 -1.39 35.16
CA THR C 260 2.46 -1.37 34.20
C THR C 260 2.46 -2.65 33.36
N MET C 261 2.53 -3.79 34.03
CA MET C 261 2.54 -5.07 33.32
C MET C 261 1.38 -5.15 32.32
N THR C 262 0.16 -4.93 32.80
CA THR C 262 -0.99 -5.11 31.91
C THR C 262 -0.92 -4.16 30.73
N THR C 263 -0.53 -2.91 30.96
CA THR C 263 -0.43 -1.95 29.87
C THR C 263 0.61 -2.39 28.85
N ILE C 264 1.78 -2.80 29.32
CA ILE C 264 2.82 -3.30 28.41
C ILE C 264 2.27 -4.43 27.56
N ASN C 265 1.58 -5.37 28.20
CA ASN C 265 0.99 -6.49 27.46
C ASN C 265 0.07 -5.98 26.35
N THR C 266 -0.90 -5.14 26.72
CA THR C 266 -1.87 -4.64 25.74
C THR C 266 -1.15 -3.96 24.58
N HIS C 267 -0.16 -3.11 24.89
CA HIS C 267 0.54 -2.41 23.83
C HIS C 267 1.29 -3.38 22.93
N LEU C 268 1.95 -4.37 23.53
CA LEU C 268 2.69 -5.36 22.74
C LEU C 268 1.78 -6.08 21.77
N ARG C 269 0.52 -6.32 22.14
CA ARG C 269 -0.36 -7.06 21.24
C ARG C 269 -0.84 -6.22 20.06
N GLU C 270 -0.60 -4.91 20.06
CA GLU C 270 -1.05 -4.06 18.96
C GLU C 270 -0.21 -4.20 17.70
N THR C 271 0.99 -4.78 17.79
CA THR C 271 1.87 -4.92 16.64
C THR C 271 1.65 -6.22 15.87
N LEU C 272 0.76 -7.09 16.33
CA LEU C 272 0.50 -8.38 15.73
C LEU C 272 -0.95 -8.46 15.28
N PRO C 273 -1.29 -9.37 14.38
CA PRO C 273 -2.68 -9.53 13.97
C PRO C 273 -3.49 -10.23 15.06
N LYS C 274 -4.79 -10.37 14.81
CA LYS C 274 -5.69 -10.99 15.78
C LYS C 274 -5.50 -12.50 15.70
N ILE C 275 -4.39 -12.96 16.28
CA ILE C 275 -4.04 -14.37 16.25
C ILE C 275 -4.72 -15.06 17.43
N PRO C 276 -5.43 -16.17 17.23
CA PRO C 276 -6.26 -16.72 18.31
C PRO C 276 -5.53 -17.58 19.34
N TYR C 277 -4.23 -17.81 19.20
CA TYR C 277 -3.51 -18.67 20.14
C TYR C 277 -2.55 -17.85 21.00
N VAL C 278 -1.90 -18.52 21.93
CA VAL C 278 -1.03 -17.90 22.92
C VAL C 278 0.40 -18.03 22.42
N LYS C 279 1.00 -16.91 22.03
CA LYS C 279 2.39 -16.90 21.60
C LYS C 279 3.31 -17.12 22.80
N ALA C 280 4.61 -17.20 22.53
CA ALA C 280 5.56 -17.40 23.62
C ALA C 280 5.73 -16.14 24.46
N ILE C 281 5.76 -14.98 23.80
CA ILE C 281 5.88 -13.72 24.53
C ILE C 281 4.63 -13.48 25.36
N ASP C 282 3.48 -13.91 24.87
CA ASP C 282 2.26 -13.82 25.66
C ASP C 282 2.35 -14.69 26.90
N MET C 283 2.96 -15.87 26.77
CA MET C 283 3.13 -16.72 27.94
C MET C 283 4.06 -16.08 28.95
N TYR C 284 5.15 -15.46 28.50
CA TYR C 284 6.04 -14.79 29.42
C TYR C 284 5.35 -13.64 30.13
N LEU C 285 4.59 -12.83 29.39
CA LEU C 285 3.91 -11.70 30.01
C LEU C 285 2.85 -12.17 30.99
N MET C 286 2.14 -13.25 30.68
CA MET C 286 1.15 -13.78 31.61
C MET C 286 1.82 -14.31 32.87
N GLY C 287 2.97 -14.96 32.74
CA GLY C 287 3.68 -15.42 33.93
C GLY C 287 4.15 -14.26 34.79
N CYS C 288 4.70 -13.22 34.16
CA CYS C 288 5.15 -12.06 34.91
C CYS C 288 3.99 -11.38 35.61
N PHE C 289 2.84 -11.30 34.94
CA PHE C 289 1.67 -10.69 35.56
C PHE C 289 1.16 -11.52 36.72
N VAL C 290 1.23 -12.85 36.61
CA VAL C 290 0.84 -13.70 37.73
C VAL C 290 1.78 -13.46 38.91
N PHE C 291 3.08 -13.34 38.65
CA PHE C 291 4.02 -13.09 39.75
C PHE C 291 3.72 -11.75 40.42
N VAL C 292 3.43 -10.72 39.63
CA VAL C 292 3.11 -9.42 40.22
C VAL C 292 1.84 -9.50 41.05
N PHE C 293 0.79 -10.09 40.48
CA PHE C 293 -0.47 -10.23 41.20
C PHE C 293 -0.27 -10.98 42.50
N MET C 294 0.54 -12.05 42.47
CA MET C 294 0.78 -12.81 43.69
C MET C 294 1.52 -11.96 44.72
N ALA C 295 2.46 -11.12 44.28
CA ALA C 295 3.13 -10.25 45.23
C ALA C 295 2.13 -9.30 45.89
N LEU C 296 1.24 -8.72 45.10
CA LEU C 296 0.24 -7.81 45.67
C LEU C 296 -0.69 -8.54 46.63
N LEU C 297 -1.06 -9.78 46.30
CA LEU C 297 -1.98 -10.50 47.16
C LEU C 297 -1.28 -11.07 48.37
N GLU C 298 0.05 -11.14 48.34
CA GLU C 298 0.78 -11.55 49.53
C GLU C 298 0.95 -10.37 50.47
N TYR C 299 1.10 -9.16 49.92
CA TYR C 299 1.06 -8.00 50.80
C TYR C 299 -0.33 -7.89 51.42
N ALA C 300 -1.37 -8.22 50.65
CA ALA C 300 -2.72 -8.09 51.18
C ALA C 300 -2.98 -9.14 52.26
N LEU C 301 -2.48 -10.35 52.06
CA LEU C 301 -2.61 -11.37 53.09
C LEU C 301 -1.86 -10.97 54.36
N VAL C 302 -0.68 -10.36 54.20
CA VAL C 302 0.05 -9.89 55.36
C VAL C 302 -0.74 -8.80 56.09
N ASN C 303 -1.33 -7.88 55.33
CA ASN C 303 -2.12 -6.81 55.92
C ASN C 303 -3.39 -7.33 56.59
N TYR C 304 -3.90 -8.48 56.15
CA TYR C 304 -5.10 -9.04 56.78
C TYR C 304 -4.81 -9.52 58.20
N ILE C 305 -3.72 -10.27 58.37
CA ILE C 305 -3.41 -10.87 59.66
C ILE C 305 -2.35 -10.08 60.41
N PHE C 306 -2.13 -8.81 60.03
CA PHE C 306 -1.12 -8.02 60.71
C PHE C 306 -1.54 -7.69 62.14
N PHE C 307 -2.74 -7.17 62.32
CA PHE C 307 -3.19 -6.77 63.65
C PHE C 307 -3.31 -7.98 64.58
N SER C 308 -3.66 -9.15 64.03
CA SER C 308 -3.90 -10.31 64.89
C SER C 308 -2.59 -10.93 65.39
N GLN C 309 -1.60 -11.08 64.52
CA GLN C 309 -0.37 -11.76 64.89
C GLN C 309 0.78 -11.29 63.99
N PRO C 310 1.57 -10.31 64.44
CA PRO C 310 2.66 -9.81 63.57
C PRO C 310 3.79 -10.81 63.38
N ALA C 311 3.92 -11.82 64.23
CA ALA C 311 4.99 -12.80 64.04
C ALA C 311 4.78 -13.55 62.73
N ARG C 312 3.55 -14.00 62.47
CA ARG C 312 3.26 -14.67 61.22
C ARG C 312 3.49 -13.74 60.04
N ALA C 313 3.16 -12.46 60.20
CA ALA C 313 3.37 -11.49 59.13
C ALA C 313 4.84 -11.37 58.77
N ALA C 314 5.70 -11.21 59.78
CA ALA C 314 7.13 -11.11 59.52
C ALA C 314 7.66 -12.40 58.92
N ALA C 315 7.16 -13.54 59.39
CA ALA C 315 7.60 -14.82 58.83
C ALA C 315 7.21 -14.92 57.36
N ILE C 316 6.00 -14.48 57.02
CA ILE C 316 5.57 -14.52 55.63
C ILE C 316 6.39 -13.57 54.78
N ASP C 317 6.75 -12.41 55.32
CA ASP C 317 7.59 -11.48 54.55
C ASP C 317 8.96 -12.10 54.29
N ARG C 318 9.55 -12.75 55.29
CA ARG C 318 10.84 -13.41 55.06
C ARG C 318 10.70 -14.52 54.03
N TRP C 319 9.67 -15.35 54.17
CA TRP C 319 9.47 -16.45 53.22
C TRP C 319 9.28 -15.91 51.82
N SER C 320 8.60 -14.78 51.67
CA SER C 320 8.42 -14.18 50.35
C SER C 320 9.75 -13.69 49.80
N ARG C 321 10.50 -12.95 50.62
CA ARG C 321 11.82 -12.50 50.19
C ARG C 321 12.67 -13.66 49.71
N ILE C 322 12.52 -14.82 50.32
CA ILE C 322 13.37 -15.95 49.95
C ILE C 322 12.82 -16.67 48.73
N PHE C 323 11.51 -16.82 48.61
CA PHE C 323 10.92 -17.77 47.68
C PHE C 323 10.18 -17.12 46.51
N PHE C 324 10.21 -15.81 46.36
CA PHE C 324 9.71 -15.27 45.10
C PHE C 324 10.80 -15.33 44.05
N PRO C 325 12.03 -14.90 44.36
CA PRO C 325 13.11 -15.05 43.37
C PRO C 325 13.38 -16.49 42.98
N VAL C 326 13.24 -17.44 43.90
CA VAL C 326 13.50 -18.84 43.55
C VAL C 326 12.48 -19.35 42.55
N VAL C 327 11.19 -19.13 42.82
CA VAL C 327 10.16 -19.60 41.91
C VAL C 327 10.25 -18.86 40.58
N PHE C 328 10.56 -17.57 40.61
CA PHE C 328 10.67 -16.85 39.35
C PHE C 328 11.84 -17.34 38.53
N SER C 329 12.97 -17.63 39.17
CA SER C 329 14.11 -18.16 38.43
C SER C 329 13.81 -19.55 37.87
N PHE C 330 13.09 -20.37 38.64
CA PHE C 330 12.73 -21.70 38.15
C PHE C 330 11.80 -21.62 36.95
N PHE C 331 10.79 -20.75 37.03
CA PHE C 331 9.89 -20.56 35.90
C PHE C 331 10.63 -20.02 34.70
N ASN C 332 11.53 -19.05 34.93
CA ASN C 332 12.28 -18.47 33.82
C ASN C 332 13.15 -19.52 33.14
N ILE C 333 13.79 -20.39 33.93
CA ILE C 333 14.67 -21.41 33.37
C ILE C 333 13.86 -22.42 32.57
N VAL C 334 12.74 -22.88 33.12
CA VAL C 334 11.94 -23.87 32.39
C VAL C 334 11.40 -23.24 31.12
N TYR C 335 11.06 -21.95 31.17
CA TYR C 335 10.61 -21.26 29.96
C TYR C 335 11.70 -21.25 28.90
N TRP C 336 12.88 -20.73 29.25
CA TRP C 336 13.94 -20.61 28.26
C TRP C 336 14.51 -21.95 27.84
N LEU C 337 14.14 -23.05 28.50
CA LEU C 337 14.52 -24.37 28.04
C LEU C 337 13.44 -25.05 27.23
N TYR C 338 12.17 -24.69 27.42
CA TYR C 338 11.11 -25.28 26.62
C TYR C 338 11.05 -24.68 25.22
N TYR C 339 11.36 -23.39 25.07
CA TYR C 339 11.23 -22.74 23.77
C TYR C 339 12.53 -22.74 22.99
N VAL C 340 13.66 -22.45 23.63
CA VAL C 340 14.94 -22.50 22.96
C VAL C 340 15.33 -23.95 22.69
N ASP D 10 5.92 -29.69 -40.09
CA ASP D 10 5.57 -28.29 -40.22
C ASP D 10 4.12 -28.05 -39.84
N ASN D 11 3.73 -28.49 -38.64
CA ASN D 11 2.36 -28.30 -38.18
C ASN D 11 2.04 -26.82 -37.94
N THR D 12 3.05 -25.97 -37.84
CA THR D 12 2.80 -24.56 -37.62
C THR D 12 1.95 -23.96 -38.73
N THR D 13 2.23 -24.30 -39.97
CA THR D 13 1.49 -23.69 -41.08
C THR D 13 0.05 -24.15 -41.10
N VAL D 14 -0.19 -25.45 -40.89
CA VAL D 14 -1.56 -25.94 -40.92
C VAL D 14 -2.36 -25.39 -39.74
N PHE D 15 -1.72 -25.25 -38.58
CA PHE D 15 -2.44 -24.70 -37.44
C PHE D 15 -2.69 -23.21 -37.60
N THR D 16 -1.77 -22.48 -38.22
CA THR D 16 -2.03 -21.08 -38.53
C THR D 16 -3.20 -20.96 -39.49
N ARG D 17 -3.26 -21.85 -40.48
CA ARG D 17 -4.37 -21.83 -41.42
C ARG D 17 -5.69 -22.13 -40.72
N ILE D 18 -5.67 -23.06 -39.77
CA ILE D 18 -6.88 -23.37 -39.00
C ILE D 18 -7.33 -22.14 -38.22
N LEU D 19 -6.40 -21.47 -37.55
CA LEU D 19 -6.76 -20.30 -36.75
C LEU D 19 -7.30 -19.18 -37.63
N ASP D 20 -6.67 -18.95 -38.78
CA ASP D 20 -7.13 -17.89 -39.67
C ASP D 20 -8.47 -18.23 -40.30
N ARG D 21 -8.78 -19.52 -40.46
CA ARG D 21 -10.11 -19.89 -40.91
C ARG D 21 -11.14 -19.69 -39.80
N LEU D 22 -10.74 -19.93 -38.54
CA LEU D 22 -11.65 -19.69 -37.42
C LEU D 22 -12.02 -18.21 -37.32
N LEU D 23 -11.02 -17.33 -37.36
CA LEU D 23 -11.32 -15.92 -37.18
C LEU D 23 -11.76 -15.23 -38.47
N ASP D 24 -11.69 -15.91 -39.62
CA ASP D 24 -12.15 -15.32 -40.87
C ASP D 24 -13.67 -15.28 -40.89
N GLY D 25 -14.23 -14.08 -40.83
CA GLY D 25 -15.67 -13.91 -40.79
C GLY D 25 -16.26 -14.12 -39.42
N TYR D 26 -15.57 -13.69 -38.37
CA TYR D 26 -16.02 -13.79 -36.99
C TYR D 26 -16.29 -12.39 -36.45
N ASP D 27 -17.44 -12.22 -35.80
CA ASP D 27 -17.84 -10.96 -35.22
C ASP D 27 -17.93 -11.15 -33.71
N ASN D 28 -16.99 -10.58 -32.97
CA ASN D 28 -16.95 -10.76 -31.53
C ASN D 28 -17.92 -9.84 -30.79
N ARG D 29 -18.81 -9.16 -31.49
CA ARG D 29 -19.84 -8.36 -30.85
C ARG D 29 -21.17 -9.09 -30.75
N LEU D 30 -21.23 -10.32 -31.25
CA LEU D 30 -22.46 -11.10 -31.31
C LEU D 30 -22.28 -12.36 -30.46
N ARG D 31 -23.19 -12.59 -29.53
CA ARG D 31 -23.10 -13.80 -28.72
C ARG D 31 -23.38 -15.02 -29.57
N PRO D 32 -22.84 -16.18 -29.19
CA PRO D 32 -23.10 -17.40 -29.95
C PRO D 32 -24.57 -17.80 -29.90
N GLY D 33 -25.15 -18.04 -31.07
CA GLY D 33 -26.57 -18.33 -31.17
C GLY D 33 -27.39 -17.10 -30.87
N LEU D 34 -27.20 -16.06 -31.67
CA LEU D 34 -27.87 -14.79 -31.42
C LEU D 34 -29.35 -14.84 -31.77
N GLY D 35 -29.73 -15.63 -32.76
CA GLY D 35 -31.10 -15.62 -33.22
C GLY D 35 -31.99 -16.66 -32.57
N GLU D 36 -31.54 -17.91 -32.53
CA GLU D 36 -32.41 -19.03 -32.21
C GLU D 36 -31.96 -19.77 -30.95
N ARG D 37 -31.24 -19.12 -30.06
CA ARG D 37 -30.73 -19.83 -28.89
C ARG D 37 -30.45 -18.85 -27.77
N VAL D 38 -30.47 -19.36 -26.55
CA VAL D 38 -30.04 -18.63 -25.37
C VAL D 38 -28.72 -19.23 -24.92
N THR D 39 -27.69 -18.40 -24.85
CA THR D 39 -26.36 -18.89 -24.53
C THR D 39 -26.34 -19.43 -23.10
N GLU D 40 -25.67 -20.57 -22.92
CA GLU D 40 -25.61 -21.26 -21.64
C GLU D 40 -24.17 -21.28 -21.15
N VAL D 41 -23.85 -20.44 -20.18
CA VAL D 41 -22.49 -20.33 -19.66
C VAL D 41 -22.38 -21.22 -18.42
N LYS D 42 -21.60 -22.28 -18.52
CA LYS D 42 -21.41 -23.22 -17.40
C LYS D 42 -20.18 -22.79 -16.60
N THR D 43 -20.42 -22.14 -15.47
CA THR D 43 -19.35 -21.59 -14.66
C THR D 43 -18.87 -22.60 -13.61
N ASP D 44 -17.84 -22.18 -12.88
CA ASP D 44 -17.14 -22.99 -11.91
C ASP D 44 -16.13 -22.09 -11.21
N ILE D 45 -15.79 -22.44 -9.99
CA ILE D 45 -14.86 -21.64 -9.20
C ILE D 45 -13.93 -22.57 -8.46
N PHE D 46 -12.66 -22.20 -8.38
CA PHE D 46 -11.69 -22.92 -7.54
C PHE D 46 -10.99 -21.89 -6.66
N VAL D 47 -11.35 -21.87 -5.38
CA VAL D 47 -10.85 -20.89 -4.43
C VAL D 47 -9.45 -21.32 -4.00
N THR D 48 -8.42 -20.68 -4.55
CA THR D 48 -7.06 -21.05 -4.19
C THR D 48 -6.70 -20.59 -2.78
N SER D 49 -7.30 -19.50 -2.31
CA SER D 49 -7.00 -18.99 -0.98
C SER D 49 -8.07 -18.01 -0.54
N PHE D 50 -8.73 -18.30 0.58
CA PHE D 50 -9.70 -17.38 1.16
C PHE D 50 -8.99 -16.32 1.98
N GLY D 51 -8.94 -15.10 1.44
CA GLY D 51 -8.15 -14.04 2.01
C GLY D 51 -8.66 -13.58 3.35
N PRO D 52 -7.94 -12.63 3.95
CA PRO D 52 -8.30 -12.16 5.29
C PRO D 52 -9.58 -11.33 5.27
N VAL D 53 -10.52 -11.68 6.15
CA VAL D 53 -11.79 -10.98 6.27
C VAL D 53 -11.53 -9.68 7.02
N SER D 54 -11.52 -8.57 6.32
CA SER D 54 -11.35 -7.26 6.95
C SER D 54 -12.63 -6.91 7.69
N ASP D 55 -12.55 -6.84 9.02
CA ASP D 55 -13.75 -6.52 9.80
C ASP D 55 -14.05 -5.03 9.79
N HIS D 56 -13.02 -4.19 9.65
CA HIS D 56 -13.24 -2.74 9.64
C HIS D 56 -14.04 -2.32 8.42
N ASP D 57 -13.63 -2.77 7.23
CA ASP D 57 -14.30 -2.42 5.99
C ASP D 57 -15.50 -3.31 5.68
N MET D 58 -15.76 -4.33 6.49
CA MET D 58 -16.83 -5.28 6.20
C MET D 58 -16.68 -5.90 4.82
N GLU D 59 -15.43 -6.14 4.41
CA GLU D 59 -15.12 -6.75 3.13
C GLU D 59 -14.39 -8.07 3.37
N TYR D 60 -14.09 -8.77 2.29
CA TYR D 60 -13.24 -9.94 2.36
C TYR D 60 -12.63 -10.20 0.99
N THR D 61 -11.39 -10.68 1.00
CA THR D 61 -10.63 -10.97 -0.20
C THR D 61 -10.67 -12.46 -0.48
N ILE D 62 -10.68 -12.81 -1.76
CA ILE D 62 -10.72 -14.21 -2.16
C ILE D 62 -10.03 -14.35 -3.51
N ASP D 63 -9.08 -15.28 -3.61
CA ASP D 63 -8.32 -15.51 -4.83
C ASP D 63 -8.85 -16.75 -5.52
N VAL D 64 -9.38 -16.58 -6.73
CA VAL D 64 -10.11 -17.65 -7.40
C VAL D 64 -9.53 -17.97 -8.77
N PHE D 65 -9.87 -19.17 -9.23
CA PHE D 65 -9.73 -19.65 -10.61
C PHE D 65 -11.16 -19.69 -11.14
N PHE D 66 -11.59 -18.59 -11.74
CA PHE D 66 -12.93 -18.44 -12.28
C PHE D 66 -13.00 -19.09 -13.66
N ARG D 67 -13.72 -20.20 -13.78
CA ARG D 67 -13.84 -20.93 -15.04
C ARG D 67 -15.20 -20.72 -15.66
N GLN D 68 -15.24 -20.51 -16.98
CA GLN D 68 -16.48 -20.43 -17.74
C GLN D 68 -16.37 -21.28 -18.99
N SER D 69 -17.52 -21.70 -19.51
CA SER D 69 -17.52 -22.59 -20.68
C SER D 69 -18.87 -22.50 -21.38
N TRP D 70 -18.88 -21.97 -22.60
CA TRP D 70 -20.05 -21.91 -23.44
C TRP D 70 -19.80 -22.71 -24.71
N LYS D 71 -20.83 -22.80 -25.54
CA LYS D 71 -20.79 -23.54 -26.80
C LYS D 71 -20.89 -22.53 -27.94
N ASP D 72 -19.78 -22.36 -28.68
CA ASP D 72 -19.75 -21.51 -29.87
C ASP D 72 -19.65 -22.38 -31.11
N GLU D 73 -20.69 -22.34 -31.95
CA GLU D 73 -20.70 -23.13 -33.17
C GLU D 73 -19.90 -22.51 -34.30
N ARG D 74 -19.47 -21.26 -34.16
CA ARG D 74 -18.66 -20.61 -35.18
C ARG D 74 -17.18 -20.91 -35.04
N LEU D 75 -16.80 -21.76 -34.11
CA LEU D 75 -15.41 -22.11 -33.84
C LEU D 75 -15.25 -23.61 -33.90
N LYS D 76 -15.85 -24.22 -34.91
CA LYS D 76 -15.66 -25.64 -35.19
C LYS D 76 -14.52 -25.80 -36.17
N PHE D 77 -13.65 -26.76 -35.92
CA PHE D 77 -12.54 -27.03 -36.81
C PHE D 77 -12.40 -28.54 -37.00
N LYS D 78 -11.45 -28.91 -37.86
CA LYS D 78 -11.19 -30.32 -38.16
C LYS D 78 -9.71 -30.41 -38.51
N GLY D 79 -8.90 -30.85 -37.54
CA GLY D 79 -7.49 -30.97 -37.75
C GLY D 79 -6.90 -32.16 -37.06
N PRO D 80 -5.57 -32.20 -36.95
CA PRO D 80 -4.93 -33.32 -36.25
C PRO D 80 -5.22 -33.36 -34.77
N MET D 81 -5.26 -32.21 -34.11
CA MET D 81 -5.53 -32.15 -32.68
C MET D 81 -7.03 -32.01 -32.41
N THR D 82 -7.42 -32.45 -31.23
CA THR D 82 -8.81 -32.35 -30.79
C THR D 82 -9.08 -31.04 -30.07
N VAL D 83 -8.25 -30.72 -29.08
CA VAL D 83 -8.42 -29.52 -28.27
C VAL D 83 -7.28 -28.56 -28.60
N LEU D 84 -7.62 -27.34 -28.98
CA LEU D 84 -6.63 -26.29 -29.23
C LEU D 84 -6.41 -25.52 -27.93
N ARG D 85 -5.31 -25.80 -27.25
CA ARG D 85 -4.91 -25.05 -26.06
C ARG D 85 -4.20 -23.78 -26.53
N LEU D 86 -4.98 -22.74 -26.81
CA LEU D 86 -4.45 -21.54 -27.40
C LEU D 86 -3.93 -20.58 -26.34
N ASN D 87 -3.36 -19.46 -26.80
CA ASN D 87 -2.83 -18.45 -25.92
C ASN D 87 -3.94 -17.56 -25.40
N ASN D 88 -3.65 -16.82 -24.33
CA ASN D 88 -4.65 -15.97 -23.71
C ASN D 88 -4.97 -14.74 -24.55
N LEU D 89 -4.23 -14.50 -25.63
CA LEU D 89 -4.49 -13.36 -26.49
C LEU D 89 -5.48 -13.66 -27.58
N MET D 90 -5.78 -14.95 -27.82
CA MET D 90 -6.87 -15.30 -28.72
C MET D 90 -8.22 -15.02 -28.10
N ALA D 91 -8.31 -14.99 -26.76
CA ALA D 91 -9.57 -14.78 -26.08
C ALA D 91 -10.14 -13.39 -26.28
N SER D 92 -9.37 -12.46 -26.83
CA SER D 92 -9.84 -11.11 -27.08
C SER D 92 -10.40 -10.93 -28.48
N LYS D 93 -10.23 -11.92 -29.35
CA LYS D 93 -10.77 -11.88 -30.71
C LYS D 93 -12.06 -12.66 -30.85
N ILE D 94 -12.52 -13.31 -29.79
CA ILE D 94 -13.79 -14.03 -29.81
C ILE D 94 -14.73 -13.41 -28.80
N TRP D 95 -15.96 -13.92 -28.74
CA TRP D 95 -16.95 -13.43 -27.79
C TRP D 95 -16.78 -14.17 -26.47
N THR D 96 -16.68 -13.40 -25.38
CA THR D 96 -16.53 -13.95 -24.04
C THR D 96 -17.54 -13.28 -23.12
N PRO D 97 -18.23 -14.04 -22.26
CA PRO D 97 -19.30 -13.43 -21.45
C PRO D 97 -18.73 -12.40 -20.49
N ASP D 98 -19.53 -11.36 -20.24
CA ASP D 98 -19.09 -10.22 -19.43
C ASP D 98 -19.55 -10.37 -17.98
N THR D 99 -19.14 -11.47 -17.37
CA THR D 99 -19.49 -11.74 -15.97
C THR D 99 -18.88 -10.70 -15.05
N PHE D 100 -19.73 -10.02 -14.28
CA PHE D 100 -19.28 -9.08 -13.26
C PHE D 100 -19.81 -9.52 -11.90
N PHE D 101 -19.08 -9.17 -10.85
CA PHE D 101 -19.45 -9.56 -9.50
C PHE D 101 -20.35 -8.51 -8.89
N HIS D 102 -21.56 -8.92 -8.48
CA HIS D 102 -22.59 -7.96 -8.10
C HIS D 102 -22.19 -7.16 -6.86
N ASN D 103 -21.33 -7.71 -6.02
CA ASN D 103 -20.92 -7.05 -4.80
C ASN D 103 -19.41 -6.84 -4.71
N GLY D 104 -18.66 -7.20 -5.74
CA GLY D 104 -17.23 -6.96 -5.69
C GLY D 104 -16.94 -5.47 -5.65
N LYS D 105 -15.94 -5.10 -4.85
CA LYS D 105 -15.57 -3.70 -4.71
C LYS D 105 -14.42 -3.32 -5.65
N LYS D 106 -13.26 -3.96 -5.49
CA LYS D 106 -12.10 -3.68 -6.34
C LYS D 106 -11.41 -5.01 -6.66
N SER D 107 -11.82 -5.62 -7.77
CA SER D 107 -11.23 -6.86 -8.22
C SER D 107 -10.08 -6.59 -9.18
N VAL D 108 -9.03 -7.41 -9.10
CA VAL D 108 -7.87 -7.29 -9.98
C VAL D 108 -7.69 -8.60 -10.73
N ALA D 109 -7.33 -8.49 -12.00
CA ALA D 109 -6.95 -9.63 -12.83
C ALA D 109 -5.44 -9.63 -13.01
N HIS D 110 -4.82 -10.74 -12.66
CA HIS D 110 -3.37 -10.77 -12.53
C HIS D 110 -2.70 -10.79 -13.90
N ASN D 111 -1.60 -10.07 -14.03
CA ASN D 111 -0.84 -9.92 -15.27
C ASN D 111 0.64 -10.23 -15.03
N MET D 112 0.92 -11.30 -14.29
CA MET D 112 2.28 -11.70 -13.96
C MET D 112 2.46 -13.17 -14.31
N THR D 113 3.38 -13.50 -15.23
CA THR D 113 4.21 -12.56 -15.97
C THR D 113 3.52 -12.19 -17.27
N MET D 114 2.60 -13.05 -17.68
CA MET D 114 1.69 -12.81 -18.79
C MET D 114 0.27 -12.86 -18.25
N PRO D 115 -0.71 -12.35 -19.00
CA PRO D 115 -2.09 -12.40 -18.51
C PRO D 115 -2.51 -13.78 -18.05
N ASN D 116 -2.89 -13.92 -16.78
CA ASN D 116 -3.24 -15.21 -16.20
C ASN D 116 -4.61 -15.60 -16.71
N LYS D 117 -4.66 -16.05 -17.97
CA LYS D 117 -5.88 -16.52 -18.58
C LYS D 117 -5.59 -17.80 -19.36
N LEU D 118 -6.65 -18.40 -19.88
CA LEU D 118 -6.55 -19.67 -20.58
C LEU D 118 -7.71 -19.79 -21.55
N LEU D 119 -7.48 -20.49 -22.65
CA LEU D 119 -8.52 -20.72 -23.66
C LEU D 119 -8.25 -22.04 -24.35
N ARG D 120 -9.19 -22.96 -24.25
CA ARG D 120 -9.12 -24.25 -24.94
C ARG D 120 -10.34 -24.39 -25.83
N ILE D 121 -10.11 -24.38 -27.14
CA ILE D 121 -11.19 -24.53 -28.12
C ILE D 121 -11.28 -26.00 -28.50
N THR D 122 -12.32 -26.68 -28.02
CA THR D 122 -12.57 -28.04 -28.43
C THR D 122 -13.03 -28.09 -29.90
N GLU D 123 -12.88 -29.25 -30.52
CA GLU D 123 -13.14 -29.38 -31.94
C GLU D 123 -14.62 -29.20 -32.29
N ASP D 124 -15.52 -29.39 -31.34
CA ASP D 124 -16.95 -29.25 -31.61
C ASP D 124 -17.47 -27.87 -31.21
N GLY D 125 -16.59 -26.94 -30.87
CA GLY D 125 -16.99 -25.58 -30.55
C GLY D 125 -17.06 -25.27 -29.06
N THR D 126 -16.98 -26.28 -28.20
CA THR D 126 -17.12 -26.06 -26.76
C THR D 126 -15.89 -25.33 -26.24
N LEU D 127 -16.07 -24.08 -25.82
CA LEU D 127 -14.95 -23.29 -25.34
C LEU D 127 -14.74 -23.50 -23.84
N LEU D 128 -13.57 -23.10 -23.36
CA LEU D 128 -13.25 -23.13 -21.94
C LEU D 128 -12.31 -21.98 -21.65
N TYR D 129 -12.67 -21.14 -20.71
CA TYR D 129 -11.99 -19.87 -20.50
C TYR D 129 -11.89 -19.62 -18.99
N THR D 130 -10.69 -19.78 -18.44
CA THR D 130 -10.45 -19.58 -17.02
C THR D 130 -9.61 -18.34 -16.79
N MET D 131 -9.87 -17.66 -15.69
CA MET D 131 -9.11 -16.51 -15.26
C MET D 131 -8.67 -16.70 -13.82
N ARG D 132 -7.65 -15.95 -13.41
CA ARG D 132 -7.19 -15.92 -12.04
C ARG D 132 -7.48 -14.56 -11.46
N LEU D 133 -8.44 -14.49 -10.56
CA LEU D 133 -8.92 -13.22 -10.01
C LEU D 133 -8.61 -13.10 -8.53
N THR D 134 -8.69 -11.87 -8.04
CA THR D 134 -8.58 -11.53 -6.62
C THR D 134 -9.72 -10.59 -6.29
N VAL D 135 -10.85 -11.16 -5.92
CA VAL D 135 -12.08 -10.42 -5.70
C VAL D 135 -12.12 -9.91 -4.26
N ARG D 136 -12.39 -8.62 -4.09
CA ARG D 136 -12.57 -7.99 -2.79
C ARG D 136 -14.05 -7.69 -2.62
N ALA D 137 -14.81 -8.68 -2.16
CA ALA D 137 -16.25 -8.54 -2.10
C ALA D 137 -16.68 -7.94 -0.76
N GLU D 138 -17.97 -7.60 -0.69
CA GLU D 138 -18.57 -7.02 0.50
C GLU D 138 -19.26 -8.11 1.30
N CYS D 139 -19.03 -8.12 2.61
CA CYS D 139 -19.64 -9.08 3.52
C CYS D 139 -20.31 -8.30 4.64
N PRO D 140 -21.58 -7.92 4.47
CA PRO D 140 -22.26 -7.18 5.55
C PRO D 140 -22.36 -8.04 6.81
N MET D 141 -21.95 -7.45 7.93
CA MET D 141 -21.86 -8.18 9.18
C MET D 141 -22.78 -7.57 10.22
N HIS D 142 -23.43 -8.43 10.99
CA HIS D 142 -24.27 -8.03 12.11
C HIS D 142 -23.47 -8.40 13.37
N LEU D 143 -22.72 -7.43 13.87
CA LEU D 143 -21.84 -7.64 15.01
C LEU D 143 -22.59 -7.44 16.33
N GLU D 144 -23.67 -8.19 16.50
CA GLU D 144 -24.44 -8.14 17.73
C GLU D 144 -24.06 -9.25 18.70
N ASP D 145 -23.27 -10.22 18.27
CA ASP D 145 -22.73 -11.26 19.15
C ASP D 145 -21.21 -11.19 19.23
N PHE D 146 -20.63 -10.03 18.92
CA PHE D 146 -19.19 -9.90 18.94
C PHE D 146 -18.65 -10.26 20.33
N PRO D 147 -17.63 -11.12 20.43
CA PRO D 147 -16.88 -11.80 19.37
C PRO D 147 -17.29 -13.26 19.19
N MET D 148 -18.55 -13.57 19.49
CA MET D 148 -19.07 -14.92 19.32
C MET D 148 -20.03 -15.00 18.14
N ASP D 149 -19.74 -14.26 17.08
CA ASP D 149 -20.64 -14.14 15.95
C ASP D 149 -20.22 -15.08 14.82
N ALA D 150 -21.19 -15.35 13.94
CA ALA D 150 -20.97 -16.15 12.74
C ALA D 150 -21.57 -15.42 11.55
N HIS D 151 -20.85 -15.39 10.44
CA HIS D 151 -21.28 -14.66 9.26
C HIS D 151 -21.41 -15.59 8.06
N ALA D 152 -22.07 -15.10 7.03
CA ALA D 152 -22.24 -15.79 5.75
C ALA D 152 -21.90 -14.79 4.66
N CYS D 153 -20.62 -14.78 4.27
CA CYS D 153 -20.14 -13.78 3.31
C CYS D 153 -20.54 -14.20 1.89
N PRO D 154 -21.35 -13.42 1.18
CA PRO D 154 -21.81 -13.82 -0.14
C PRO D 154 -20.82 -13.46 -1.24
N LEU D 155 -21.04 -14.06 -2.40
CA LEU D 155 -20.28 -13.74 -3.61
C LEU D 155 -21.23 -13.91 -4.79
N LYS D 156 -21.85 -12.81 -5.20
CA LYS D 156 -22.83 -12.81 -6.27
C LYS D 156 -22.20 -12.33 -7.55
N PHE D 157 -22.31 -13.13 -8.62
CA PHE D 157 -21.81 -12.75 -9.92
C PHE D 157 -22.87 -13.04 -10.97
N GLY D 158 -23.03 -12.13 -11.91
CA GLY D 158 -23.99 -12.29 -12.98
C GLY D 158 -23.46 -11.68 -14.25
N SER D 159 -24.34 -11.47 -15.23
CA SER D 159 -23.95 -10.88 -16.49
C SER D 159 -24.31 -9.41 -16.53
N TYR D 160 -23.53 -8.66 -17.29
CA TYR D 160 -23.79 -7.26 -17.56
C TYR D 160 -24.21 -7.15 -19.02
N ALA D 161 -25.25 -6.37 -19.29
CA ALA D 161 -25.74 -6.11 -20.63
C ALA D 161 -26.44 -7.28 -21.29
N TYR D 162 -26.55 -8.44 -20.63
CA TYR D 162 -27.22 -9.60 -21.21
C TYR D 162 -28.28 -10.08 -20.24
N THR D 163 -29.55 -9.97 -20.63
CA THR D 163 -30.64 -10.30 -19.73
C THR D 163 -30.79 -11.82 -19.67
N ARG D 164 -31.89 -12.29 -19.10
CA ARG D 164 -32.09 -13.72 -18.93
C ARG D 164 -32.48 -14.41 -20.22
N ALA D 165 -33.10 -13.67 -21.14
CA ALA D 165 -33.48 -14.24 -22.42
C ALA D 165 -32.31 -14.44 -23.36
N GLU D 166 -31.10 -14.00 -22.99
CA GLU D 166 -29.93 -14.10 -23.86
C GLU D 166 -28.84 -14.98 -23.28
N VAL D 167 -28.39 -14.72 -22.06
CA VAL D 167 -27.29 -15.47 -21.44
C VAL D 167 -27.76 -15.98 -20.10
N VAL D 168 -27.87 -17.30 -19.95
CA VAL D 168 -28.21 -17.93 -18.68
C VAL D 168 -26.96 -18.62 -18.15
N TYR D 169 -26.74 -18.50 -16.85
CA TYR D 169 -25.60 -19.12 -16.19
C TYR D 169 -26.04 -20.39 -15.51
N GLU D 170 -25.10 -21.32 -15.34
CA GLU D 170 -25.40 -22.59 -14.69
C GLU D 170 -24.11 -23.18 -14.18
N TRP D 171 -24.19 -23.91 -13.07
CA TRP D 171 -23.01 -24.57 -12.55
C TRP D 171 -22.64 -25.74 -13.46
N THR D 172 -21.35 -26.05 -13.49
CA THR D 172 -20.85 -27.05 -14.43
C THR D 172 -20.89 -28.45 -13.87
N ARG D 173 -20.80 -28.59 -12.55
CA ARG D 173 -20.98 -29.84 -11.85
C ARG D 173 -22.23 -29.72 -10.98
N GLU D 174 -22.48 -30.75 -10.19
CA GLU D 174 -23.55 -30.66 -9.21
C GLU D 174 -23.35 -29.42 -8.35
N PRO D 175 -24.37 -28.59 -8.16
CA PRO D 175 -24.14 -27.33 -7.46
C PRO D 175 -23.40 -27.47 -6.14
N ALA D 176 -23.48 -28.63 -5.49
CA ALA D 176 -22.74 -28.83 -4.26
C ALA D 176 -21.25 -29.02 -4.48
N ARG D 177 -20.83 -29.34 -5.71
CA ARG D 177 -19.43 -29.65 -5.99
C ARG D 177 -18.80 -28.64 -6.95
N SER D 178 -19.44 -27.50 -7.17
CA SER D 178 -18.90 -26.52 -8.11
C SER D 178 -17.86 -25.62 -7.46
N VAL D 179 -18.23 -24.94 -6.38
CA VAL D 179 -17.28 -24.10 -5.65
C VAL D 179 -16.41 -24.99 -4.79
N VAL D 180 -15.14 -25.11 -5.15
CA VAL D 180 -14.17 -25.92 -4.43
C VAL D 180 -13.16 -24.99 -3.77
N VAL D 181 -12.77 -25.33 -2.55
CA VAL D 181 -11.77 -24.58 -1.80
C VAL D 181 -10.56 -25.47 -1.60
N ALA D 182 -9.38 -24.93 -1.88
CA ALA D 182 -8.15 -25.70 -1.69
C ALA D 182 -7.96 -26.02 -0.22
N GLU D 183 -7.26 -27.12 0.04
CA GLU D 183 -7.07 -27.56 1.42
C GLU D 183 -6.20 -26.59 2.19
N ASP D 184 -5.01 -26.28 1.68
CA ASP D 184 -4.10 -25.35 2.32
C ASP D 184 -4.42 -23.89 2.04
N GLY D 185 -5.45 -23.61 1.25
CA GLY D 185 -5.80 -22.24 0.92
C GLY D 185 -6.69 -21.58 1.95
N SER D 186 -6.12 -21.19 3.09
CA SER D 186 -6.87 -20.48 4.14
C SER D 186 -5.96 -19.42 4.74
N ARG D 187 -6.05 -18.20 4.22
CA ARG D 187 -5.36 -17.06 4.80
C ARG D 187 -6.14 -16.43 5.95
N LEU D 188 -7.15 -17.11 6.47
CA LEU D 188 -7.93 -16.62 7.59
C LEU D 188 -7.17 -16.86 8.89
N ASN D 189 -6.79 -15.78 9.56
CA ASN D 189 -6.16 -15.89 10.87
C ASN D 189 -7.13 -15.67 12.02
N GLN D 190 -8.23 -14.96 11.80
CA GLN D 190 -9.18 -14.64 12.85
C GLN D 190 -10.44 -15.50 12.79
N TYR D 191 -10.94 -15.82 11.61
CA TYR D 191 -12.16 -16.57 11.43
C TYR D 191 -11.86 -18.04 11.21
N ASP D 192 -12.89 -18.80 10.84
CA ASP D 192 -12.76 -20.23 10.59
C ASP D 192 -13.80 -20.60 9.54
N LEU D 193 -13.35 -20.93 8.33
CA LEU D 193 -14.28 -21.22 7.25
C LEU D 193 -14.93 -22.58 7.48
N LEU D 194 -16.26 -22.59 7.50
CA LEU D 194 -17.03 -23.81 7.76
C LEU D 194 -17.42 -24.52 6.47
N GLY D 195 -18.05 -23.80 5.55
CA GLY D 195 -18.46 -24.41 4.29
C GLY D 195 -19.09 -23.39 3.37
N GLN D 196 -19.14 -23.77 2.10
CA GLN D 196 -19.76 -22.96 1.07
C GLN D 196 -21.22 -23.38 0.87
N THR D 197 -21.96 -22.55 0.14
CA THR D 197 -23.36 -22.82 -0.15
C THR D 197 -23.73 -22.02 -1.38
N VAL D 198 -24.04 -22.69 -2.49
CA VAL D 198 -24.30 -22.01 -3.74
C VAL D 198 -25.81 -21.95 -3.97
N ASP D 199 -26.21 -21.07 -4.90
CA ASP D 199 -27.61 -20.90 -5.22
C ASP D 199 -27.71 -20.09 -6.51
N SER D 200 -28.82 -20.25 -7.22
CA SER D 200 -29.04 -19.55 -8.48
C SER D 200 -30.42 -18.92 -8.48
N GLY D 201 -30.49 -17.63 -8.76
CA GLY D 201 -31.76 -16.93 -8.83
C GLY D 201 -31.86 -15.96 -10.00
N ILE D 202 -32.89 -15.11 -9.98
CA ILE D 202 -33.17 -14.15 -11.04
C ILE D 202 -33.52 -12.83 -10.39
N VAL D 203 -32.78 -11.78 -10.72
CA VAL D 203 -33.03 -10.44 -10.18
C VAL D 203 -33.70 -9.60 -11.26
N GLN D 204 -34.74 -8.87 -10.87
CA GLN D 204 -35.34 -7.90 -11.76
C GLN D 204 -34.52 -6.61 -11.73
N SER D 205 -34.76 -5.76 -12.72
CA SER D 205 -34.06 -4.48 -12.78
C SER D 205 -34.90 -3.52 -13.61
N SER D 206 -34.34 -2.34 -13.85
CA SER D 206 -34.97 -1.38 -14.74
C SER D 206 -34.69 -1.69 -16.21
N THR D 207 -33.65 -2.48 -16.49
CA THR D 207 -33.29 -2.84 -17.86
C THR D 207 -33.79 -4.22 -18.26
N GLY D 208 -33.80 -5.18 -17.33
CA GLY D 208 -34.31 -6.49 -17.67
C GLY D 208 -34.18 -7.45 -16.50
N GLU D 209 -34.37 -8.72 -16.81
CA GLU D 209 -34.26 -9.79 -15.82
C GLU D 209 -32.92 -10.48 -16.01
N TYR D 210 -32.12 -10.55 -14.96
CA TYR D 210 -30.79 -11.12 -15.04
C TYR D 210 -30.67 -12.35 -14.15
N VAL D 211 -29.86 -13.31 -14.59
CA VAL D 211 -29.57 -14.50 -13.81
C VAL D 211 -28.42 -14.19 -12.88
N VAL D 212 -28.56 -14.56 -11.61
CA VAL D 212 -27.58 -14.21 -10.59
C VAL D 212 -27.19 -15.48 -9.85
N MET D 213 -25.91 -15.81 -9.86
CA MET D 213 -25.38 -16.93 -9.11
C MET D 213 -24.76 -16.43 -7.82
N THR D 214 -25.10 -17.07 -6.71
CA THR D 214 -24.72 -16.66 -5.38
C THR D 214 -23.93 -17.77 -4.70
N THR D 215 -22.99 -17.37 -3.85
CA THR D 215 -22.17 -18.31 -3.11
C THR D 215 -21.87 -17.70 -1.74
N HIS D 216 -22.37 -18.34 -0.70
CA HIS D 216 -22.10 -17.90 0.68
C HIS D 216 -21.02 -18.77 1.30
N PHE D 217 -20.01 -18.14 1.86
CA PHE D 217 -18.98 -18.78 2.66
C PHE D 217 -19.32 -18.52 4.12
N HIS D 218 -19.66 -19.58 4.84
CA HIS D 218 -20.01 -19.45 6.25
C HIS D 218 -18.75 -19.36 7.10
N LEU D 219 -18.69 -18.36 7.98
CA LEU D 219 -17.56 -18.14 8.84
C LEU D 219 -17.96 -18.28 10.30
N LYS D 220 -16.96 -18.27 11.17
CA LYS D 220 -17.17 -18.39 12.60
C LYS D 220 -15.95 -17.83 13.31
N ARG D 221 -16.12 -16.73 14.03
CA ARG D 221 -14.99 -16.04 14.61
C ARG D 221 -14.36 -16.87 15.72
N LYS D 222 -13.04 -16.77 15.85
CA LYS D 222 -12.30 -17.42 16.90
C LYS D 222 -12.16 -16.46 18.09
N ILE D 223 -12.63 -16.89 19.25
CA ILE D 223 -12.69 -16.02 20.42
C ILE D 223 -11.41 -15.96 21.22
N GLY D 224 -10.37 -16.69 20.83
CA GLY D 224 -9.19 -16.77 21.67
C GLY D 224 -8.52 -15.43 21.93
N TYR D 225 -8.38 -14.62 20.87
CA TYR D 225 -7.64 -13.39 21.01
C TYR D 225 -8.41 -12.36 21.83
N PHE D 226 -9.71 -12.27 21.61
CA PHE D 226 -10.54 -11.39 22.41
C PHE D 226 -10.56 -11.84 23.86
N VAL D 227 -10.66 -13.14 24.12
CA VAL D 227 -10.53 -13.61 25.49
C VAL D 227 -9.25 -13.05 26.09
N ILE D 228 -8.12 -13.36 25.45
CA ILE D 228 -6.82 -13.06 26.04
C ILE D 228 -6.66 -11.57 26.30
N GLN D 229 -7.14 -10.72 25.40
CA GLN D 229 -6.83 -9.30 25.50
C GLN D 229 -7.93 -8.45 26.09
N THR D 230 -9.15 -8.96 26.26
CA THR D 230 -10.20 -8.21 26.94
C THR D 230 -10.73 -8.90 28.17
N TYR D 231 -11.14 -10.17 28.05
CA TYR D 231 -11.86 -10.80 29.16
C TYR D 231 -10.93 -11.12 30.31
N LEU D 232 -9.69 -11.52 30.02
CA LEU D 232 -8.74 -11.74 31.12
C LEU D 232 -8.39 -10.44 31.82
N PRO D 233 -8.03 -9.36 31.12
CA PRO D 233 -7.77 -8.10 31.86
C PRO D 233 -8.97 -7.59 32.61
N CYS D 234 -10.18 -7.71 32.05
CA CYS D 234 -11.37 -7.26 32.77
C CYS D 234 -11.58 -8.05 34.05
N ILE D 235 -11.48 -9.37 33.96
CA ILE D 235 -11.71 -10.21 35.13
C ILE D 235 -10.63 -9.97 36.17
N MET D 236 -9.38 -9.83 35.73
CA MET D 236 -8.30 -9.58 36.67
C MET D 236 -8.48 -8.23 37.36
N THR D 237 -8.95 -7.22 36.63
CA THR D 237 -9.24 -5.94 37.24
C THR D 237 -10.34 -6.07 38.27
N VAL D 238 -11.41 -6.79 37.94
CA VAL D 238 -12.50 -6.95 38.90
C VAL D 238 -12.00 -7.64 40.17
N ILE D 239 -11.13 -8.64 40.01
CA ILE D 239 -10.59 -9.33 41.18
C ILE D 239 -9.72 -8.38 42.01
N LEU D 240 -8.80 -7.69 41.34
CA LEU D 240 -7.97 -6.69 42.01
C LEU D 240 -8.81 -5.65 42.73
N SER D 241 -10.00 -5.36 42.21
CA SER D 241 -10.87 -4.39 42.86
C SER D 241 -11.50 -4.99 44.10
N GLN D 242 -12.02 -6.21 44.00
CA GLN D 242 -12.61 -6.86 45.17
C GLN D 242 -11.56 -7.19 46.23
N VAL D 243 -10.28 -7.13 45.90
CA VAL D 243 -9.25 -7.31 46.92
C VAL D 243 -9.33 -6.22 47.96
N SER D 244 -9.84 -5.04 47.60
CA SER D 244 -9.88 -3.91 48.50
C SER D 244 -10.82 -4.13 49.70
N PHE D 245 -11.53 -5.25 49.77
CA PHE D 245 -12.43 -5.49 50.89
C PHE D 245 -11.75 -6.18 52.06
N TRP D 246 -10.67 -6.92 51.79
CA TRP D 246 -9.97 -7.64 52.84
C TRP D 246 -8.93 -6.79 53.56
N LEU D 247 -8.66 -5.59 53.07
CA LEU D 247 -7.80 -4.66 53.78
C LEU D 247 -8.55 -4.05 54.96
N ASN D 248 -7.81 -3.72 56.00
CA ASN D 248 -8.43 -3.18 57.20
C ASN D 248 -8.99 -1.78 56.93
N ARG D 249 -9.90 -1.34 57.78
CA ARG D 249 -10.57 -0.07 57.59
C ARG D 249 -9.69 1.12 57.97
N GLU D 250 -8.57 0.89 58.64
CA GLU D 250 -7.71 2.00 59.05
C GLU D 250 -6.86 2.53 57.90
N SER D 251 -6.55 1.68 56.93
CA SER D 251 -5.73 2.09 55.78
C SER D 251 -6.68 2.62 54.70
N VAL D 252 -6.93 3.92 54.74
CA VAL D 252 -7.83 4.56 53.80
C VAL D 252 -7.14 4.77 52.46
N PRO D 253 -5.91 5.30 52.43
CA PRO D 253 -5.26 5.57 51.14
C PRO D 253 -5.10 4.32 50.29
N ALA D 254 -4.85 3.17 50.91
CA ALA D 254 -4.69 1.94 50.13
C ALA D 254 -5.96 1.61 49.37
N ARG D 255 -7.09 1.59 50.08
CA ARG D 255 -8.35 1.26 49.43
C ARG D 255 -8.74 2.32 48.41
N THR D 256 -8.43 3.59 48.68
CA THR D 256 -8.73 4.62 47.69
C THR D 256 -7.92 4.39 46.42
N VAL D 257 -6.64 4.05 46.55
CA VAL D 257 -5.83 3.75 45.38
C VAL D 257 -6.41 2.57 44.63
N PHE D 258 -6.75 1.50 45.36
CA PHE D 258 -7.36 0.34 44.71
C PHE D 258 -8.55 0.76 43.87
N GLY D 259 -9.50 1.44 44.48
CA GLY D 259 -10.71 1.82 43.77
C GLY D 259 -10.42 2.67 42.55
N VAL D 260 -9.65 3.75 42.74
CA VAL D 260 -9.44 4.70 41.64
C VAL D 260 -8.70 4.04 40.50
N THR D 261 -7.62 3.31 40.81
CA THR D 261 -6.85 2.69 39.74
C THR D 261 -7.64 1.61 39.03
N THR D 262 -8.51 0.87 39.74
CA THR D 262 -9.33 -0.11 39.05
C THR D 262 -10.35 0.55 38.13
N VAL D 263 -10.94 1.68 38.56
CA VAL D 263 -11.88 2.37 37.68
C VAL D 263 -11.16 2.90 36.45
N LEU D 264 -9.96 3.45 36.63
CA LEU D 264 -9.21 3.92 35.47
C LEU D 264 -8.86 2.78 34.53
N THR D 265 -8.45 1.64 35.10
CA THR D 265 -8.10 0.50 34.28
C THR D 265 -9.31 0.02 33.48
N MET D 266 -10.48 0.01 34.10
CA MET D 266 -11.67 -0.41 33.38
C MET D 266 -12.01 0.57 32.28
N THR D 267 -11.85 1.87 32.53
CA THR D 267 -12.11 2.86 31.47
C THR D 267 -11.18 2.64 30.29
N THR D 268 -9.87 2.52 30.54
CA THR D 268 -8.94 2.34 29.43
C THR D 268 -9.18 1.01 28.73
N LEU D 269 -9.62 -0.01 29.47
CA LEU D 269 -9.95 -1.29 28.84
C LEU D 269 -11.14 -1.15 27.92
N SER D 270 -12.18 -0.43 28.35
CA SER D 270 -13.31 -0.20 27.47
C SER D 270 -12.86 0.53 26.20
N ILE D 271 -11.99 1.52 26.36
CA ILE D 271 -11.53 2.28 25.22
C ILE D 271 -10.76 1.39 24.25
N SER D 272 -9.82 0.59 24.78
CA SER D 272 -9.02 -0.26 23.91
C SER D 272 -9.83 -1.39 23.31
N ALA D 273 -10.91 -1.80 23.96
CA ALA D 273 -11.75 -2.86 23.43
C ALA D 273 -12.67 -2.34 22.33
N ARG D 274 -13.06 -1.07 22.40
CA ARG D 274 -13.96 -0.55 21.38
C ARG D 274 -13.20 -0.16 20.11
N ASN D 275 -11.88 -0.01 20.17
CA ASN D 275 -11.10 0.39 19.01
C ASN D 275 -11.02 -0.73 17.97
N SER D 276 -11.07 -1.99 18.39
CA SER D 276 -10.87 -3.09 17.45
C SER D 276 -12.02 -3.19 16.45
N LEU D 277 -13.22 -2.85 16.88
CA LEU D 277 -14.41 -3.04 16.07
C LEU D 277 -14.64 -1.86 15.14
N PRO D 278 -15.44 -2.04 14.09
CA PRO D 278 -15.93 -0.88 13.34
C PRO D 278 -16.70 0.07 14.24
N LYS D 279 -16.83 1.32 13.77
CA LYS D 279 -17.56 2.34 14.50
C LYS D 279 -19.05 2.05 14.31
N VAL D 280 -19.55 1.12 15.10
CA VAL D 280 -20.92 0.64 14.99
C VAL D 280 -21.76 1.34 16.04
N ALA D 281 -23.07 1.46 15.75
CA ALA D 281 -23.96 2.28 16.56
C ALA D 281 -24.90 1.44 17.43
N TYR D 282 -24.55 0.19 17.72
CA TYR D 282 -25.27 -0.59 18.71
C TYR D 282 -24.26 -1.23 19.65
N ALA D 283 -24.77 -1.96 20.63
CA ALA D 283 -23.96 -2.54 21.69
C ALA D 283 -23.73 -4.01 21.43
N THR D 284 -22.47 -4.43 21.49
CA THR D 284 -22.09 -5.81 21.27
C THR D 284 -22.13 -6.59 22.58
N ALA D 285 -21.78 -7.87 22.52
CA ALA D 285 -21.73 -8.66 23.75
C ALA D 285 -20.54 -8.26 24.61
N MET D 286 -19.38 -8.07 24.00
CA MET D 286 -18.23 -7.59 24.75
C MET D 286 -18.53 -6.26 25.43
N ASP D 287 -19.36 -5.43 24.80
CA ASP D 287 -19.74 -4.17 25.42
C ASP D 287 -20.52 -4.42 26.71
N TRP D 288 -21.44 -5.39 26.69
CA TRP D 288 -22.19 -5.71 27.89
C TRP D 288 -21.27 -6.27 28.97
N PHE D 289 -20.32 -7.12 28.60
CA PHE D 289 -19.40 -7.65 29.60
C PHE D 289 -18.59 -6.53 30.23
N ILE D 290 -18.09 -5.61 29.42
CA ILE D 290 -17.28 -4.53 29.96
C ILE D 290 -18.12 -3.59 30.80
N ALA D 291 -19.38 -3.38 30.43
CA ALA D 291 -20.27 -2.55 31.24
C ALA D 291 -20.51 -3.19 32.59
N VAL D 292 -20.73 -4.50 32.64
CA VAL D 292 -20.98 -5.16 33.91
C VAL D 292 -19.74 -5.14 34.78
N CYS D 293 -18.56 -5.35 34.19
CA CYS D 293 -17.34 -5.27 34.99
C CYS D 293 -17.11 -3.85 35.52
N TYR D 294 -17.42 -2.84 34.71
CA TYR D 294 -17.33 -1.47 35.20
C TYR D 294 -18.28 -1.26 36.37
N ALA D 295 -19.50 -1.79 36.26
CA ALA D 295 -20.46 -1.66 37.34
C ALA D 295 -19.94 -2.31 38.61
N PHE D 296 -19.30 -3.47 38.47
CA PHE D 296 -18.79 -4.17 39.65
C PHE D 296 -17.69 -3.35 40.33
N VAL D 297 -16.75 -2.82 39.55
CA VAL D 297 -15.66 -2.07 40.18
C VAL D 297 -16.20 -0.80 40.81
N PHE D 298 -17.15 -0.13 40.14
CA PHE D 298 -17.72 1.08 40.70
C PHE D 298 -18.49 0.78 41.98
N SER D 299 -19.16 -0.38 42.03
CA SER D 299 -19.87 -0.75 43.24
C SER D 299 -18.91 -1.06 44.37
N ALA D 300 -17.77 -1.68 44.06
CA ALA D 300 -16.75 -1.89 45.09
C ALA D 300 -16.28 -0.56 45.66
N LEU D 301 -16.02 0.42 44.79
CA LEU D 301 -15.60 1.73 45.27
C LEU D 301 -16.68 2.39 46.11
N ILE D 302 -17.94 2.28 45.68
CA ILE D 302 -19.03 2.89 46.43
C ILE D 302 -19.17 2.22 47.79
N GLU D 303 -18.99 0.91 47.86
CA GLU D 303 -19.08 0.21 49.13
C GLU D 303 -17.96 0.66 50.06
N PHE D 304 -16.75 0.81 49.53
CA PHE D 304 -15.67 1.30 50.38
C PHE D 304 -15.97 2.70 50.88
N ALA D 305 -16.52 3.55 50.02
CA ALA D 305 -16.87 4.90 50.47
C ALA D 305 -17.91 4.87 51.57
N THR D 306 -18.92 4.00 51.43
CA THR D 306 -19.93 3.89 52.47
C THR D 306 -19.33 3.40 53.78
N VAL D 307 -18.46 2.39 53.71
CA VAL D 307 -17.81 1.88 54.91
C VAL D 307 -17.03 3.00 55.59
N ASN D 308 -16.27 3.76 54.82
CA ASN D 308 -15.49 4.84 55.40
C ASN D 308 -16.39 5.92 55.98
N TYR D 309 -17.57 6.13 55.38
CA TYR D 309 -18.49 7.12 55.92
C TYR D 309 -19.06 6.67 57.26
N PHE D 310 -19.31 5.38 57.42
CA PHE D 310 -19.83 4.87 58.68
C PHE D 310 -18.73 4.55 59.68
N THR D 311 -17.47 4.59 59.26
CA THR D 311 -16.38 4.34 60.19
C THR D 311 -16.23 5.52 61.13
N LYS D 312 -15.82 5.24 62.36
CA LYS D 312 -15.67 6.21 63.45
C LYS D 312 -17.00 6.71 63.98
N SER D 313 -18.13 6.31 63.40
CA SER D 313 -19.44 6.65 63.93
C SER D 313 -20.26 5.42 64.31
N GLN D 314 -20.35 4.44 63.41
CA GLN D 314 -21.01 3.16 63.68
C GLN D 314 -20.12 2.05 63.15
N PRO D 315 -18.98 1.79 63.80
CA PRO D 315 -18.04 0.81 63.25
C PRO D 315 -18.60 -0.60 63.19
N ALA D 316 -19.59 -0.94 64.01
CA ALA D 316 -20.20 -2.26 63.91
C ALA D 316 -20.87 -2.44 62.56
N ARG D 317 -21.66 -1.45 62.15
CA ARG D 317 -22.35 -1.53 60.86
C ARG D 317 -21.34 -1.56 59.71
N ALA D 318 -20.26 -0.79 59.83
CA ALA D 318 -19.24 -0.80 58.80
C ALA D 318 -18.60 -2.17 58.66
N ALA D 319 -18.18 -2.75 59.78
CA ALA D 319 -17.59 -4.08 59.73
C ALA D 319 -18.58 -5.11 59.21
N LYS D 320 -19.87 -4.95 59.54
CA LYS D 320 -20.87 -5.89 59.06
C LYS D 320 -20.99 -5.84 57.55
N ILE D 321 -21.12 -4.63 57.00
CA ILE D 321 -21.29 -4.53 55.55
C ILE D 321 -20.01 -4.90 54.83
N ASP D 322 -18.85 -4.71 55.46
CA ASP D 322 -17.60 -5.12 54.83
C ASP D 322 -17.49 -6.64 54.80
N ARG D 323 -17.79 -7.30 55.91
CA ARG D 323 -17.72 -8.76 55.94
C ARG D 323 -18.78 -9.38 55.04
N LEU D 324 -19.88 -8.66 54.80
CA LEU D 324 -20.88 -9.16 53.87
C LEU D 324 -20.45 -8.96 52.41
N SER D 325 -19.82 -7.83 52.12
CA SER D 325 -19.33 -7.57 50.77
C SER D 325 -18.10 -8.41 50.44
N ARG D 326 -17.45 -9.01 51.43
CA ARG D 326 -16.39 -9.97 51.11
C ARG D 326 -16.93 -11.25 50.51
N ILE D 327 -18.25 -11.45 50.51
CA ILE D 327 -18.83 -12.68 49.97
C ILE D 327 -19.85 -12.35 48.89
N ALA D 328 -20.46 -11.17 48.97
CA ALA D 328 -21.54 -10.86 48.04
C ALA D 328 -21.02 -10.55 46.64
N PHE D 329 -19.87 -9.87 46.54
CA PHE D 329 -19.35 -9.53 45.22
C PHE D 329 -18.84 -10.74 44.45
N PRO D 330 -18.00 -11.62 45.02
CA PRO D 330 -17.49 -12.73 44.21
C PRO D 330 -18.55 -13.69 43.73
N LEU D 331 -19.54 -14.01 44.57
CA LEU D 331 -20.61 -14.90 44.13
C LEU D 331 -21.43 -14.25 43.02
N LEU D 332 -21.72 -12.95 43.14
CA LEU D 332 -22.48 -12.28 42.10
C LEU D 332 -21.71 -12.25 40.80
N PHE D 333 -20.40 -12.02 40.87
CA PHE D 333 -19.59 -12.02 39.65
C PHE D 333 -19.55 -13.40 39.02
N GLY D 334 -19.43 -14.45 39.85
CA GLY D 334 -19.45 -15.79 39.31
C GLY D 334 -20.76 -16.13 38.64
N ILE D 335 -21.87 -15.75 39.27
CA ILE D 335 -23.18 -16.01 38.67
C ILE D 335 -23.30 -15.27 37.35
N PHE D 336 -22.86 -14.02 37.30
CA PHE D 336 -22.94 -13.26 36.06
C PHE D 336 -22.08 -13.90 34.98
N ASN D 337 -20.89 -14.37 35.34
CA ASN D 337 -20.03 -15.02 34.36
C ASN D 337 -20.69 -16.27 33.81
N LEU D 338 -21.24 -17.10 34.69
CA LEU D 338 -21.92 -18.31 34.23
C LEU D 338 -23.06 -17.97 33.28
N VAL D 339 -23.91 -17.02 33.67
CA VAL D 339 -25.06 -16.68 32.83
C VAL D 339 -24.60 -16.16 31.48
N TYR D 340 -23.66 -15.20 31.49
CA TYR D 340 -23.18 -14.62 30.25
C TYR D 340 -22.60 -15.68 29.33
N TRP D 341 -21.67 -16.48 29.83
CA TRP D 341 -21.01 -17.46 28.98
C TRP D 341 -21.98 -18.50 28.48
N ALA D 342 -22.92 -18.93 29.33
CA ALA D 342 -23.88 -19.95 28.91
C ALA D 342 -24.78 -19.42 27.80
N THR D 343 -25.35 -18.23 27.98
CA THR D 343 -26.27 -17.72 26.97
C THR D 343 -25.56 -17.23 25.72
N TYR D 344 -24.25 -17.00 25.76
CA TYR D 344 -23.57 -16.54 24.55
C TYR D 344 -22.77 -17.63 23.83
N LEU D 345 -22.47 -18.75 24.48
CA LEU D 345 -21.80 -19.85 23.79
C LEU D 345 -22.76 -20.89 23.23
N ASN D 346 -24.00 -20.91 23.69
CA ASN D 346 -24.95 -21.88 23.15
C ASN D 346 -25.35 -21.55 21.72
N ARG D 347 -25.41 -20.27 21.38
CA ARG D 347 -25.82 -19.86 20.03
C ARG D 347 -24.82 -20.35 19.00
N GLY E 62 -25.02 -13.15 -38.62
CA GLY E 62 -25.93 -13.19 -39.75
C GLY E 62 -26.12 -11.83 -40.40
N ASP E 63 -27.31 -11.26 -40.21
CA ASP E 63 -27.60 -9.93 -40.73
C ASP E 63 -27.33 -8.82 -39.72
N VAL E 64 -27.16 -9.16 -38.45
CA VAL E 64 -26.80 -8.14 -37.46
C VAL E 64 -25.40 -7.61 -37.73
N THR E 65 -24.50 -8.46 -38.22
CA THR E 65 -23.18 -7.99 -38.61
C THR E 65 -23.27 -6.96 -39.73
N VAL E 66 -24.16 -7.20 -40.69
CA VAL E 66 -24.34 -6.25 -41.79
C VAL E 66 -24.86 -4.91 -41.25
N ILE E 67 -25.80 -4.97 -40.32
CA ILE E 67 -26.34 -3.73 -39.75
C ILE E 67 -25.23 -2.98 -39.02
N LEU E 68 -24.48 -3.68 -38.18
CA LEU E 68 -23.41 -3.03 -37.43
C LEU E 68 -22.35 -2.46 -38.35
N ASN E 69 -22.08 -3.12 -39.47
CA ASN E 69 -21.11 -2.58 -40.42
C ASN E 69 -21.65 -1.37 -41.15
N ASN E 70 -22.95 -1.35 -41.45
CA ASN E 70 -23.53 -0.19 -42.14
C ASN E 70 -23.66 1.01 -41.20
N LEU E 71 -23.80 0.77 -39.90
CA LEU E 71 -23.89 1.90 -38.98
C LEU E 71 -22.55 2.59 -38.79
N LEU E 72 -21.44 1.87 -38.93
CA LEU E 72 -20.12 2.41 -38.69
C LEU E 72 -19.39 2.77 -39.98
N GLU E 73 -20.08 2.76 -41.11
CA GLU E 73 -19.51 3.20 -42.38
C GLU E 73 -19.83 4.69 -42.55
N GLY E 74 -18.80 5.51 -42.58
CA GLY E 74 -19.01 6.95 -42.63
C GLY E 74 -19.46 7.51 -41.30
N TYR E 75 -18.90 7.03 -40.21
CA TYR E 75 -19.26 7.47 -38.86
C TYR E 75 -18.04 8.11 -38.23
N ASP E 76 -18.24 9.31 -37.67
CA ASP E 76 -17.17 10.06 -37.01
C ASP E 76 -17.54 10.19 -35.54
N ASN E 77 -16.82 9.49 -34.66
CA ASN E 77 -17.12 9.51 -33.25
C ASN E 77 -16.50 10.69 -32.53
N LYS E 78 -16.11 11.73 -33.27
CA LYS E 78 -15.63 12.97 -32.68
C LYS E 78 -16.67 14.08 -32.75
N LEU E 79 -17.78 13.86 -33.43
CA LEU E 79 -18.80 14.87 -33.64
C LEU E 79 -20.08 14.42 -32.93
N ARG E 80 -20.56 15.24 -32.01
CA ARG E 80 -21.78 14.91 -31.31
C ARG E 80 -22.95 14.89 -32.29
N PRO E 81 -23.98 14.09 -32.01
CA PRO E 81 -25.17 14.11 -32.87
C PRO E 81 -25.80 15.49 -32.91
N ASP E 82 -26.11 15.95 -34.12
CA ASP E 82 -26.58 17.33 -34.34
C ASP E 82 -25.53 18.33 -33.87
N ILE E 83 -24.37 18.27 -34.53
CA ILE E 83 -23.24 19.10 -34.13
C ILE E 83 -23.53 20.58 -34.39
N GLY E 84 -24.23 20.89 -35.48
CA GLY E 84 -24.52 22.28 -35.79
C GLY E 84 -25.98 22.58 -35.94
N VAL E 85 -26.83 21.93 -35.16
CA VAL E 85 -28.28 22.12 -35.27
C VAL E 85 -28.84 22.55 -33.92
N LYS E 86 -28.69 21.71 -32.91
CA LYS E 86 -29.35 21.93 -31.63
C LYS E 86 -28.60 21.14 -30.57
N PRO E 87 -28.77 21.48 -29.29
CA PRO E 87 -28.10 20.74 -28.23
C PRO E 87 -28.63 19.31 -28.13
N THR E 88 -27.78 18.44 -27.59
CA THR E 88 -28.10 17.03 -27.44
C THR E 88 -28.73 16.81 -26.08
N LEU E 89 -29.98 16.35 -26.07
CA LEU E 89 -30.69 16.09 -24.82
C LEU E 89 -30.36 14.70 -24.32
N ILE E 90 -29.83 14.62 -23.10
CA ILE E 90 -29.39 13.38 -22.49
C ILE E 90 -30.23 13.13 -21.25
N HIS E 91 -30.88 11.98 -21.17
CA HIS E 91 -31.66 11.59 -20.00
C HIS E 91 -30.82 10.68 -19.13
N THR E 92 -30.64 11.06 -17.87
CA THR E 92 -29.75 10.39 -16.94
C THR E 92 -30.53 9.70 -15.83
N ASP E 93 -30.21 8.44 -15.57
CA ASP E 93 -30.78 7.68 -14.47
C ASP E 93 -29.66 7.07 -13.65
N MET E 94 -30.01 6.64 -12.45
CA MET E 94 -29.05 6.08 -11.52
C MET E 94 -29.68 4.91 -10.77
N TYR E 95 -28.83 4.19 -10.06
CA TYR E 95 -29.28 3.11 -9.18
C TYR E 95 -28.23 3.00 -8.07
N VAL E 96 -28.51 3.60 -6.93
CA VAL E 96 -27.54 3.63 -5.83
C VAL E 96 -27.48 2.24 -5.21
N ASN E 97 -26.40 1.51 -5.48
CA ASN E 97 -26.20 0.22 -4.82
C ASN E 97 -26.01 0.40 -3.33
N SER E 98 -24.96 1.13 -2.95
CA SER E 98 -24.61 1.31 -1.55
C SER E 98 -23.93 2.66 -1.37
N ILE E 99 -24.26 3.35 -0.29
CA ILE E 99 -23.59 4.58 0.09
C ILE E 99 -22.56 4.21 1.15
N GLY E 100 -21.29 4.23 0.75
CA GLY E 100 -20.22 3.76 1.58
C GLY E 100 -20.01 4.59 2.83
N PRO E 101 -18.92 4.32 3.54
CA PRO E 101 -18.69 4.99 4.83
C PRO E 101 -18.46 6.49 4.65
N VAL E 102 -19.16 7.28 5.47
CA VAL E 102 -19.03 8.73 5.44
C VAL E 102 -18.00 9.10 6.51
N ASN E 103 -16.74 9.16 6.12
CA ASN E 103 -15.68 9.51 7.05
C ASN E 103 -15.57 11.03 7.11
N ALA E 104 -15.73 11.59 8.30
CA ALA E 104 -15.71 13.04 8.47
C ALA E 104 -14.31 13.61 8.42
N ILE E 105 -13.28 12.78 8.65
CA ILE E 105 -11.92 13.31 8.70
C ILE E 105 -11.53 13.90 7.36
N ASN E 106 -11.90 13.24 6.26
CA ASN E 106 -11.56 13.70 4.93
C ASN E 106 -12.71 14.46 4.26
N MET E 107 -13.86 14.57 4.92
CA MET E 107 -15.02 15.27 4.36
C MET E 107 -15.44 14.65 3.02
N GLU E 108 -15.47 13.33 2.96
CA GLU E 108 -15.81 12.61 1.74
C GLU E 108 -16.75 11.46 2.08
N TYR E 109 -17.32 10.86 1.04
CA TYR E 109 -18.18 9.70 1.23
C TYR E 109 -18.22 8.89 -0.06
N THR E 110 -18.21 7.58 0.08
CA THR E 110 -18.18 6.66 -1.05
C THR E 110 -19.59 6.25 -1.43
N ILE E 111 -19.83 6.15 -2.74
CA ILE E 111 -21.13 5.76 -3.28
C ILE E 111 -20.87 4.86 -4.48
N ASP E 112 -21.75 3.89 -4.70
CA ASP E 112 -21.61 2.94 -5.81
C ASP E 112 -22.91 2.93 -6.59
N ILE E 113 -22.83 3.32 -7.87
CA ILE E 113 -24.03 3.56 -8.67
C ILE E 113 -23.93 2.84 -10.01
N PHE E 114 -25.07 2.81 -10.71
CA PHE E 114 -25.22 2.27 -12.05
C PHE E 114 -25.69 3.44 -12.92
N PHE E 115 -24.75 4.18 -13.48
CA PHE E 115 -25.07 5.40 -14.21
C PHE E 115 -25.58 5.05 -15.61
N ALA E 116 -26.76 5.54 -15.96
CA ALA E 116 -27.36 5.26 -17.26
C ALA E 116 -27.63 6.57 -17.98
N GLN E 117 -27.19 6.66 -19.24
CA GLN E 117 -27.38 7.84 -20.07
C GLN E 117 -28.03 7.41 -21.37
N THR E 118 -29.11 8.08 -21.76
CA THR E 118 -29.78 7.75 -23.02
C THR E 118 -29.98 9.01 -23.83
N TRP E 119 -29.65 8.95 -25.11
CA TRP E 119 -29.77 10.10 -26.02
C TRP E 119 -30.20 9.59 -27.39
N TYR E 120 -30.42 10.52 -28.31
CA TYR E 120 -30.83 10.18 -29.68
C TYR E 120 -29.69 10.46 -30.63
N ASP E 121 -29.42 9.51 -31.52
CA ASP E 121 -28.37 9.62 -32.53
C ASP E 121 -28.98 9.22 -33.87
N ARG E 122 -29.25 10.22 -34.72
CA ARG E 122 -29.90 9.92 -35.99
C ARG E 122 -28.97 9.20 -36.97
N ARG E 123 -27.71 9.03 -36.61
CA ARG E 123 -26.77 8.29 -37.44
C ARG E 123 -26.78 6.80 -37.14
N LEU E 124 -27.10 6.41 -35.92
CA LEU E 124 -27.28 5.00 -35.58
C LEU E 124 -28.73 4.58 -35.77
N LYS E 125 -29.27 4.85 -36.95
CA LYS E 125 -30.66 4.58 -37.27
C LYS E 125 -30.70 3.54 -38.37
N PHE E 126 -31.25 2.37 -38.06
CA PHE E 126 -31.35 1.27 -39.01
C PHE E 126 -32.80 0.88 -39.20
N ASN E 127 -33.03 0.05 -40.21
CA ASN E 127 -34.39 -0.37 -40.58
C ASN E 127 -34.35 -1.87 -40.87
N SER E 128 -34.68 -2.68 -39.87
CA SER E 128 -34.73 -4.12 -40.02
C SER E 128 -35.79 -4.69 -39.09
N THR E 129 -35.96 -6.01 -39.14
CA THR E 129 -36.98 -6.65 -38.34
C THR E 129 -36.67 -6.53 -36.85
N ILE E 130 -35.40 -6.68 -36.48
CA ILE E 130 -35.01 -6.55 -35.08
C ILE E 130 -35.21 -5.11 -34.63
N LYS E 131 -35.77 -4.94 -33.43
CA LYS E 131 -36.09 -3.60 -32.93
C LYS E 131 -34.93 -2.98 -32.17
N VAL E 132 -34.17 -3.77 -31.43
CA VAL E 132 -33.12 -3.25 -30.55
C VAL E 132 -31.87 -4.08 -30.74
N LEU E 133 -30.72 -3.42 -30.70
CA LEU E 133 -29.42 -4.05 -30.75
C LEU E 133 -28.83 -3.99 -29.35
N ARG E 134 -28.54 -5.15 -28.78
CA ARG E 134 -28.02 -5.27 -27.43
C ARG E 134 -26.55 -5.66 -27.50
N LEU E 135 -25.68 -4.82 -26.96
CA LEU E 135 -24.25 -4.96 -27.16
C LEU E 135 -23.51 -4.77 -25.84
N ASN E 136 -22.34 -5.39 -25.77
CA ASN E 136 -21.45 -5.26 -24.63
C ASN E 136 -20.53 -4.06 -24.86
N SER E 137 -19.47 -3.98 -24.07
CA SER E 137 -18.56 -2.84 -24.12
C SER E 137 -17.58 -2.90 -25.29
N ASN E 138 -17.81 -3.76 -26.28
CA ASN E 138 -16.91 -3.80 -27.43
C ASN E 138 -17.21 -2.74 -28.47
N MET E 139 -18.38 -2.12 -28.41
CA MET E 139 -18.76 -1.09 -29.37
C MET E 139 -19.00 0.25 -28.72
N VAL E 140 -18.51 0.45 -27.49
CA VAL E 140 -18.70 1.73 -26.82
C VAL E 140 -17.69 2.74 -27.35
N GLY E 141 -16.48 2.29 -27.67
CA GLY E 141 -15.44 3.17 -28.17
C GLY E 141 -15.51 3.48 -29.65
N LYS E 142 -16.60 3.17 -30.33
CA LYS E 142 -16.74 3.44 -31.75
C LYS E 142 -17.85 4.41 -32.09
N ILE E 143 -18.70 4.76 -31.13
CA ILE E 143 -19.75 5.75 -31.36
C ILE E 143 -19.46 6.95 -30.49
N TRP E 144 -20.28 7.99 -30.59
CA TRP E 144 -20.11 9.16 -29.76
C TRP E 144 -20.67 8.89 -28.37
N ILE E 145 -19.93 9.26 -27.34
CA ILE E 145 -20.30 9.02 -25.97
C ILE E 145 -20.09 10.33 -25.21
N PRO E 146 -21.10 10.86 -24.52
CA PRO E 146 -20.92 12.14 -23.83
C PRO E 146 -19.91 12.04 -22.71
N ASP E 147 -19.21 13.15 -22.47
CA ASP E 147 -18.11 13.17 -21.51
C ASP E 147 -18.61 13.63 -20.13
N THR E 148 -19.52 12.86 -19.57
CA THR E 148 -20.07 13.20 -18.27
C THR E 148 -19.05 12.94 -17.18
N PHE E 149 -18.78 13.95 -16.36
CA PHE E 149 -17.88 13.81 -15.23
C PHE E 149 -18.56 14.38 -13.98
N PHE E 150 -18.17 13.85 -12.83
CA PHE E 150 -18.75 14.24 -11.55
C PHE E 150 -17.88 15.34 -10.94
N ARG E 151 -18.47 16.52 -10.75
CA ARG E 151 -17.69 17.71 -10.41
C ARG E 151 -17.18 17.73 -8.99
N ASN E 152 -17.68 16.87 -8.11
CA ASN E 152 -17.29 16.88 -6.70
C ASN E 152 -16.74 15.53 -6.26
N SER E 153 -16.12 14.80 -7.18
CA SER E 153 -15.56 13.49 -6.89
C SER E 153 -14.05 13.62 -6.67
N LYS E 154 -13.59 13.24 -5.48
CA LYS E 154 -12.16 13.24 -5.22
C LYS E 154 -11.46 12.18 -6.06
N LYS E 155 -11.96 10.95 -6.01
CA LYS E 155 -11.45 9.86 -6.85
C LYS E 155 -12.59 8.91 -7.15
N ALA E 156 -12.74 8.56 -8.43
CA ALA E 156 -13.79 7.67 -8.87
C ALA E 156 -13.26 6.82 -10.00
N ASP E 157 -13.81 5.62 -10.15
CA ASP E 157 -13.33 4.71 -11.19
C ASP E 157 -14.40 3.70 -11.54
N ALA E 158 -14.41 3.31 -12.81
CA ALA E 158 -15.32 2.28 -13.31
C ALA E 158 -14.80 0.90 -12.92
N HIS E 159 -15.54 -0.14 -13.29
CA HIS E 159 -15.19 -1.51 -12.99
C HIS E 159 -14.80 -2.24 -14.26
N TRP E 160 -13.80 -3.11 -14.14
CA TRP E 160 -13.21 -3.78 -15.29
C TRP E 160 -13.16 -5.29 -15.19
N ILE E 161 -13.60 -5.88 -14.09
CA ILE E 161 -13.55 -7.33 -13.89
C ILE E 161 -14.94 -7.89 -14.07
N THR E 162 -15.10 -8.91 -14.93
CA THR E 162 -14.04 -9.57 -15.69
C THR E 162 -13.82 -8.86 -17.02
N THR E 163 -14.91 -8.37 -17.59
CA THR E 163 -14.95 -7.54 -18.76
C THR E 163 -15.47 -6.16 -18.39
N PRO E 164 -14.98 -5.08 -19.03
CA PRO E 164 -15.47 -3.74 -18.68
C PRO E 164 -16.98 -3.70 -18.45
N ASN E 165 -17.40 -3.25 -17.29
CA ASN E 165 -18.82 -3.26 -16.93
C ASN E 165 -19.50 -2.13 -17.67
N ARG E 166 -19.94 -2.40 -18.89
CA ARG E 166 -20.64 -1.42 -19.70
C ARG E 166 -21.72 -2.13 -20.50
N MET E 167 -22.68 -1.35 -20.97
CA MET E 167 -23.81 -1.86 -21.73
C MET E 167 -24.21 -0.82 -22.76
N LEU E 168 -24.50 -1.26 -23.98
CA LEU E 168 -24.90 -0.35 -25.05
C LEU E 168 -26.08 -0.95 -25.80
N ARG E 169 -27.20 -0.24 -25.83
CA ARG E 169 -28.41 -0.71 -26.49
C ARG E 169 -28.88 0.34 -27.47
N ILE E 170 -28.79 0.02 -28.76
CA ILE E 170 -29.15 0.94 -29.84
C ILE E 170 -30.50 0.52 -30.41
N TRP E 171 -31.51 1.35 -30.20
CA TRP E 171 -32.85 1.06 -30.67
C TRP E 171 -32.95 1.35 -32.17
N ASN E 172 -34.16 1.24 -32.71
CA ASN E 172 -34.35 1.31 -34.16
C ASN E 172 -34.30 2.74 -34.68
N ASP E 173 -34.78 3.70 -33.90
CA ASP E 173 -34.86 5.09 -34.33
C ASP E 173 -33.65 5.91 -33.90
N GLY E 174 -32.53 5.27 -33.58
CA GLY E 174 -31.35 5.98 -33.17
C GLY E 174 -31.18 6.18 -31.69
N ARG E 175 -32.20 5.86 -30.90
CA ARG E 175 -32.10 6.02 -29.45
C ARG E 175 -31.06 5.08 -28.87
N VAL E 176 -30.06 5.65 -28.21
CA VAL E 176 -28.95 4.91 -27.62
C VAL E 176 -29.09 4.95 -26.11
N LEU E 177 -28.84 3.81 -25.46
CA LEU E 177 -28.75 3.69 -24.02
C LEU E 177 -27.36 3.16 -23.66
N TYR E 178 -26.68 3.86 -22.76
CA TYR E 178 -25.31 3.54 -22.37
C TYR E 178 -25.23 3.52 -20.86
N THR E 179 -24.92 2.34 -20.30
CA THR E 179 -24.95 2.13 -18.86
C THR E 179 -23.59 1.64 -18.38
N LEU E 180 -23.13 2.17 -17.25
CA LEU E 180 -21.86 1.72 -16.68
C LEU E 180 -21.95 1.73 -15.15
N ARG E 181 -21.01 1.01 -14.54
CA ARG E 181 -20.94 0.85 -13.10
C ARG E 181 -19.83 1.72 -12.54
N LEU E 182 -20.14 2.51 -11.51
CA LEU E 182 -19.20 3.49 -10.98
C LEU E 182 -19.11 3.41 -9.46
N THR E 183 -17.94 3.74 -8.93
CA THR E 183 -17.69 3.86 -7.49
C THR E 183 -17.02 5.21 -7.26
N ILE E 184 -17.79 6.17 -6.77
CA ILE E 184 -17.39 7.57 -6.69
C ILE E 184 -17.11 7.89 -5.23
N ASP E 185 -15.92 8.45 -4.96
CA ASP E 185 -15.62 9.01 -3.64
C ASP E 185 -15.93 10.50 -3.67
N ALA E 186 -17.22 10.81 -3.55
CA ALA E 186 -17.65 12.19 -3.65
C ALA E 186 -17.20 12.98 -2.42
N GLU E 187 -17.19 14.29 -2.57
CA GLU E 187 -16.72 15.21 -1.54
C GLU E 187 -17.86 16.07 -1.03
N CYS E 188 -17.92 16.25 0.29
CA CYS E 188 -18.88 17.19 0.86
C CYS E 188 -18.36 17.70 2.19
N GLN E 189 -18.27 19.02 2.31
CA GLN E 189 -17.70 19.67 3.48
C GLN E 189 -18.75 19.64 4.58
N LEU E 190 -18.58 18.71 5.52
CA LEU E 190 -19.53 18.58 6.62
C LEU E 190 -19.31 19.70 7.63
N GLN E 191 -20.38 20.42 7.95
CA GLN E 191 -20.33 21.44 8.99
C GLN E 191 -20.42 20.72 10.33
N LEU E 192 -19.27 20.49 10.95
CA LEU E 192 -19.22 19.66 12.14
C LEU E 192 -19.55 20.47 13.39
N HIS E 193 -20.67 21.18 13.35
CA HIS E 193 -21.28 21.68 14.57
C HIS E 193 -22.33 20.68 15.03
N ASN E 194 -22.87 20.90 16.22
CA ASN E 194 -23.87 20.00 16.79
C ASN E 194 -23.37 18.56 16.86
N PHE E 195 -22.06 18.35 16.74
CA PHE E 195 -21.54 16.99 16.74
C PHE E 195 -21.72 16.36 18.11
N PRO E 196 -22.18 15.10 18.20
CA PRO E 196 -22.56 14.20 17.11
C PRO E 196 -24.04 14.24 16.79
N MET E 197 -24.73 15.28 17.26
CA MET E 197 -26.15 15.45 16.95
C MET E 197 -26.33 16.32 15.71
N ASP E 198 -25.65 15.96 14.63
CA ASP E 198 -25.64 16.74 13.41
C ASP E 198 -26.27 15.96 12.25
N GLU E 199 -26.89 16.71 11.35
CA GLU E 199 -27.49 16.16 10.14
C GLU E 199 -26.90 16.87 8.93
N HIS E 200 -26.59 16.10 7.90
CA HIS E 200 -26.04 16.63 6.66
C HIS E 200 -26.92 16.26 5.48
N SER E 201 -26.78 17.02 4.41
CA SER E 201 -27.45 16.71 3.14
C SER E 201 -26.45 17.04 2.03
N CYS E 202 -25.65 16.05 1.62
CA CYS E 202 -24.54 16.46 0.77
C CYS E 202 -24.54 15.75 -0.58
N PRO E 203 -24.15 16.47 -1.64
CA PRO E 203 -24.58 16.11 -3.00
C PRO E 203 -23.64 15.21 -3.79
N LEU E 204 -24.10 14.91 -5.00
CA LEU E 204 -23.32 14.27 -6.04
C LEU E 204 -23.67 15.00 -7.33
N GLU E 205 -22.74 15.82 -7.83
CA GLU E 205 -22.96 16.68 -8.97
C GLU E 205 -22.22 16.16 -10.19
N PHE E 206 -22.86 16.22 -11.34
CA PHE E 206 -22.21 15.82 -12.58
C PHE E 206 -22.67 16.72 -13.73
N SER E 207 -21.80 16.82 -14.72
CA SER E 207 -22.07 17.64 -15.89
C SER E 207 -21.12 17.23 -16.99
N SER E 208 -21.37 17.74 -18.20
CA SER E 208 -20.43 17.55 -19.29
C SER E 208 -19.17 18.34 -19.01
N TYR E 209 -18.07 17.89 -19.61
CA TYR E 209 -16.79 18.54 -19.38
C TYR E 209 -16.52 19.62 -20.43
N GLY E 210 -16.52 19.24 -21.70
CA GLY E 210 -16.16 20.17 -22.76
C GLY E 210 -17.32 20.81 -23.48
N TYR E 211 -18.53 20.28 -23.33
CA TYR E 211 -19.68 20.78 -24.07
C TYR E 211 -20.50 21.72 -23.21
N PRO E 212 -20.64 22.99 -23.56
CA PRO E 212 -21.45 23.89 -22.74
C PRO E 212 -22.94 23.69 -22.93
N ARG E 213 -23.74 24.56 -22.31
CA ARG E 213 -25.19 24.41 -22.32
C ARG E 213 -25.77 24.43 -23.73
N GLU E 214 -25.08 25.07 -24.67
CA GLU E 214 -25.61 25.16 -26.03
C GLU E 214 -25.44 23.86 -26.82
N GLU E 215 -24.74 22.89 -26.28
CA GLU E 215 -24.44 21.65 -26.99
C GLU E 215 -24.96 20.41 -26.28
N ILE E 216 -24.80 20.31 -24.97
CA ILE E 216 -25.28 19.16 -24.21
C ILE E 216 -26.16 19.66 -23.07
N VAL E 217 -27.40 19.19 -23.03
CA VAL E 217 -28.34 19.51 -21.97
C VAL E 217 -28.77 18.21 -21.31
N TYR E 218 -28.56 18.11 -20.00
CA TYR E 218 -29.00 16.94 -19.27
C TYR E 218 -30.41 17.15 -18.75
N GLN E 219 -31.09 16.06 -18.42
CA GLN E 219 -32.46 16.15 -17.92
C GLN E 219 -32.82 14.87 -17.18
N TRP E 220 -33.28 15.02 -15.95
CA TRP E 220 -33.69 13.87 -15.16
C TRP E 220 -34.95 13.24 -15.73
N LYS E 221 -35.09 11.95 -15.48
CA LYS E 221 -36.35 11.24 -15.74
C LYS E 221 -37.25 11.32 -14.51
N ARG E 222 -38.51 10.92 -14.70
CA ARG E 222 -39.47 10.98 -13.60
C ARG E 222 -39.03 10.08 -12.44
N SER E 223 -38.58 8.86 -12.76
CA SER E 223 -38.16 7.87 -11.79
C SER E 223 -36.65 7.64 -11.87
N SER E 224 -35.90 8.72 -12.01
CA SER E 224 -34.47 8.64 -12.27
C SER E 224 -33.70 7.90 -11.19
N VAL E 225 -33.62 8.47 -10.00
CA VAL E 225 -32.78 7.93 -8.93
C VAL E 225 -33.60 6.99 -8.08
N GLU E 226 -33.16 5.73 -7.97
CA GLU E 226 -33.88 4.70 -7.22
C GLU E 226 -32.88 3.95 -6.34
N VAL E 227 -32.94 4.22 -5.04
CA VAL E 227 -32.06 3.55 -4.08
C VAL E 227 -32.37 2.07 -4.03
N GLY E 228 -31.46 1.30 -3.42
CA GLY E 228 -31.61 -0.13 -3.31
C GLY E 228 -32.38 -0.57 -2.09
N ASP E 229 -31.77 -1.43 -1.27
CA ASP E 229 -32.43 -1.95 -0.07
C ASP E 229 -32.18 -1.11 1.17
N THR E 230 -31.13 -0.29 1.18
CA THR E 230 -30.80 0.61 2.27
C THR E 230 -30.46 -0.13 3.56
N ARG E 231 -30.38 -1.46 3.53
CA ARG E 231 -30.07 -2.25 4.71
C ARG E 231 -28.65 -2.80 4.73
N SER E 232 -28.12 -3.21 3.59
CA SER E 232 -26.77 -3.75 3.50
C SER E 232 -25.75 -2.68 3.13
N TRP E 233 -26.05 -1.42 3.41
CA TRP E 233 -25.12 -0.33 3.19
C TRP E 233 -24.17 -0.19 4.36
N ARG E 234 -23.04 0.46 4.11
CA ARG E 234 -22.02 0.67 5.13
C ARG E 234 -22.20 1.99 5.86
N LEU E 235 -23.43 2.50 5.93
CA LEU E 235 -23.72 3.71 6.69
C LEU E 235 -23.78 3.32 8.16
N TYR E 236 -22.65 3.44 8.85
CA TYR E 236 -22.59 3.06 10.25
C TYR E 236 -23.11 4.17 11.15
N GLN E 237 -22.45 5.32 11.12
CA GLN E 237 -22.77 6.41 12.03
C GLN E 237 -23.95 7.24 11.57
N PHE E 238 -24.35 7.14 10.31
CA PHE E 238 -25.43 7.93 9.75
C PHE E 238 -26.60 7.02 9.37
N SER E 239 -27.64 7.65 8.81
CA SER E 239 -28.84 6.92 8.43
C SER E 239 -29.52 7.62 7.26
N PHE E 240 -29.72 6.90 6.17
CA PHE E 240 -30.33 7.48 4.98
C PHE E 240 -31.77 7.85 5.25
N VAL E 241 -32.13 9.10 4.95
CA VAL E 241 -33.49 9.58 5.17
C VAL E 241 -34.18 10.04 3.90
N GLY E 242 -33.46 10.34 2.82
CA GLY E 242 -34.11 10.75 1.59
C GLY E 242 -33.11 11.30 0.60
N LEU E 243 -33.64 11.66 -0.57
CA LEU E 243 -32.82 12.25 -1.62
C LEU E 243 -33.68 13.18 -2.46
N ARG E 244 -33.01 13.98 -3.29
CA ARG E 244 -33.72 14.87 -4.19
C ARG E 244 -32.79 15.27 -5.33
N ASN E 245 -33.34 15.37 -6.53
CA ASN E 245 -32.58 15.75 -7.71
C ASN E 245 -32.79 17.23 -8.04
N THR E 246 -31.78 17.82 -8.68
CA THR E 246 -31.77 19.25 -8.94
C THR E 246 -30.97 19.53 -10.20
N THR E 247 -31.38 20.53 -10.97
CA THR E 247 -30.68 20.94 -12.18
C THR E 247 -30.44 22.43 -12.13
N GLU E 248 -29.21 22.86 -12.41
CA GLU E 248 -28.88 24.28 -12.45
C GLU E 248 -27.91 24.54 -13.60
N VAL E 249 -27.48 25.79 -13.73
CA VAL E 249 -26.55 26.21 -14.77
C VAL E 249 -25.42 27.00 -14.10
N VAL E 250 -24.19 26.57 -14.34
CA VAL E 250 -23.03 27.22 -13.75
C VAL E 250 -22.21 27.89 -14.84
N LYS E 251 -21.42 28.87 -14.42
CA LYS E 251 -20.56 29.64 -15.30
C LYS E 251 -19.11 29.24 -15.06
N THR E 252 -18.38 28.96 -16.13
CA THR E 252 -16.97 28.59 -16.06
C THR E 252 -16.21 29.43 -17.07
N THR E 253 -14.88 29.39 -16.96
CA THR E 253 -14.05 30.12 -17.91
C THR E 253 -14.27 29.66 -19.35
N SER E 254 -14.83 28.47 -19.53
CA SER E 254 -15.09 27.95 -20.87
C SER E 254 -16.47 28.30 -21.39
N GLY E 255 -17.50 28.24 -20.53
CA GLY E 255 -18.84 28.56 -20.96
C GLY E 255 -19.84 28.30 -19.87
N ASP E 256 -21.09 28.16 -20.27
CA ASP E 256 -22.19 27.87 -19.35
C ASP E 256 -22.52 26.38 -19.44
N TYR E 257 -22.54 25.72 -18.30
CA TYR E 257 -22.74 24.28 -18.26
C TYR E 257 -23.98 23.93 -17.44
N VAL E 258 -24.65 22.86 -17.86
CA VAL E 258 -25.83 22.36 -17.16
C VAL E 258 -25.34 21.34 -16.14
N VAL E 259 -25.47 21.67 -14.86
CA VAL E 259 -24.95 20.87 -13.77
C VAL E 259 -26.14 20.20 -13.08
N MET E 260 -26.16 18.88 -13.09
CA MET E 260 -27.16 18.14 -12.35
C MET E 260 -26.61 17.71 -11.01
N SER E 261 -27.50 17.55 -10.04
CA SER E 261 -27.11 17.21 -8.68
C SER E 261 -28.12 16.23 -8.11
N VAL E 262 -27.63 15.35 -7.24
CA VAL E 262 -28.47 14.47 -6.44
C VAL E 262 -28.04 14.66 -4.99
N TYR E 263 -28.95 15.13 -4.15
CA TYR E 263 -28.66 15.40 -2.76
C TYR E 263 -29.14 14.22 -1.94
N PHE E 264 -28.23 13.62 -1.17
CA PHE E 264 -28.54 12.56 -0.22
C PHE E 264 -28.56 13.14 1.18
N ASP E 265 -29.62 12.84 1.93
CA ASP E 265 -29.83 13.35 3.29
C ASP E 265 -29.40 12.30 4.29
N LEU E 266 -28.37 12.60 5.07
CA LEU E 266 -27.84 11.70 6.09
C LEU E 266 -28.05 12.29 7.47
N SER E 267 -28.48 11.45 8.41
CA SER E 267 -28.72 11.86 9.79
C SER E 267 -27.85 11.01 10.70
N ARG E 268 -27.00 11.65 11.50
CA ARG E 268 -26.09 10.89 12.35
C ARG E 268 -26.88 10.26 13.48
N ARG E 269 -26.91 8.94 13.51
CA ARG E 269 -27.55 8.21 14.60
C ARG E 269 -26.61 8.11 15.78
N MET E 270 -27.14 8.38 16.97
CA MET E 270 -26.27 8.36 18.13
C MET E 270 -26.12 6.93 18.61
N GLY E 271 -25.04 6.67 19.33
CA GLY E 271 -24.69 5.30 19.64
C GLY E 271 -23.22 5.24 19.97
N TYR E 272 -22.40 5.02 18.93
CA TYR E 272 -20.98 4.83 19.15
C TYR E 272 -20.43 5.92 20.06
N PHE E 273 -20.79 7.16 19.80
CA PHE E 273 -20.28 8.25 20.64
C PHE E 273 -20.93 8.21 22.02
N THR E 274 -22.21 7.82 22.07
CA THR E 274 -22.90 7.72 23.35
C THR E 274 -22.16 6.79 24.31
N ILE E 275 -21.59 5.71 23.77
CA ILE E 275 -20.93 4.70 24.60
C ILE E 275 -19.42 4.86 24.59
N GLN E 276 -18.88 5.74 23.76
CA GLN E 276 -17.44 5.93 23.65
C GLN E 276 -16.93 7.10 24.47
N THR E 277 -17.74 8.14 24.65
CA THR E 277 -17.29 9.34 25.33
C THR E 277 -18.27 9.85 26.37
N TYR E 278 -19.58 9.79 26.10
CA TYR E 278 -20.54 10.40 27.02
C TYR E 278 -20.60 9.65 28.34
N ILE E 279 -20.74 8.33 28.28
CA ILE E 279 -20.88 7.50 29.47
C ILE E 279 -19.57 7.52 30.23
N PRO E 280 -18.42 7.30 29.58
CA PRO E 280 -17.15 7.40 30.32
C PRO E 280 -16.98 8.71 31.07
N CYS E 281 -17.38 9.83 30.45
CA CYS E 281 -17.15 11.12 31.10
C CYS E 281 -18.12 11.35 32.24
N THR E 282 -19.38 10.92 32.10
CA THR E 282 -20.29 11.09 33.22
C THR E 282 -19.90 10.16 34.37
N LEU E 283 -19.31 9.01 34.04
CA LEU E 283 -18.89 8.08 35.07
C LEU E 283 -17.64 8.60 35.77
N ILE E 284 -16.80 9.33 35.05
CA ILE E 284 -15.66 9.98 35.66
C ILE E 284 -16.14 11.11 36.58
N VAL E 285 -17.17 11.83 36.16
CA VAL E 285 -17.71 12.89 37.01
C VAL E 285 -18.23 12.32 38.33
N VAL E 286 -18.97 11.22 38.26
CA VAL E 286 -19.49 10.66 39.50
C VAL E 286 -18.35 10.06 40.32
N LEU E 287 -17.29 9.59 39.65
CA LEU E 287 -16.13 9.12 40.39
C LEU E 287 -15.49 10.25 41.17
N SER E 288 -15.45 11.44 40.56
CA SER E 288 -14.91 12.60 41.27
C SER E 288 -15.82 13.02 42.41
N TRP E 289 -17.13 12.82 42.25
CA TRP E 289 -18.04 13.13 43.35
C TRP E 289 -17.85 12.17 44.52
N VAL E 290 -17.43 10.93 44.24
CA VAL E 290 -17.24 9.96 45.31
C VAL E 290 -16.26 10.46 46.36
N SER E 291 -15.36 11.37 45.98
CA SER E 291 -14.39 11.89 46.94
C SER E 291 -15.03 12.77 48.01
N PHE E 292 -16.21 13.33 47.75
CA PHE E 292 -16.85 14.23 48.70
C PHE E 292 -17.32 13.52 49.97
N TRP E 293 -17.36 12.19 49.98
CA TRP E 293 -17.80 11.46 51.17
C TRP E 293 -16.65 10.89 51.97
N ILE E 294 -15.47 10.74 51.38
CA ILE E 294 -14.31 10.28 52.13
C ILE E 294 -13.95 11.35 53.16
N ASN E 295 -13.58 10.91 54.36
CA ASN E 295 -13.31 11.83 55.45
C ASN E 295 -12.20 12.81 55.08
N LYS E 296 -12.32 14.03 55.58
CA LYS E 296 -11.43 15.12 55.20
C LYS E 296 -10.03 15.00 55.81
N ASP E 297 -9.80 14.09 56.74
CA ASP E 297 -8.48 13.96 57.32
C ASP E 297 -7.52 13.19 56.41
N ALA E 298 -8.02 12.21 55.66
CA ALA E 298 -7.21 11.43 54.75
C ALA E 298 -6.92 12.28 53.52
N VAL E 299 -5.80 12.99 53.55
CA VAL E 299 -5.42 13.90 52.47
C VAL E 299 -4.98 13.11 51.25
N PRO E 300 -3.99 12.21 51.37
CA PRO E 300 -3.47 11.56 50.16
C PRO E 300 -4.51 10.84 49.34
N ALA E 301 -5.50 10.22 50.00
CA ALA E 301 -6.54 9.52 49.26
C ALA E 301 -7.28 10.48 48.35
N ARG E 302 -7.70 11.62 48.89
CA ARG E 302 -8.51 12.55 48.11
C ARG E 302 -7.67 13.26 47.05
N THR E 303 -6.42 13.60 47.36
CA THR E 303 -5.56 14.18 46.35
C THR E 303 -5.33 13.22 45.19
N SER E 304 -5.09 11.95 45.49
CA SER E 304 -4.91 10.96 44.43
C SER E 304 -6.18 10.84 43.60
N LEU E 305 -7.33 10.73 44.27
CA LEU E 305 -8.61 10.75 43.57
C LEU E 305 -8.66 11.90 42.57
N GLY E 306 -8.50 13.13 43.05
CA GLY E 306 -8.65 14.28 42.18
C GLY E 306 -7.69 14.24 41.01
N ILE E 307 -6.41 13.99 41.27
CA ILE E 307 -5.41 14.17 40.23
C ILE E 307 -5.52 13.07 39.19
N THR E 308 -5.77 11.84 39.62
CA THR E 308 -5.94 10.75 38.67
C THR E 308 -7.22 10.91 37.87
N THR E 309 -8.28 11.45 38.50
CA THR E 309 -9.49 11.72 37.76
C THR E 309 -9.27 12.77 36.68
N VAL E 310 -8.49 13.81 37.01
CA VAL E 310 -8.18 14.82 36.01
C VAL E 310 -7.38 14.21 34.87
N LEU E 311 -6.43 13.33 35.20
CA LEU E 311 -5.61 12.70 34.16
C LEU E 311 -6.48 11.88 33.21
N THR E 312 -7.38 11.06 33.76
CA THR E 312 -8.26 10.27 32.92
C THR E 312 -9.18 11.17 32.10
N MET E 313 -9.62 12.28 32.69
CA MET E 313 -10.49 13.21 31.98
C MET E 313 -9.79 13.81 30.76
N THR E 314 -8.53 14.22 30.94
CA THR E 314 -7.81 14.81 29.81
C THR E 314 -7.50 13.76 28.74
N THR E 315 -7.21 12.52 29.16
CA THR E 315 -7.01 11.46 28.17
C THR E 315 -8.28 11.23 27.36
N LEU E 316 -9.43 11.20 28.02
CA LEU E 316 -10.69 10.95 27.32
C LEU E 316 -11.02 12.11 26.40
N SER E 317 -10.74 13.34 26.83
CA SER E 317 -10.96 14.49 25.95
C SER E 317 -10.07 14.43 24.72
N THR E 318 -8.80 14.05 24.91
CA THR E 318 -7.90 13.88 23.77
C THR E 318 -8.46 12.88 22.78
N ILE E 319 -8.92 11.72 23.28
CA ILE E 319 -9.44 10.70 22.39
C ILE E 319 -10.67 11.22 21.66
N ALA E 320 -11.61 11.80 22.41
CA ALA E 320 -12.85 12.30 21.80
C ALA E 320 -12.56 13.28 20.69
N ARG E 321 -11.62 14.21 20.92
CA ARG E 321 -11.28 15.16 19.87
C ARG E 321 -10.54 14.49 18.73
N LYS E 322 -9.83 13.39 19.02
CA LYS E 322 -9.15 12.66 17.97
C LYS E 322 -10.12 11.91 17.08
N SER E 323 -11.35 11.71 17.55
CA SER E 323 -12.35 11.05 16.71
C SER E 323 -12.54 11.80 15.39
N LEU E 324 -12.95 13.06 15.47
CA LEU E 324 -13.26 13.90 14.32
C LEU E 324 -12.04 14.74 13.92
N PRO E 325 -12.04 15.32 12.70
CA PRO E 325 -10.83 16.02 12.23
C PRO E 325 -10.50 17.29 12.98
N LYS E 326 -9.39 17.93 12.60
CA LYS E 326 -8.96 19.17 13.22
C LYS E 326 -9.84 20.31 12.72
N VAL E 327 -10.69 20.84 13.60
CA VAL E 327 -11.54 21.97 13.29
C VAL E 327 -11.31 23.03 14.35
N SER E 328 -11.23 24.28 13.93
CA SER E 328 -10.85 25.36 14.82
C SER E 328 -12.02 25.91 15.63
N TYR E 329 -13.23 25.39 15.45
CA TYR E 329 -14.38 25.84 16.24
C TYR E 329 -14.71 24.81 17.30
N VAL E 330 -15.67 25.17 18.15
CA VAL E 330 -16.07 24.37 19.30
C VAL E 330 -17.31 23.58 18.92
N THR E 331 -17.23 22.25 19.03
CA THR E 331 -18.35 21.39 18.70
C THR E 331 -19.23 21.22 19.94
N ALA E 332 -20.15 20.27 19.90
CA ALA E 332 -21.01 19.98 21.04
C ALA E 332 -20.47 18.85 21.90
N MET E 333 -19.50 18.08 21.42
CA MET E 333 -18.91 17.00 22.19
C MET E 333 -17.74 17.50 23.02
N ASP E 334 -16.87 18.29 22.39
CA ASP E 334 -15.75 18.86 23.15
C ASP E 334 -16.25 19.85 24.19
N LEU E 335 -17.38 20.50 23.94
CA LEU E 335 -18.03 21.30 24.98
C LEU E 335 -18.38 20.43 26.18
N PHE E 336 -18.97 19.26 25.92
CA PHE E 336 -19.33 18.37 27.02
C PHE E 336 -18.11 17.93 27.80
N VAL E 337 -17.05 17.52 27.10
CA VAL E 337 -15.88 17.03 27.83
C VAL E 337 -15.20 18.19 28.57
N SER E 338 -15.36 19.41 28.07
CA SER E 338 -14.80 20.56 28.76
C SER E 338 -15.57 20.86 30.03
N VAL E 339 -16.90 20.76 29.97
CA VAL E 339 -17.70 20.98 31.17
C VAL E 339 -17.37 19.92 32.20
N CYS E 340 -17.21 18.66 31.77
CA CYS E 340 -16.83 17.61 32.72
C CYS E 340 -15.46 17.88 33.32
N PHE E 341 -14.52 18.34 32.49
CA PHE E 341 -13.20 18.69 33.00
C PHE E 341 -13.32 19.76 34.08
N ILE E 342 -14.12 20.79 33.80
CA ILE E 342 -14.31 21.87 34.76
C ILE E 342 -14.88 21.31 36.06
N PHE E 343 -15.88 20.43 35.95
CA PHE E 343 -16.46 19.82 37.15
C PHE E 343 -15.39 19.13 37.99
N VAL E 344 -14.56 18.31 37.35
CA VAL E 344 -13.55 17.57 38.12
C VAL E 344 -12.56 18.54 38.74
N PHE E 345 -12.14 19.56 37.99
CA PHE E 345 -11.17 20.51 38.51
C PHE E 345 -11.77 21.30 39.66
N SER E 346 -13.07 21.56 39.61
CA SER E 346 -13.72 22.33 40.67
C SER E 346 -13.89 21.48 41.92
N ALA E 347 -14.11 20.18 41.76
CA ALA E 347 -14.16 19.32 42.93
C ALA E 347 -12.79 19.24 43.59
N LEU E 348 -11.73 19.28 42.79
CA LEU E 348 -10.41 19.17 43.38
C LEU E 348 -10.01 20.46 44.08
N VAL E 349 -10.25 21.61 43.44
CA VAL E 349 -9.92 22.86 44.12
C VAL E 349 -10.82 23.06 45.32
N GLU E 350 -12.04 22.53 45.28
CA GLU E 350 -12.93 22.61 46.44
C GLU E 350 -12.35 21.84 47.61
N TYR E 351 -11.87 20.62 47.36
CA TYR E 351 -11.22 19.89 48.45
C TYR E 351 -9.97 20.60 48.92
N GLY E 352 -9.22 21.21 48.00
CA GLY E 352 -8.04 21.95 48.40
C GLY E 352 -8.37 23.07 49.37
N THR E 353 -9.38 23.87 49.04
CA THR E 353 -9.80 24.95 49.93
C THR E 353 -10.36 24.38 51.24
N LEU E 354 -11.04 23.23 51.18
CA LEU E 354 -11.52 22.60 52.41
C LEU E 354 -10.35 22.27 53.33
N HIS E 355 -9.32 21.63 52.78
CA HIS E 355 -8.17 21.24 53.59
C HIS E 355 -7.43 22.47 54.10
N TYR E 356 -7.37 23.53 53.30
CA TYR E 356 -6.71 24.75 53.75
C TYR E 356 -7.47 25.41 54.88
N PHE E 357 -8.80 25.39 54.82
CA PHE E 357 -9.62 26.01 55.84
C PHE E 357 -9.74 25.18 57.10
N VAL E 358 -9.49 23.86 57.02
CA VAL E 358 -9.52 23.06 58.25
C VAL E 358 -8.52 23.62 59.25
N SER E 359 -7.35 24.05 58.78
CA SER E 359 -6.37 24.64 59.68
C SER E 359 -6.84 25.98 60.23
N SER E 360 -7.56 26.76 59.41
CA SER E 360 -8.05 28.07 59.86
C SER E 360 -9.32 27.95 60.69
N GLN E 361 -10.41 27.46 60.08
CA GLN E 361 -11.68 27.33 60.78
C GLN E 361 -12.32 25.99 60.45
N PRO E 362 -12.49 25.09 61.42
CA PRO E 362 -13.01 23.76 61.08
C PRO E 362 -14.48 23.75 60.71
N ALA E 363 -15.31 24.54 61.40
CA ALA E 363 -16.74 24.50 61.12
C ALA E 363 -17.04 24.96 59.70
N ARG E 364 -16.24 25.88 59.17
CA ARG E 364 -16.40 26.30 57.79
C ARG E 364 -16.29 25.11 56.85
N ALA E 365 -15.22 24.32 57.01
CA ALA E 365 -15.03 23.15 56.15
C ALA E 365 -16.10 22.10 56.41
N ALA E 366 -16.52 21.93 57.67
CA ALA E 366 -17.56 20.96 57.98
C ALA E 366 -18.85 21.28 57.24
N LYS E 367 -19.21 22.57 57.18
CA LYS E 367 -20.40 22.95 56.43
C LYS E 367 -20.15 22.90 54.92
N MET E 368 -18.94 23.23 54.49
CA MET E 368 -18.62 23.24 53.07
C MET E 368 -18.74 21.86 52.45
N ASP E 369 -18.31 20.82 53.18
CA ASP E 369 -18.38 19.47 52.61
C ASP E 369 -19.82 19.09 52.30
N SER E 370 -20.71 19.23 53.28
CA SER E 370 -22.11 18.88 53.06
C SER E 370 -22.77 19.82 52.06
N TYR E 371 -22.28 21.05 51.95
CA TYR E 371 -22.81 21.95 50.92
C TYR E 371 -22.45 21.44 49.54
N ALA E 372 -21.21 21.03 49.34
CA ALA E 372 -20.77 20.55 48.04
C ALA E 372 -21.47 19.24 47.68
N ARG E 373 -21.69 18.37 48.67
CA ARG E 373 -22.33 17.09 48.39
C ARG E 373 -23.67 17.26 47.70
N ILE E 374 -24.34 18.39 47.92
CA ILE E 374 -25.63 18.65 47.31
C ILE E 374 -25.46 19.55 46.09
N PHE E 375 -24.51 20.47 46.15
CA PHE E 375 -24.37 21.45 45.08
C PHE E 375 -23.82 20.84 43.80
N PHE E 376 -22.96 19.81 43.91
CA PHE E 376 -22.34 19.29 42.69
C PHE E 376 -23.31 18.47 41.86
N PRO E 377 -23.97 17.44 42.40
CA PRO E 377 -24.88 16.65 41.55
C PRO E 377 -26.04 17.45 41.00
N THR E 378 -26.55 18.43 41.75
CA THR E 378 -27.62 19.27 41.22
C THR E 378 -27.13 20.07 40.02
N ALA E 379 -25.95 20.68 40.15
CA ALA E 379 -25.41 21.46 39.03
C ALA E 379 -25.15 20.58 37.83
N PHE E 380 -24.83 19.30 38.05
CA PHE E 380 -24.56 18.44 36.91
C PHE E 380 -25.86 18.01 36.23
N CYS E 381 -26.87 17.65 37.03
CA CYS E 381 -28.17 17.35 36.45
C CYS E 381 -28.67 18.52 35.64
N LEU E 382 -28.61 19.72 36.22
CA LEU E 382 -29.03 20.93 35.51
C LEU E 382 -28.29 21.08 34.20
N PHE E 383 -26.94 21.04 34.25
CA PHE E 383 -26.16 21.15 33.04
C PHE E 383 -26.64 20.15 31.99
N ASN E 384 -26.73 18.88 32.36
CA ASN E 384 -27.15 17.85 31.41
C ASN E 384 -28.47 18.26 30.77
N LEU E 385 -29.51 18.41 31.59
CA LEU E 385 -30.81 18.80 31.10
C LEU E 385 -30.68 19.91 30.07
N VAL E 386 -30.12 21.05 30.49
CA VAL E 386 -29.97 22.20 29.60
C VAL E 386 -29.36 21.77 28.27
N TYR E 387 -28.12 21.27 28.32
CA TYR E 387 -27.38 20.82 27.15
C TYR E 387 -28.22 19.97 26.21
N TRP E 388 -28.68 18.83 26.71
CA TRP E 388 -29.42 17.88 25.89
C TRP E 388 -30.63 18.52 25.26
N VAL E 389 -31.49 19.15 26.08
CA VAL E 389 -32.71 19.74 25.54
C VAL E 389 -32.35 20.74 24.44
N SER E 390 -31.42 21.64 24.74
CA SER E 390 -31.04 22.68 23.77
C SER E 390 -30.64 22.05 22.45
N TYR E 391 -29.71 21.09 22.48
CA TYR E 391 -29.22 20.54 21.23
C TYR E 391 -30.29 19.72 20.51
N LEU E 392 -31.17 19.04 21.26
CA LEU E 392 -32.21 18.26 20.60
C LEU E 392 -33.23 19.17 19.93
N TYR E 393 -33.42 20.38 20.45
CA TYR E 393 -34.31 21.33 19.80
C TYR E 393 -33.62 22.08 18.67
N LEU E 394 -32.30 22.26 18.77
CA LEU E 394 -31.55 22.99 17.76
C LEU E 394 -31.35 22.14 16.52
N ASN F 1 42.12 21.56 -6.72
CA ASN F 1 43.36 20.87 -7.19
C ASN F 1 43.67 19.66 -6.33
N ILE F 2 43.69 18.49 -6.96
CA ILE F 2 43.99 17.24 -6.29
C ILE F 2 45.45 16.92 -6.57
N VAL F 3 46.28 16.96 -5.55
CA VAL F 3 47.70 16.69 -5.70
C VAL F 3 47.94 15.19 -5.58
N MET F 4 48.81 14.67 -6.43
CA MET F 4 49.14 13.25 -6.47
C MET F 4 50.61 13.08 -6.13
N THR F 5 50.89 12.51 -4.97
CA THR F 5 52.26 12.22 -4.56
C THR F 5 52.64 10.83 -5.07
N GLN F 6 53.54 10.79 -6.04
CA GLN F 6 54.00 9.54 -6.63
C GLN F 6 55.37 9.17 -6.07
N SER F 7 55.50 7.93 -5.62
CA SER F 7 56.72 7.41 -5.01
C SER F 7 57.11 6.09 -5.64
N PRO F 8 58.41 5.77 -5.70
CA PRO F 8 59.54 6.59 -5.25
C PRO F 8 60.01 7.55 -6.33
N LYS F 9 60.73 8.59 -5.96
CA LYS F 9 61.12 9.60 -6.94
C LYS F 9 62.07 9.02 -7.99
N SER F 10 62.87 8.02 -7.61
CA SER F 10 63.81 7.40 -8.54
C SER F 10 64.27 6.09 -7.95
N MET F 11 64.10 5.00 -8.68
CA MET F 11 64.48 3.68 -8.19
C MET F 11 65.06 2.88 -9.34
N SER F 12 65.98 1.96 -9.00
CA SER F 12 66.69 1.17 -9.99
C SER F 12 66.57 -0.30 -9.64
N MET F 13 66.13 -1.10 -10.62
CA MET F 13 65.98 -2.54 -10.45
C MET F 13 66.53 -3.24 -11.68
N SER F 14 67.11 -4.42 -11.47
CA SER F 14 67.67 -5.21 -12.55
C SER F 14 66.53 -5.87 -13.32
N VAL F 15 66.85 -6.76 -14.24
CA VAL F 15 65.87 -7.36 -15.12
C VAL F 15 65.35 -8.64 -14.49
N GLY F 16 64.03 -8.77 -14.40
CA GLY F 16 63.42 -10.01 -13.96
C GLY F 16 62.79 -9.98 -12.58
N GLU F 17 62.61 -8.82 -11.97
CA GLU F 17 62.04 -8.73 -10.63
C GLU F 17 60.78 -7.87 -10.65
N ARG F 18 59.87 -8.19 -9.73
CA ARG F 18 58.63 -7.44 -9.59
C ARG F 18 58.91 -6.08 -8.98
N VAL F 19 58.45 -5.02 -9.65
CA VAL F 19 58.62 -3.65 -9.17
C VAL F 19 57.25 -3.04 -8.95
N THR F 20 57.12 -2.29 -7.86
CA THR F 20 55.85 -1.68 -7.47
C THR F 20 56.03 -0.18 -7.30
N LEU F 21 55.28 0.60 -8.05
CA LEU F 21 55.22 2.05 -7.91
C LEU F 21 53.92 2.42 -7.20
N SER F 22 53.96 3.50 -6.42
CA SER F 22 52.81 3.95 -5.65
C SER F 22 52.47 5.38 -6.01
N CYS F 23 51.17 5.69 -5.94
CA CYS F 23 50.68 7.02 -6.25
C CYS F 23 49.49 7.28 -5.34
N LYS F 24 49.65 8.22 -4.40
CA LYS F 24 48.60 8.51 -3.43
C LYS F 24 48.02 9.89 -3.71
N ALA F 25 46.71 9.96 -3.85
CA ALA F 25 46.04 11.22 -4.12
C ALA F 25 45.81 11.97 -2.80
N SER F 26 45.27 13.18 -2.91
CA SER F 26 44.91 13.97 -1.75
C SER F 26 43.44 13.77 -1.38
N GLU F 27 42.54 14.07 -2.31
CA GLU F 27 41.12 13.89 -2.10
C GLU F 27 40.71 12.52 -2.64
N TYR F 28 39.40 12.32 -2.76
CA TYR F 28 38.87 11.08 -3.34
C TYR F 28 38.99 11.12 -4.86
N VAL F 29 39.57 10.07 -5.43
CA VAL F 29 39.57 9.87 -6.87
C VAL F 29 39.22 8.41 -7.11
N GLY F 30 37.98 8.12 -7.43
CA GLY F 30 37.55 6.74 -7.43
C GLY F 30 37.82 6.01 -8.72
N THR F 31 38.93 5.27 -8.75
CA THR F 31 39.29 4.46 -9.91
C THR F 31 39.32 5.30 -11.19
N TYR F 32 39.86 6.51 -11.08
CA TYR F 32 39.94 7.43 -12.19
C TYR F 32 41.37 7.94 -12.33
N VAL F 33 42.34 7.08 -12.06
CA VAL F 33 43.75 7.41 -12.14
C VAL F 33 44.40 6.51 -13.18
N SER F 34 44.99 7.12 -14.19
CA SER F 34 45.67 6.40 -15.26
C SER F 34 47.18 6.49 -15.11
N TRP F 35 47.87 5.49 -15.67
CA TRP F 35 49.32 5.37 -15.62
C TRP F 35 49.86 5.43 -17.04
N TYR F 36 50.79 6.37 -17.27
CA TYR F 36 51.42 6.61 -18.56
C TYR F 36 52.91 6.29 -18.49
N GLN F 37 53.45 5.85 -19.62
CA GLN F 37 54.86 5.51 -19.77
C GLN F 37 55.48 6.44 -20.81
N GLN F 38 56.37 7.31 -20.36
CA GLN F 38 57.02 8.29 -21.23
C GLN F 38 58.49 7.90 -21.37
N LYS F 39 58.81 7.24 -22.48
CA LYS F 39 60.21 6.99 -22.81
C LYS F 39 60.89 8.29 -23.21
N PRO F 40 62.23 8.33 -23.18
CA PRO F 40 62.93 9.56 -23.57
C PRO F 40 62.62 9.93 -25.02
N GLU F 41 62.67 11.24 -25.28
CA GLU F 41 62.38 11.82 -26.60
C GLU F 41 61.09 11.25 -27.20
N GLN F 42 60.11 10.94 -26.36
CA GLN F 42 58.85 10.39 -26.83
C GLN F 42 57.70 11.02 -26.06
N SER F 43 56.51 10.95 -26.66
CA SER F 43 55.31 11.41 -25.99
C SER F 43 54.78 10.32 -25.07
N PRO F 44 54.09 10.70 -23.99
CA PRO F 44 53.59 9.68 -23.05
C PRO F 44 52.62 8.74 -23.75
N LYS F 45 52.68 7.47 -23.35
CA LYS F 45 51.78 6.43 -23.84
C LYS F 45 50.95 5.91 -22.68
N LEU F 46 49.63 5.86 -22.87
CA LEU F 46 48.76 5.38 -21.82
C LEU F 46 48.98 3.89 -21.60
N LEU F 47 49.24 3.50 -20.36
CA LEU F 47 49.40 2.09 -20.01
C LEU F 47 48.17 1.53 -19.30
N ILE F 48 47.74 2.16 -18.22
CA ILE F 48 46.67 1.63 -17.38
C ILE F 48 45.61 2.71 -17.23
N TYR F 49 44.48 2.56 -17.91
CA TYR F 49 43.39 3.48 -17.70
C TYR F 49 42.44 2.93 -16.65
N GLY F 50 41.48 3.76 -16.25
CA GLY F 50 40.63 3.40 -15.14
C GLY F 50 41.46 3.33 -13.89
N ALA F 51 41.45 2.17 -13.23
CA ALA F 51 42.37 1.91 -12.14
C ALA F 51 43.22 0.69 -12.42
N SER F 52 42.61 -0.40 -12.88
CA SER F 52 43.31 -1.62 -13.28
C SER F 52 42.69 -2.08 -14.58
N ASN F 53 43.22 -1.59 -15.69
CA ASN F 53 42.70 -1.92 -17.02
C ASN F 53 43.81 -1.68 -18.01
N ARG F 54 44.33 -2.75 -18.61
CA ARG F 54 45.43 -2.59 -19.54
C ARG F 54 44.91 -2.00 -20.84
N TYR F 55 45.60 -0.96 -21.33
CA TYR F 55 45.25 -0.40 -22.62
C TYR F 55 45.61 -1.37 -23.73
N THR F 56 44.91 -1.25 -24.86
CA THR F 56 45.08 -2.17 -25.97
C THR F 56 46.48 -2.02 -26.55
N GLY F 57 47.34 -3.00 -26.29
CA GLY F 57 48.70 -2.98 -26.78
C GLY F 57 49.71 -2.93 -25.67
N VAL F 58 49.26 -3.12 -24.44
CA VAL F 58 50.10 -3.07 -23.25
C VAL F 58 50.46 -4.51 -22.87
N PRO F 59 51.72 -4.82 -22.60
CA PRO F 59 52.07 -6.19 -22.19
C PRO F 59 51.36 -6.57 -20.90
N ASP F 60 51.35 -7.87 -20.62
CA ASP F 60 50.63 -8.40 -19.48
C ASP F 60 51.39 -8.29 -18.17
N ARG F 61 52.59 -7.71 -18.16
CA ARG F 61 53.33 -7.58 -16.91
C ARG F 61 52.90 -6.33 -16.14
N PHE F 62 52.40 -5.31 -16.84
CA PHE F 62 51.87 -4.12 -16.20
C PHE F 62 50.47 -4.42 -15.68
N THR F 63 50.25 -4.20 -14.38
CA THR F 63 48.90 -4.32 -13.86
C THR F 63 48.73 -3.33 -12.71
N GLY F 64 47.52 -2.79 -12.59
CA GLY F 64 47.26 -1.76 -11.61
C GLY F 64 46.42 -2.24 -10.45
N SER F 65 46.44 -1.50 -9.36
CA SER F 65 45.64 -1.82 -8.18
C SER F 65 45.08 -0.52 -7.64
N GLY F 66 43.74 -0.43 -7.59
CA GLY F 66 43.06 0.80 -7.30
C GLY F 66 42.47 0.86 -5.90
N SER F 67 42.08 2.07 -5.53
CA SER F 67 41.40 2.34 -4.26
C SER F 67 40.77 3.72 -4.37
N ALA F 68 40.36 4.28 -3.24
CA ALA F 68 39.83 5.63 -3.25
C ALA F 68 40.96 6.67 -3.33
N THR F 69 42.05 6.45 -2.61
CA THR F 69 43.15 7.39 -2.55
C THR F 69 44.47 6.80 -3.00
N ASP F 70 44.82 5.61 -2.54
CA ASP F 70 46.13 5.01 -2.82
C ASP F 70 46.03 4.05 -3.99
N PHE F 71 47.01 4.12 -4.90
CA PHE F 71 47.03 3.28 -6.08
C PHE F 71 48.44 2.74 -6.29
N THR F 72 48.51 1.54 -6.87
CA THR F 72 49.80 0.92 -7.16
C THR F 72 49.85 0.44 -8.60
N LEU F 73 51.06 0.36 -9.14
CA LEU F 73 51.32 -0.18 -10.46
C LEU F 73 52.46 -1.19 -10.34
N THR F 74 52.19 -2.43 -10.71
CA THR F 74 53.15 -3.53 -10.58
C THR F 74 53.61 -3.99 -11.95
N ILE F 75 54.92 -4.11 -12.11
CA ILE F 75 55.55 -4.66 -13.31
C ILE F 75 56.28 -5.91 -12.86
N GLY F 76 55.70 -7.07 -13.13
CA GLY F 76 56.38 -8.33 -12.84
C GLY F 76 57.38 -8.65 -13.93
N SER F 77 58.62 -8.95 -13.54
CA SER F 77 59.68 -9.36 -14.47
C SER F 77 59.89 -8.29 -15.54
N VAL F 78 60.39 -7.14 -15.08
CA VAL F 78 60.65 -6.04 -16.00
C VAL F 78 61.63 -6.49 -17.08
N GLN F 79 61.47 -5.94 -18.27
CA GLN F 79 62.36 -6.20 -19.38
C GLN F 79 63.39 -5.08 -19.48
N ALA F 80 64.19 -5.09 -20.55
CA ALA F 80 65.19 -4.05 -20.76
C ALA F 80 64.60 -2.79 -21.37
N GLU F 81 63.43 -2.88 -22.00
CA GLU F 81 62.81 -1.74 -22.65
C GLU F 81 61.81 -1.01 -21.77
N ASP F 82 61.56 -1.51 -20.57
CA ASP F 82 60.61 -0.90 -19.65
C ASP F 82 61.20 0.28 -18.89
N LEU F 83 62.38 0.77 -19.28
CA LEU F 83 63.03 1.86 -18.58
C LEU F 83 62.55 3.18 -19.16
N ALA F 84 61.73 3.90 -18.40
CA ALA F 84 61.17 5.17 -18.84
C ALA F 84 60.64 5.92 -17.63
N ASP F 85 59.97 7.04 -17.87
CA ASP F 85 59.24 7.72 -16.82
C ASP F 85 57.85 7.12 -16.70
N TYR F 86 57.32 7.10 -15.48
CA TYR F 86 56.02 6.51 -15.21
C TYR F 86 55.19 7.51 -14.43
N HIS F 87 54.19 8.09 -15.07
CA HIS F 87 53.39 9.16 -14.50
C HIS F 87 52.00 8.65 -14.14
N CYS F 88 51.57 8.90 -12.92
CA CYS F 88 50.19 8.68 -12.53
C CYS F 88 49.43 9.99 -12.63
N GLY F 89 48.20 9.92 -13.12
CA GLY F 89 47.39 11.11 -13.24
C GLY F 89 45.92 10.85 -13.00
N GLN F 90 45.32 11.60 -12.10
CA GLN F 90 43.90 11.46 -11.82
C GLN F 90 43.08 12.20 -12.86
N SER F 91 41.83 11.79 -12.98
CA SER F 91 40.89 12.45 -13.88
C SER F 91 39.51 12.64 -13.26
N TYR F 92 39.34 12.30 -11.98
CA TYR F 92 38.05 12.51 -11.34
C TYR F 92 37.67 13.98 -11.36
N SER F 93 38.64 14.86 -11.26
CA SER F 93 38.47 16.29 -11.47
C SER F 93 39.33 16.71 -12.65
N TYR F 94 39.51 18.01 -12.82
CA TYR F 94 40.43 18.51 -13.83
C TYR F 94 41.79 17.83 -13.65
N PRO F 95 42.37 17.30 -14.73
CA PRO F 95 43.52 16.38 -14.57
C PRO F 95 44.73 17.04 -13.95
N THR F 96 45.28 16.39 -12.93
CA THR F 96 46.54 16.78 -12.30
C THR F 96 47.44 15.56 -12.24
N PHE F 97 48.64 15.68 -12.78
CA PHE F 97 49.54 14.55 -12.90
C PHE F 97 50.48 14.49 -11.70
N GLY F 98 51.14 13.33 -11.55
CA GLY F 98 52.14 13.17 -10.52
C GLY F 98 53.52 13.57 -11.02
N ALA F 99 54.47 13.61 -10.08
CA ALA F 99 55.82 14.06 -10.42
C ALA F 99 56.58 13.03 -11.25
N GLY F 100 56.15 11.78 -11.26
CA GLY F 100 56.84 10.77 -12.06
C GLY F 100 57.99 10.14 -11.31
N THR F 101 58.32 8.90 -11.71
CA THR F 101 59.38 8.13 -11.11
C THR F 101 60.38 7.71 -12.19
N LYS F 102 61.64 8.03 -11.98
CA LYS F 102 62.70 7.60 -12.88
C LYS F 102 63.00 6.12 -12.64
N LEU F 103 62.87 5.32 -13.69
CA LEU F 103 63.18 3.90 -13.61
C LEU F 103 64.52 3.65 -14.29
N GLU F 104 65.48 3.13 -13.53
CA GLU F 104 66.83 2.88 -14.02
C GLU F 104 67.21 1.43 -13.77
N LEU F 105 68.34 1.03 -14.33
CA LEU F 105 68.88 -0.29 -14.09
C LEU F 105 70.30 -0.16 -13.55
N VAL G 2 43.17 8.92 -34.42
CA VAL G 2 44.17 7.87 -34.39
C VAL G 2 45.56 8.49 -34.53
N GLN G 3 45.61 9.76 -34.93
CA GLN G 3 46.89 10.44 -35.11
C GLN G 3 46.71 11.92 -34.84
N LEU G 4 47.36 12.42 -33.80
CA LEU G 4 47.32 13.84 -33.45
C LEU G 4 48.64 14.45 -33.88
N GLN G 5 48.64 15.13 -35.03
CA GLN G 5 49.85 15.70 -35.59
C GLN G 5 49.96 17.16 -35.16
N GLN G 6 51.02 17.49 -34.42
CA GLN G 6 51.20 18.84 -33.96
C GLN G 6 52.06 19.62 -34.95
N SER G 7 52.28 20.91 -34.66
CA SER G 7 53.12 21.74 -35.50
C SER G 7 54.58 21.54 -35.12
N GLY G 8 55.47 22.37 -35.67
CA GLY G 8 56.88 22.28 -35.38
C GLY G 8 57.29 23.12 -34.19
N ALA G 9 58.56 23.00 -33.82
CA ALA G 9 59.09 23.78 -32.71
C ALA G 9 59.16 25.25 -33.08
N GLU G 10 59.49 26.09 -32.11
CA GLU G 10 59.61 27.51 -32.40
C GLU G 10 60.52 28.19 -31.39
N LEU G 11 61.24 29.19 -31.88
CA LEU G 11 62.15 30.02 -31.10
C LEU G 11 61.62 31.44 -31.18
N VAL G 12 61.12 31.97 -30.07
CA VAL G 12 60.47 33.27 -30.07
C VAL G 12 61.15 34.20 -29.09
N LYS G 13 60.97 35.50 -29.31
CA LYS G 13 61.52 36.51 -28.42
C LYS G 13 60.60 36.69 -27.21
N PRO G 14 61.16 36.90 -26.01
CA PRO G 14 60.32 37.11 -24.84
C PRO G 14 59.40 38.30 -25.01
N GLY G 15 58.12 38.10 -24.65
CA GLY G 15 57.10 39.11 -24.81
C GLY G 15 56.18 38.89 -25.99
N ALA G 16 56.51 37.97 -26.90
CA ALA G 16 55.70 37.74 -28.08
C ALA G 16 54.56 36.77 -27.73
N SER G 17 53.80 36.37 -28.74
CA SER G 17 52.70 35.44 -28.58
C SER G 17 52.82 34.35 -29.65
N VAL G 18 52.53 33.12 -29.26
CA VAL G 18 52.62 31.97 -30.15
C VAL G 18 51.28 31.28 -30.22
N LYS G 19 51.06 30.57 -31.33
CA LYS G 19 49.82 29.84 -31.58
C LYS G 19 50.19 28.47 -32.13
N LEU G 20 50.10 27.45 -31.29
CA LEU G 20 50.40 26.08 -31.69
C LEU G 20 49.22 25.49 -32.47
N SER G 21 49.36 24.24 -32.91
CA SER G 21 48.35 23.61 -33.74
C SER G 21 48.37 22.10 -33.49
N CYS G 22 47.17 21.51 -33.46
CA CYS G 22 47.00 20.08 -33.20
C CYS G 22 45.96 19.52 -34.17
N THR G 23 46.41 19.06 -35.33
CA THR G 23 45.51 18.50 -36.33
C THR G 23 45.17 17.06 -35.99
N ALA G 24 43.88 16.78 -35.81
CA ALA G 24 43.41 15.43 -35.56
C ALA G 24 43.20 14.68 -36.87
N SER G 25 43.51 13.40 -36.87
CA SER G 25 43.35 12.55 -38.05
C SER G 25 42.85 11.19 -37.60
N GLY G 26 41.67 10.81 -38.07
CA GLY G 26 41.06 9.53 -37.72
C GLY G 26 39.84 9.64 -36.85
N PHE G 27 39.44 10.85 -36.44
CA PHE G 27 38.26 11.04 -35.63
C PHE G 27 37.84 12.50 -35.74
N ASN G 28 36.71 12.83 -35.14
CA ASN G 28 36.20 14.19 -35.11
C ASN G 28 36.38 14.76 -33.71
N ILE G 29 36.97 15.95 -33.62
CA ILE G 29 37.22 16.53 -32.31
C ILE G 29 35.92 16.90 -31.62
N LYS G 30 34.81 16.95 -32.35
CA LYS G 30 33.52 17.24 -31.74
C LYS G 30 32.96 16.06 -30.97
N ASP G 31 33.66 14.93 -30.95
CA ASP G 31 33.21 13.76 -30.21
C ASP G 31 33.79 13.70 -28.81
N THR G 32 35.05 14.10 -28.65
CA THR G 32 35.76 14.06 -27.39
C THR G 32 36.24 15.45 -27.02
N TYR G 33 36.93 15.54 -25.89
CA TYR G 33 37.56 16.77 -25.47
C TYR G 33 38.96 16.83 -26.06
N MET G 34 39.65 17.96 -25.85
CA MET G 34 41.03 18.11 -26.28
C MET G 34 41.80 18.82 -25.18
N TYR G 35 42.83 18.16 -24.67
CA TYR G 35 43.67 18.68 -23.61
C TYR G 35 44.98 19.22 -24.16
N TRP G 36 45.49 20.25 -23.49
CA TRP G 36 46.80 20.81 -23.76
C TRP G 36 47.62 20.72 -22.48
N VAL G 37 48.71 19.95 -22.55
CA VAL G 37 49.58 19.64 -21.41
C VAL G 37 50.96 20.22 -21.69
N LYS G 38 51.62 20.75 -20.66
CA LYS G 38 52.95 21.32 -20.80
C LYS G 38 53.93 20.57 -19.90
N GLN G 39 55.07 20.19 -20.46
CA GLN G 39 56.13 19.52 -19.72
C GLN G 39 57.42 20.32 -19.87
N ARG G 40 57.88 20.90 -18.77
CA ARG G 40 59.20 21.48 -18.75
C ARG G 40 60.26 20.38 -18.80
N PRO G 41 61.47 20.71 -19.21
CA PRO G 41 62.52 19.68 -19.29
C PRO G 41 62.76 19.03 -17.93
N GLU G 42 63.06 17.72 -17.97
CA GLU G 42 63.42 16.93 -16.78
C GLU G 42 62.43 17.15 -15.63
N GLN G 43 61.17 17.46 -15.93
CA GLN G 43 60.15 17.66 -14.91
C GLN G 43 58.89 16.89 -15.29
N GLY G 44 57.92 16.90 -14.37
CA GLY G 44 56.69 16.19 -14.58
C GLY G 44 55.69 16.95 -15.44
N LEU G 45 54.69 16.21 -15.92
CA LEU G 45 53.67 16.79 -16.77
C LEU G 45 52.84 17.80 -16.00
N GLU G 46 52.31 18.78 -16.72
CA GLU G 46 51.48 19.83 -16.13
C GLU G 46 50.31 20.10 -17.05
N TRP G 47 49.13 20.23 -16.47
CA TRP G 47 47.92 20.48 -17.25
C TRP G 47 47.78 21.96 -17.52
N ILE G 48 47.52 22.30 -18.78
CA ILE G 48 47.34 23.70 -19.16
C ILE G 48 45.85 23.95 -19.33
N GLY G 49 45.22 23.21 -20.23
CA GLY G 49 43.82 23.49 -20.47
C GLY G 49 42.96 22.34 -20.97
N ARG G 50 41.81 22.70 -21.52
CA ARG G 50 40.82 21.73 -21.95
C ARG G 50 39.77 22.44 -22.79
N ILE G 51 39.39 21.85 -23.94
CA ILE G 51 38.35 22.44 -24.77
C ILE G 51 37.41 21.35 -25.24
N ASP G 52 36.11 21.66 -25.22
CA ASP G 52 35.03 20.80 -25.70
C ASP G 52 34.57 21.30 -27.07
N PRO G 53 35.09 20.77 -28.17
CA PRO G 53 34.78 21.36 -29.48
C PRO G 53 33.32 21.28 -29.87
N ALA G 54 32.52 20.45 -29.21
CA ALA G 54 31.09 20.40 -29.54
C ALA G 54 30.37 21.63 -29.04
N ASN G 55 30.76 22.14 -27.87
CA ASN G 55 30.16 23.33 -27.27
C ASN G 55 31.03 24.56 -27.45
N GLY G 56 32.29 24.49 -27.04
CA GLY G 56 33.23 25.59 -27.15
C GLY G 56 33.77 26.09 -25.82
N ASP G 57 33.23 25.65 -24.70
CA ASP G 57 33.72 26.12 -23.42
C ASP G 57 35.11 25.58 -23.14
N THR G 58 35.83 26.28 -22.26
CA THR G 58 37.19 25.91 -21.93
C THR G 58 37.42 26.06 -20.44
N LYS G 59 38.27 25.19 -19.90
CA LYS G 59 38.72 25.28 -18.53
C LYS G 59 40.24 25.27 -18.52
N TYR G 60 40.83 26.24 -17.83
CA TYR G 60 42.28 26.35 -17.73
C TYR G 60 42.72 26.12 -16.29
N ASP G 61 43.97 25.76 -16.14
CA ASP G 61 44.55 25.62 -14.82
C ASP G 61 44.58 27.00 -14.17
N PRO G 62 44.27 27.11 -12.87
CA PRO G 62 44.27 28.46 -12.25
C PRO G 62 45.57 29.21 -12.41
N LYS G 63 46.69 28.52 -12.67
CA LYS G 63 47.96 29.18 -12.87
C LYS G 63 48.26 29.43 -14.34
N PHE G 64 47.35 29.06 -15.24
CA PHE G 64 47.49 29.33 -16.67
C PHE G 64 46.35 30.18 -17.21
N GLN G 65 45.53 30.75 -16.34
CA GLN G 65 44.37 31.52 -16.78
C GLN G 65 44.81 32.91 -17.20
N GLY G 66 44.35 33.33 -18.38
CA GLY G 66 44.73 34.60 -18.95
C GLY G 66 46.00 34.52 -19.79
N LYS G 67 46.93 33.64 -19.42
CA LYS G 67 48.17 33.49 -20.16
C LYS G 67 47.98 32.64 -21.41
N ALA G 68 47.09 31.64 -21.36
CA ALA G 68 46.83 30.76 -22.48
C ALA G 68 45.37 30.87 -22.91
N THR G 69 45.12 30.51 -24.17
CA THR G 69 43.76 30.46 -24.69
C THR G 69 43.65 29.34 -25.71
N ILE G 70 42.73 28.40 -25.48
CA ILE G 70 42.54 27.25 -26.35
C ILE G 70 41.31 27.49 -27.21
N THR G 71 41.43 27.19 -28.50
CA THR G 71 40.29 27.33 -29.39
C THR G 71 40.41 26.32 -30.52
N THR G 72 39.27 25.86 -31.02
CA THR G 72 39.26 24.82 -32.04
C THR G 72 38.65 25.33 -33.33
N ASP G 73 39.02 24.66 -34.42
CA ASP G 73 38.45 24.89 -35.75
C ASP G 73 37.90 23.54 -36.21
N THR G 74 36.59 23.36 -36.05
CA THR G 74 35.95 22.10 -36.41
C THR G 74 35.84 21.89 -37.91
N PHE G 75 36.23 22.86 -38.73
CA PHE G 75 36.21 22.69 -40.17
C PHE G 75 37.43 21.90 -40.65
N SER G 76 38.62 22.34 -40.25
CA SER G 76 39.85 21.61 -40.53
C SER G 76 40.18 20.59 -39.45
N ASN G 77 39.34 20.48 -38.42
CA ASN G 77 39.55 19.49 -37.36
C ASN G 77 40.87 19.76 -36.62
N THR G 78 41.06 21.00 -36.19
CA THR G 78 42.29 21.41 -35.54
C THR G 78 41.99 22.06 -34.19
N ALA G 79 43.03 22.17 -33.37
CA ALA G 79 42.94 22.78 -32.06
C ALA G 79 44.20 23.60 -31.82
N TYR G 80 44.03 24.86 -31.44
CA TYR G 80 45.11 25.81 -31.29
C TYR G 80 45.23 26.27 -29.85
N LEU G 81 46.48 26.55 -29.46
CA LEU G 81 46.81 27.05 -28.14
C LEU G 81 47.55 28.37 -28.33
N GLN G 82 47.00 29.44 -27.79
CA GLN G 82 47.53 30.80 -27.91
C GLN G 82 48.19 31.16 -26.59
N LEU G 83 49.51 31.16 -26.56
CA LEU G 83 50.27 31.58 -25.40
C LEU G 83 50.72 33.02 -25.62
N SER G 84 50.55 33.85 -24.59
CA SER G 84 50.83 35.27 -24.68
C SER G 84 51.74 35.70 -23.54
N SER G 85 52.52 36.75 -23.79
CA SER G 85 53.46 37.29 -22.80
C SER G 85 54.37 36.17 -22.27
N LEU G 86 55.16 35.61 -23.18
CA LEU G 86 56.04 34.51 -22.82
C LEU G 86 57.22 35.02 -22.01
N THR G 87 57.65 34.21 -21.05
CA THR G 87 58.78 34.51 -20.18
C THR G 87 59.88 33.47 -20.38
N SER G 88 61.00 33.68 -19.70
CA SER G 88 62.12 32.75 -19.81
C SER G 88 61.82 31.38 -19.23
N GLU G 89 60.80 31.26 -18.38
CA GLU G 89 60.44 29.98 -17.79
C GLU G 89 59.40 29.23 -18.61
N ASP G 90 58.93 29.80 -19.71
CA ASP G 90 57.91 29.19 -20.55
C ASP G 90 58.50 28.32 -21.65
N THR G 91 59.78 28.00 -21.58
CA THR G 91 60.41 27.10 -22.54
C THR G 91 60.09 25.67 -22.14
N ALA G 92 59.34 24.96 -22.96
CA ALA G 92 58.91 23.62 -22.60
C ALA G 92 58.46 22.87 -23.85
N VAL G 93 57.89 21.68 -23.64
CA VAL G 93 57.28 20.90 -24.71
C VAL G 93 55.79 20.84 -24.44
N TYR G 94 55.00 21.18 -25.44
CA TYR G 94 53.55 21.26 -25.33
C TYR G 94 52.93 20.12 -26.11
N TYR G 95 52.25 19.23 -25.38
CA TYR G 95 51.55 18.08 -25.92
C TYR G 95 50.07 18.36 -26.05
N CYS G 96 49.44 17.69 -27.01
CA CYS G 96 48.02 17.80 -27.32
C CYS G 96 47.39 16.42 -27.17
N ALA G 97 46.68 16.20 -26.08
CA ALA G 97 46.09 14.89 -25.79
C ALA G 97 44.59 14.89 -26.09
N ARG G 98 44.03 13.69 -26.15
CA ARG G 98 42.63 13.49 -26.48
C ARG G 98 42.00 12.61 -25.41
N LYS G 99 40.90 13.08 -24.82
CA LYS G 99 40.18 12.28 -23.84
C LYS G 99 39.68 10.99 -24.47
N GLY G 100 39.58 9.95 -23.65
CA GLY G 100 39.05 8.70 -24.13
C GLY G 100 39.16 7.56 -23.14
N LEU G 101 38.15 6.70 -23.10
CA LEU G 101 38.16 5.49 -22.28
C LEU G 101 38.34 5.84 -20.80
N ARG G 102 37.30 6.48 -20.27
CA ARG G 102 37.22 6.80 -18.84
C ARG G 102 38.22 7.89 -18.46
N TRP G 103 38.26 8.94 -19.27
CA TRP G 103 39.02 10.15 -18.96
C TRP G 103 40.50 9.82 -18.73
N ALA G 104 41.15 9.34 -19.78
CA ALA G 104 42.49 8.79 -19.69
C ALA G 104 43.53 9.48 -20.53
N MET G 105 43.16 10.32 -21.50
CA MET G 105 44.12 10.94 -22.40
C MET G 105 44.96 9.89 -23.12
N ASP G 106 44.28 9.10 -23.95
CA ASP G 106 44.91 7.92 -24.54
C ASP G 106 45.90 8.30 -25.63
N TYR G 107 45.48 9.14 -26.58
CA TYR G 107 46.30 9.51 -27.72
C TYR G 107 46.94 10.87 -27.48
N TRP G 108 48.27 10.93 -27.58
CA TRP G 108 49.03 12.15 -27.39
C TRP G 108 49.68 12.57 -28.69
N GLY G 109 49.90 13.87 -28.84
CA GLY G 109 50.61 14.37 -29.98
C GLY G 109 52.11 14.31 -29.79
N GLN G 110 52.82 14.52 -30.91
CA GLN G 110 54.28 14.50 -30.86
C GLN G 110 54.85 15.61 -29.99
N GLY G 111 54.10 16.69 -29.79
CA GLY G 111 54.53 17.76 -28.91
C GLY G 111 55.46 18.74 -29.56
N THR G 112 55.18 20.04 -29.44
CA THR G 112 56.04 21.08 -30.00
C THR G 112 56.98 21.62 -28.93
N SER G 113 58.17 22.01 -29.36
CA SER G 113 59.21 22.55 -28.48
C SER G 113 59.19 24.07 -28.58
N VAL G 114 58.53 24.72 -27.62
CA VAL G 114 58.47 26.19 -27.59
C VAL G 114 59.58 26.70 -26.70
N THR G 115 60.50 27.46 -27.29
CA THR G 115 61.61 28.04 -26.53
C THR G 115 61.68 29.53 -26.78
N VAL G 116 62.10 30.27 -25.76
CA VAL G 116 62.23 31.71 -25.83
C VAL G 116 63.72 32.07 -25.71
N SER G 117 64.03 33.33 -25.94
CA SER G 117 65.41 33.82 -25.88
C SER G 117 65.47 35.26 -25.39
N ASN H 1 -25.89 -37.89 1.97
CA ASN H 1 -27.18 -38.21 1.29
C ASN H 1 -28.31 -37.35 1.80
N ILE H 2 -28.89 -36.55 0.90
CA ILE H 2 -30.00 -35.68 1.23
C ILE H 2 -31.29 -36.46 1.01
N VAL H 3 -32.15 -36.48 2.03
CA VAL H 3 -33.42 -37.19 1.97
C VAL H 3 -34.54 -36.17 1.93
N MET H 4 -35.56 -36.45 1.12
CA MET H 4 -36.69 -35.55 0.91
C MET H 4 -37.94 -36.21 1.47
N THR H 5 -38.45 -35.69 2.58
CA THR H 5 -39.68 -36.19 3.18
C THR H 5 -40.85 -35.46 2.53
N GLN H 6 -41.60 -36.16 1.69
CA GLN H 6 -42.73 -35.60 0.99
C GLN H 6 -44.03 -35.96 1.70
N SER H 7 -44.92 -34.99 1.83
CA SER H 7 -46.18 -35.14 2.54
C SER H 7 -47.31 -34.51 1.75
N PRO H 8 -48.53 -35.07 1.83
CA PRO H 8 -48.87 -36.29 2.58
C PRO H 8 -48.58 -37.55 1.78
N LYS H 9 -48.81 -38.72 2.37
CA LYS H 9 -48.50 -39.96 1.65
C LYS H 9 -49.48 -40.20 0.52
N SER H 10 -50.77 -39.97 0.76
CA SER H 10 -51.79 -40.15 -0.26
C SER H 10 -53.01 -39.35 0.15
N MET H 11 -53.45 -38.44 -0.72
CA MET H 11 -54.59 -37.59 -0.43
C MET H 11 -55.67 -37.78 -1.48
N SER H 12 -56.91 -37.60 -1.06
CA SER H 12 -58.08 -37.68 -1.92
C SER H 12 -58.86 -36.38 -1.81
N MET H 13 -59.11 -35.74 -2.95
CA MET H 13 -59.74 -34.43 -2.96
C MET H 13 -60.64 -34.33 -4.18
N SER H 14 -61.67 -33.49 -4.07
CA SER H 14 -62.64 -33.34 -5.13
C SER H 14 -62.15 -32.33 -6.17
N VAL H 15 -62.92 -32.21 -7.24
CA VAL H 15 -62.54 -31.37 -8.38
C VAL H 15 -62.78 -29.91 -8.04
N GLY H 16 -61.85 -29.05 -8.45
CA GLY H 16 -62.04 -27.61 -8.38
C GLY H 16 -61.61 -26.95 -7.09
N GLU H 17 -60.92 -27.66 -6.21
CA GLU H 17 -60.45 -27.09 -4.95
C GLU H 17 -58.93 -26.98 -4.95
N ARG H 18 -58.44 -25.99 -4.21
CA ARG H 18 -57.00 -25.79 -4.10
C ARG H 18 -56.37 -26.90 -3.26
N VAL H 19 -55.22 -27.38 -3.72
CA VAL H 19 -54.51 -28.45 -3.04
C VAL H 19 -53.04 -28.08 -2.92
N THR H 20 -52.40 -28.57 -1.87
CA THR H 20 -51.00 -28.25 -1.60
C THR H 20 -50.25 -29.49 -1.18
N LEU H 21 -49.01 -29.61 -1.65
CA LEU H 21 -48.12 -30.70 -1.30
C LEU H 21 -46.83 -30.12 -0.72
N SER H 22 -46.25 -30.82 0.24
CA SER H 22 -45.08 -30.33 0.94
C SER H 22 -43.92 -31.29 0.75
N CYS H 23 -42.71 -30.74 0.67
CA CYS H 23 -41.51 -31.53 0.49
C CYS H 23 -40.41 -30.90 1.34
N LYS H 24 -40.08 -31.53 2.45
CA LYS H 24 -39.09 -31.01 3.39
C LYS H 24 -37.76 -31.73 3.17
N ALA H 25 -36.72 -30.98 2.85
CA ALA H 25 -35.39 -31.51 2.66
C ALA H 25 -34.66 -31.63 3.98
N SER H 26 -33.78 -32.61 4.08
CA SER H 26 -32.98 -32.80 5.29
C SER H 26 -31.91 -31.72 5.41
N GLU H 27 -31.01 -31.66 4.45
CA GLU H 27 -29.94 -30.68 4.43
C GLU H 27 -30.38 -29.46 3.62
N TYR H 28 -29.44 -28.61 3.26
CA TYR H 28 -29.73 -27.43 2.48
C TYR H 28 -29.82 -27.79 1.00
N VAL H 29 -30.87 -27.30 0.34
CA VAL H 29 -31.00 -27.37 -1.10
C VAL H 29 -31.57 -26.01 -1.50
N GLY H 30 -30.78 -25.22 -2.21
CA GLY H 30 -31.14 -23.82 -2.33
C GLY H 30 -32.47 -23.61 -3.02
N THR H 31 -32.49 -23.82 -4.33
CA THR H 31 -33.74 -23.80 -5.09
C THR H 31 -33.74 -24.91 -6.13
N TYR H 32 -33.00 -25.97 -5.87
CA TYR H 32 -32.79 -27.03 -6.85
C TYR H 32 -33.72 -28.20 -6.62
N VAL H 33 -34.95 -27.89 -6.20
CA VAL H 33 -36.00 -28.87 -5.98
C VAL H 33 -36.93 -28.84 -7.19
N SER H 34 -37.11 -29.99 -7.83
CA SER H 34 -37.96 -30.12 -9.00
C SER H 34 -39.17 -30.98 -8.68
N TRP H 35 -40.28 -30.66 -9.33
CA TRP H 35 -41.54 -31.40 -9.16
C TRP H 35 -41.89 -32.07 -10.48
N TYR H 36 -42.07 -33.40 -10.43
CA TYR H 36 -42.43 -34.23 -11.57
C TYR H 36 -43.80 -34.86 -11.35
N GLN H 37 -44.55 -35.00 -12.44
CA GLN H 37 -45.89 -35.57 -12.44
C GLN H 37 -45.90 -36.85 -13.25
N GLN H 38 -46.03 -37.99 -12.57
CA GLN H 38 -46.00 -39.29 -13.24
C GLN H 38 -47.41 -39.88 -13.25
N LYS H 39 -48.02 -39.93 -14.42
CA LYS H 39 -49.29 -40.60 -14.61
C LYS H 39 -49.08 -42.11 -14.73
N PRO H 40 -50.09 -42.91 -14.40
CA PRO H 40 -49.91 -44.36 -14.45
C PRO H 40 -49.56 -44.83 -15.86
N GLU H 41 -48.64 -45.79 -15.94
CA GLU H 41 -48.20 -46.37 -17.20
C GLU H 41 -47.54 -45.32 -18.09
N GLN H 42 -46.84 -44.36 -17.50
CA GLN H 42 -46.12 -43.36 -18.29
C GLN H 42 -44.85 -42.96 -17.54
N SER H 43 -44.01 -42.21 -18.24
CA SER H 43 -42.75 -41.73 -17.69
C SER H 43 -42.96 -40.38 -17.00
N PRO H 44 -42.22 -40.09 -15.94
CA PRO H 44 -42.44 -38.83 -15.23
C PRO H 44 -42.21 -37.63 -16.14
N LYS H 45 -43.03 -36.60 -15.96
CA LYS H 45 -42.95 -35.37 -16.74
C LYS H 45 -42.61 -34.23 -15.80
N LEU H 46 -41.63 -33.43 -16.18
CA LEU H 46 -41.17 -32.34 -15.33
C LEU H 46 -42.22 -31.24 -15.30
N LEU H 47 -42.67 -30.88 -14.11
CA LEU H 47 -43.61 -29.77 -13.92
C LEU H 47 -42.88 -28.49 -13.52
N ILE H 48 -42.12 -28.54 -12.42
CA ILE H 48 -41.51 -27.35 -11.83
C ILE H 48 -40.01 -27.60 -11.77
N TYR H 49 -39.25 -27.00 -12.68
CA TYR H 49 -37.79 -27.05 -12.62
C TYR H 49 -37.28 -25.90 -11.76
N GLY H 50 -36.36 -26.20 -10.86
CA GLY H 50 -36.04 -25.22 -9.84
C GLY H 50 -37.27 -24.99 -9.00
N ALA H 51 -37.19 -24.16 -7.98
CA ALA H 51 -38.35 -23.87 -7.16
C ALA H 51 -39.10 -22.71 -7.78
N SER H 52 -40.38 -22.91 -8.09
CA SER H 52 -41.23 -21.88 -8.65
C SER H 52 -40.78 -21.45 -10.04
N ASN H 53 -40.71 -22.40 -10.96
CA ASN H 53 -40.50 -22.11 -12.37
C ASN H 53 -41.20 -23.19 -13.19
N ARG H 54 -42.33 -22.86 -13.80
CA ARG H 54 -43.07 -23.87 -14.55
C ARG H 54 -42.32 -24.21 -15.83
N TYR H 55 -42.38 -25.49 -16.21
CA TYR H 55 -41.76 -25.94 -17.43
C TYR H 55 -42.63 -25.61 -18.63
N THR H 56 -42.01 -25.55 -19.80
CA THR H 56 -42.73 -25.20 -21.02
C THR H 56 -43.83 -26.21 -21.28
N GLY H 57 -45.08 -25.73 -21.35
CA GLY H 57 -46.21 -26.58 -21.60
C GLY H 57 -47.00 -26.98 -20.37
N VAL H 58 -46.73 -26.36 -19.23
CA VAL H 58 -47.41 -26.69 -17.97
C VAL H 58 -48.50 -25.65 -17.73
N PRO H 59 -49.72 -26.06 -17.40
CA PRO H 59 -50.77 -25.06 -17.15
C PRO H 59 -50.42 -24.18 -15.96
N ASP H 60 -51.03 -23.00 -15.94
CA ASP H 60 -50.73 -22.01 -14.91
C ASP H 60 -51.35 -22.32 -13.56
N ARG H 61 -52.07 -23.44 -13.42
CA ARG H 61 -52.63 -23.81 -12.13
C ARG H 61 -51.62 -24.50 -11.23
N PHE H 62 -50.42 -24.79 -11.72
CA PHE H 62 -49.35 -25.37 -10.93
C PHE H 62 -48.41 -24.25 -10.51
N THR H 63 -48.10 -24.18 -9.21
CA THR H 63 -47.19 -23.16 -8.72
C THR H 63 -46.27 -23.76 -7.66
N GLY H 64 -44.98 -23.41 -7.75
CA GLY H 64 -44.01 -23.83 -6.76
C GLY H 64 -43.71 -22.72 -5.78
N SER H 65 -43.16 -23.12 -4.63
CA SER H 65 -42.77 -22.16 -3.60
C SER H 65 -41.55 -22.72 -2.90
N GLY H 66 -40.44 -21.99 -2.99
CA GLY H 66 -39.16 -22.48 -2.54
C GLY H 66 -38.60 -21.85 -1.29
N SER H 67 -37.66 -22.54 -0.67
CA SER H 67 -36.96 -22.06 0.51
C SER H 67 -35.63 -22.82 0.57
N ALA H 68 -34.97 -22.77 1.72
CA ALA H 68 -33.73 -23.52 1.88
C ALA H 68 -34.01 -25.01 2.04
N THR H 69 -35.02 -25.37 2.84
CA THR H 69 -35.35 -26.76 3.10
C THR H 69 -36.78 -27.13 2.78
N ASP H 70 -37.74 -26.26 3.08
CA ASP H 70 -39.16 -26.58 2.88
C ASP H 70 -39.61 -26.07 1.51
N PHE H 71 -40.34 -26.92 0.78
CA PHE H 71 -40.84 -26.56 -0.54
C PHE H 71 -42.29 -26.98 -0.67
N THR H 72 -43.04 -26.23 -1.49
CA THR H 72 -44.48 -26.43 -1.61
C THR H 72 -44.90 -26.41 -3.07
N LEU H 73 -45.81 -27.30 -3.42
CA LEU H 73 -46.45 -27.34 -4.74
C LEU H 73 -47.94 -27.14 -4.58
N THR H 74 -48.46 -26.01 -5.04
CA THR H 74 -49.88 -25.69 -4.95
C THR H 74 -50.53 -25.82 -6.32
N ILE H 75 -51.60 -26.60 -6.39
CA ILE H 75 -52.45 -26.67 -7.57
C ILE H 75 -53.73 -25.91 -7.25
N GLY H 76 -54.20 -25.13 -8.23
CA GLY H 76 -55.37 -24.29 -8.07
C GLY H 76 -56.64 -25.01 -8.47
N SER H 77 -57.29 -24.54 -9.53
CA SER H 77 -58.47 -25.23 -10.04
C SER H 77 -58.04 -26.58 -10.57
N VAL H 78 -58.30 -27.63 -9.79
CA VAL H 78 -57.83 -28.97 -10.11
C VAL H 78 -58.78 -29.59 -11.12
N GLN H 79 -58.23 -30.09 -12.23
CA GLN H 79 -59.03 -30.69 -13.28
C GLN H 79 -59.15 -32.19 -13.03
N ALA H 80 -59.66 -32.92 -14.02
CA ALA H 80 -59.93 -34.34 -13.87
C ALA H 80 -58.78 -35.22 -14.34
N GLU H 81 -57.78 -34.65 -15.01
CA GLU H 81 -56.63 -35.39 -15.49
C GLU H 81 -55.40 -35.20 -14.62
N ASP H 82 -55.54 -34.58 -13.45
CA ASP H 82 -54.43 -34.36 -12.53
C ASP H 82 -54.33 -35.48 -11.50
N LEU H 83 -54.82 -36.67 -11.82
CA LEU H 83 -54.79 -37.81 -10.90
C LEU H 83 -53.54 -38.63 -11.23
N ALA H 84 -52.44 -38.31 -10.56
CA ALA H 84 -51.17 -38.96 -10.83
C ALA H 84 -50.26 -38.78 -9.63
N ASP H 85 -49.11 -39.43 -9.67
CA ASP H 85 -48.10 -39.25 -8.64
C ASP H 85 -47.37 -37.93 -8.85
N TYR H 86 -46.85 -37.38 -7.76
CA TYR H 86 -46.18 -36.09 -7.76
C TYR H 86 -44.91 -36.23 -6.93
N HIS H 87 -43.78 -36.44 -7.59
CA HIS H 87 -42.51 -36.60 -6.91
C HIS H 87 -41.76 -35.28 -6.82
N CYS H 88 -41.09 -35.07 -5.70
CA CYS H 88 -40.18 -33.95 -5.52
C CYS H 88 -38.76 -34.48 -5.41
N GLY H 89 -37.84 -33.88 -6.15
CA GLY H 89 -36.47 -34.32 -6.15
C GLY H 89 -35.48 -33.18 -6.11
N GLN H 90 -34.56 -33.21 -5.15
CA GLN H 90 -33.54 -32.17 -5.12
C GLN H 90 -32.46 -32.47 -6.17
N SER H 91 -31.69 -31.45 -6.49
CA SER H 91 -30.54 -31.61 -7.38
C SER H 91 -29.32 -30.83 -6.90
N TYR H 92 -29.38 -30.24 -5.71
CA TYR H 92 -28.23 -29.50 -5.20
C TYR H 92 -27.03 -30.42 -5.04
N SER H 93 -27.29 -31.67 -4.66
CA SER H 93 -26.30 -32.73 -4.65
C SER H 93 -26.76 -33.82 -5.62
N TYR H 94 -26.12 -34.96 -5.55
CA TYR H 94 -26.55 -36.10 -6.35
C TYR H 94 -28.05 -36.33 -6.15
N PRO H 95 -28.83 -36.50 -7.21
CA PRO H 95 -30.29 -36.41 -7.09
C PRO H 95 -30.87 -37.52 -6.22
N THR H 96 -31.72 -37.13 -5.29
CA THR H 96 -32.51 -38.05 -4.47
C THR H 96 -33.96 -37.59 -4.50
N PHE H 97 -34.86 -38.50 -4.83
CA PHE H 97 -36.27 -38.17 -4.94
C PHE H 97 -37.01 -38.43 -3.64
N GLY H 98 -38.24 -37.92 -3.56
CA GLY H 98 -39.13 -38.21 -2.47
C GLY H 98 -39.95 -39.47 -2.71
N ALA H 99 -40.84 -39.75 -1.78
CA ALA H 99 -41.68 -40.95 -1.86
C ALA H 99 -42.87 -40.77 -2.80
N GLY H 100 -43.31 -39.55 -3.05
CA GLY H 100 -44.44 -39.31 -3.93
C GLY H 100 -45.76 -39.34 -3.18
N THR H 101 -46.74 -38.63 -3.74
CA THR H 101 -48.08 -38.52 -3.16
C THR H 101 -49.10 -38.95 -4.19
N LYS H 102 -49.82 -40.03 -3.90
CA LYS H 102 -50.89 -40.52 -4.78
C LYS H 102 -52.11 -39.62 -4.67
N LEU H 103 -52.27 -38.72 -5.64
CA LEU H 103 -53.45 -37.87 -5.68
C LEU H 103 -54.66 -38.67 -6.17
N GLU H 104 -55.80 -38.45 -5.52
CA GLU H 104 -57.01 -39.21 -5.80
C GLU H 104 -58.20 -38.27 -5.88
N LEU H 105 -59.27 -38.74 -6.51
CA LEU H 105 -60.52 -38.00 -6.62
C LEU H 105 -61.58 -38.67 -5.77
N LYS H 106 -62.37 -37.86 -5.09
CA LYS H 106 -63.46 -38.36 -4.24
C LYS H 106 -64.55 -37.31 -4.12
N VAL I 2 -34.39 -34.38 -26.87
CA VAL I 2 -35.69 -34.07 -27.44
C VAL I 2 -36.52 -35.34 -27.52
N GLN I 3 -35.88 -36.46 -27.86
CA GLN I 3 -36.60 -37.73 -27.92
C GLN I 3 -35.64 -38.83 -27.52
N LEU I 4 -35.89 -39.47 -26.38
CA LEU I 4 -35.05 -40.54 -25.86
C LEU I 4 -35.76 -41.86 -26.07
N GLN I 5 -35.12 -42.78 -26.77
CA GLN I 5 -35.66 -44.10 -27.06
C GLN I 5 -34.90 -45.13 -26.26
N GLN I 6 -35.58 -45.79 -25.34
CA GLN I 6 -34.94 -46.81 -24.53
C GLN I 6 -35.05 -48.15 -25.25
N SER I 7 -34.65 -49.23 -24.59
CA SER I 7 -34.72 -50.56 -25.17
C SER I 7 -36.07 -51.18 -24.87
N GLY I 8 -36.23 -52.47 -25.20
CA GLY I 8 -37.44 -53.20 -24.88
C GLY I 8 -37.34 -53.92 -23.56
N ALA I 9 -38.44 -54.58 -23.20
CA ALA I 9 -38.48 -55.34 -21.96
C ALA I 9 -37.54 -56.52 -22.03
N GLU I 10 -36.95 -56.86 -20.88
CA GLU I 10 -36.02 -57.97 -20.77
C GLU I 10 -36.54 -59.00 -19.78
N LEU I 11 -36.33 -60.28 -20.08
CA LEU I 11 -36.69 -61.40 -19.23
C LEU I 11 -35.40 -62.18 -18.96
N VAL I 12 -34.72 -61.84 -17.86
CA VAL I 12 -33.37 -62.33 -17.59
C VAL I 12 -33.42 -63.27 -16.40
N LYS I 13 -32.63 -64.33 -16.47
CA LYS I 13 -32.52 -65.26 -15.35
C LYS I 13 -31.70 -64.64 -14.23
N PRO I 14 -32.02 -64.96 -12.98
CA PRO I 14 -31.23 -64.40 -11.87
C PRO I 14 -29.79 -64.88 -11.91
N GLY I 15 -28.87 -63.93 -11.82
CA GLY I 15 -27.45 -64.22 -11.89
C GLY I 15 -26.76 -63.83 -13.18
N ALA I 16 -27.47 -63.17 -14.11
CA ALA I 16 -26.92 -62.77 -15.38
C ALA I 16 -26.78 -61.25 -15.43
N SER I 17 -26.31 -60.75 -16.58
CA SER I 17 -26.07 -59.33 -16.80
C SER I 17 -26.95 -58.84 -17.93
N VAL I 18 -27.65 -57.73 -17.69
CA VAL I 18 -28.50 -57.10 -18.69
C VAL I 18 -27.94 -55.72 -19.03
N LYS I 19 -27.93 -55.39 -20.31
CA LYS I 19 -27.40 -54.12 -20.80
C LYS I 19 -28.50 -53.38 -21.53
N LEU I 20 -29.04 -52.34 -20.88
CA LEU I 20 -30.11 -51.52 -21.44
C LEU I 20 -29.52 -50.31 -22.17
N SER I 21 -30.14 -49.96 -23.28
CA SER I 21 -29.66 -48.89 -24.14
C SER I 21 -30.64 -47.74 -24.18
N CYS I 22 -30.12 -46.52 -24.36
CA CYS I 22 -30.92 -45.30 -24.38
C CYS I 22 -30.35 -44.41 -25.49
N THR I 23 -31.03 -44.37 -26.62
CA THR I 23 -30.59 -43.60 -27.78
C THR I 23 -31.22 -42.22 -27.76
N ALA I 24 -30.39 -41.18 -27.73
CA ALA I 24 -30.85 -39.80 -27.70
C ALA I 24 -30.92 -39.25 -29.12
N SER I 25 -32.10 -38.85 -29.55
CA SER I 25 -32.31 -38.23 -30.86
C SER I 25 -32.84 -36.81 -30.64
N GLY I 26 -32.18 -35.84 -31.24
CA GLY I 26 -32.55 -34.44 -31.10
C GLY I 26 -31.51 -33.58 -30.43
N PHE I 27 -30.41 -34.14 -29.95
CA PHE I 27 -29.34 -33.38 -29.32
C PHE I 27 -28.13 -34.27 -29.23
N ASN I 28 -27.02 -33.70 -28.79
CA ASN I 28 -25.79 -34.43 -28.58
C ASN I 28 -25.62 -34.68 -27.08
N ILE I 29 -25.24 -35.92 -26.74
CA ILE I 29 -25.09 -36.27 -25.34
C ILE I 29 -23.87 -35.64 -24.70
N LYS I 30 -22.95 -35.11 -25.50
CA LYS I 30 -21.78 -34.44 -24.92
C LYS I 30 -22.15 -33.15 -24.22
N ASP I 31 -23.36 -32.63 -24.46
CA ASP I 31 -23.73 -31.34 -23.89
C ASP I 31 -24.25 -31.47 -22.47
N THR I 32 -25.00 -32.53 -22.19
CA THR I 32 -25.67 -32.71 -20.90
C THR I 32 -25.18 -33.99 -20.24
N TYR I 33 -25.68 -34.23 -19.04
CA TYR I 33 -25.45 -35.48 -18.34
C TYR I 33 -26.55 -36.47 -18.72
N MET I 34 -26.42 -37.70 -18.26
CA MET I 34 -27.40 -38.75 -18.56
C MET I 34 -27.62 -39.57 -17.29
N TYR I 35 -28.78 -39.39 -16.68
CA TYR I 35 -29.14 -40.07 -15.45
C TYR I 35 -29.92 -41.35 -15.73
N TRP I 36 -29.70 -42.34 -14.89
CA TRP I 36 -30.43 -43.60 -14.91
C TRP I 36 -31.21 -43.72 -13.61
N VAL I 37 -32.51 -43.98 -13.71
CA VAL I 37 -33.40 -44.04 -12.55
C VAL I 37 -34.09 -45.40 -12.57
N LYS I 38 -34.27 -45.99 -11.40
CA LYS I 38 -35.10 -47.17 -11.27
C LYS I 38 -36.36 -46.85 -10.46
N GLN I 39 -37.40 -47.63 -10.71
CA GLN I 39 -38.66 -47.46 -9.97
C GLN I 39 -39.31 -48.82 -9.86
N ARG I 40 -39.31 -49.39 -8.65
CA ARG I 40 -40.07 -50.59 -8.40
C ARG I 40 -41.56 -50.30 -8.45
N PRO I 41 -42.39 -51.31 -8.67
CA PRO I 41 -43.84 -51.07 -8.78
C PRO I 41 -44.39 -50.42 -7.53
N GLU I 42 -45.12 -49.32 -7.72
CA GLU I 42 -45.82 -48.64 -6.64
C GLU I 42 -44.85 -48.15 -5.56
N GLN I 43 -43.71 -47.59 -5.99
CA GLN I 43 -42.75 -47.01 -5.06
C GLN I 43 -42.18 -45.74 -5.67
N GLY I 44 -41.33 -45.07 -4.89
CA GLY I 44 -40.74 -43.83 -5.33
C GLY I 44 -39.59 -44.03 -6.28
N LEU I 45 -39.24 -42.96 -6.99
CA LEU I 45 -38.13 -43.00 -7.92
C LEU I 45 -36.82 -43.14 -7.15
N GLU I 46 -35.83 -43.75 -7.80
CA GLU I 46 -34.54 -43.95 -7.15
C GLU I 46 -33.41 -43.75 -8.16
N TRP I 47 -32.37 -43.06 -7.72
CA TRP I 47 -31.24 -42.74 -8.59
C TRP I 47 -30.24 -43.89 -8.63
N ILE I 48 -29.72 -44.16 -9.83
CA ILE I 48 -28.70 -45.20 -10.00
C ILE I 48 -27.35 -44.53 -10.17
N GLY I 49 -27.23 -43.72 -11.21
CA GLY I 49 -25.97 -43.04 -11.47
C GLY I 49 -26.09 -42.15 -12.68
N ARG I 50 -25.11 -41.26 -12.80
CA ARG I 50 -25.00 -40.34 -13.92
C ARG I 50 -23.65 -40.49 -14.60
N ILE I 51 -23.58 -39.99 -15.82
CA ILE I 51 -22.37 -40.06 -16.64
C ILE I 51 -22.24 -38.74 -17.40
N ASP I 52 -21.02 -38.20 -17.46
CA ASP I 52 -20.71 -37.04 -18.27
C ASP I 52 -20.14 -37.52 -19.59
N PRO I 53 -20.91 -37.55 -20.69
CA PRO I 53 -20.41 -38.18 -21.92
C PRO I 53 -19.25 -37.46 -22.57
N ALA I 54 -18.93 -36.23 -22.13
CA ALA I 54 -17.79 -35.54 -22.71
C ALA I 54 -16.46 -36.09 -22.21
N ASN I 55 -16.41 -36.53 -20.96
CA ASN I 55 -15.21 -37.07 -20.36
C ASN I 55 -15.30 -38.56 -20.11
N GLY I 56 -16.40 -39.01 -19.51
CA GLY I 56 -16.56 -40.38 -19.07
C GLY I 56 -16.64 -40.51 -17.57
N ASP I 57 -16.73 -39.40 -16.86
CA ASP I 57 -16.84 -39.40 -15.41
C ASP I 57 -18.24 -39.87 -15.00
N THR I 58 -18.31 -41.00 -14.32
CA THR I 58 -19.56 -41.60 -13.90
C THR I 58 -19.63 -41.66 -12.39
N LYS I 59 -20.74 -41.19 -11.83
CA LYS I 59 -21.01 -41.27 -10.40
C LYS I 59 -22.19 -42.21 -10.16
N TYR I 60 -22.13 -42.97 -9.07
CA TYR I 60 -23.17 -43.93 -8.75
C TYR I 60 -23.70 -43.68 -7.35
N ASP I 61 -24.93 -44.13 -7.13
CA ASP I 61 -25.48 -44.15 -5.78
C ASP I 61 -24.68 -45.15 -4.94
N PRO I 62 -24.38 -44.82 -3.68
CA PRO I 62 -23.60 -45.76 -2.86
C PRO I 62 -24.16 -47.16 -2.80
N LYS I 63 -25.47 -47.33 -2.86
CA LYS I 63 -26.09 -48.65 -2.84
C LYS I 63 -26.18 -49.28 -4.22
N PHE I 64 -25.65 -48.63 -5.25
CA PHE I 64 -25.61 -49.21 -6.59
C PHE I 64 -24.18 -49.30 -7.12
N GLN I 65 -23.18 -49.03 -6.27
CA GLN I 65 -21.80 -49.08 -6.72
C GLN I 65 -21.38 -50.52 -6.92
N GLY I 66 -20.78 -50.80 -8.08
CA GLY I 66 -20.33 -52.13 -8.43
C GLY I 66 -21.36 -53.00 -9.10
N LYS I 67 -22.61 -52.89 -8.66
CA LYS I 67 -23.67 -53.68 -9.30
C LYS I 67 -23.97 -53.16 -10.70
N ALA I 68 -24.06 -51.86 -10.88
CA ALA I 68 -24.35 -51.26 -12.16
C ALA I 68 -23.15 -50.47 -12.68
N THR I 69 -23.06 -50.38 -14.00
CA THR I 69 -22.05 -49.55 -14.66
C THR I 69 -22.71 -48.82 -15.82
N ILE I 70 -22.26 -47.60 -16.07
CA ILE I 70 -22.84 -46.73 -17.09
C ILE I 70 -21.74 -46.35 -18.07
N THR I 71 -21.95 -46.68 -19.34
CA THR I 71 -21.06 -46.31 -20.42
C THR I 71 -21.82 -45.51 -21.45
N THR I 72 -21.10 -44.97 -22.44
CA THR I 72 -21.71 -44.14 -23.46
C THR I 72 -21.20 -44.57 -24.84
N ASP I 73 -21.78 -43.95 -25.86
CA ASP I 73 -21.35 -44.12 -27.25
C ASP I 73 -21.70 -42.82 -27.96
N THR I 74 -20.69 -41.98 -28.16
CA THR I 74 -20.90 -40.65 -28.71
C THR I 74 -21.26 -40.70 -30.20
N PHE I 75 -20.83 -41.73 -30.91
CA PHE I 75 -21.11 -41.78 -32.35
C PHE I 75 -22.60 -41.96 -32.61
N SER I 76 -23.25 -42.84 -31.86
CA SER I 76 -24.68 -43.07 -32.00
C SER I 76 -25.52 -42.32 -30.98
N ASN I 77 -24.89 -41.53 -30.10
CA ASN I 77 -25.61 -40.78 -29.07
C ASN I 77 -26.44 -41.73 -28.20
N THR I 78 -25.76 -42.72 -27.62
CA THR I 78 -26.43 -43.71 -26.80
C THR I 78 -25.77 -43.82 -25.44
N ALA I 79 -26.58 -44.08 -24.42
CA ALA I 79 -26.10 -44.40 -23.07
C ALA I 79 -26.48 -45.83 -22.74
N TYR I 80 -25.51 -46.61 -22.25
CA TYR I 80 -25.71 -47.99 -21.88
C TYR I 80 -25.60 -48.14 -20.37
N LEU I 81 -26.53 -48.91 -19.79
CA LEU I 81 -26.52 -49.26 -18.38
C LEU I 81 -26.46 -50.77 -18.27
N GLN I 82 -25.40 -51.29 -17.66
CA GLN I 82 -25.19 -52.73 -17.52
C GLN I 82 -25.27 -53.11 -16.05
N LEU I 83 -26.19 -54.01 -15.73
CA LEU I 83 -26.34 -54.52 -14.37
C LEU I 83 -25.48 -55.76 -14.23
N SER I 84 -24.36 -55.62 -13.51
CA SER I 84 -23.35 -56.68 -13.45
C SER I 84 -23.92 -57.97 -12.89
N SER I 85 -24.30 -57.94 -11.61
CA SER I 85 -24.87 -59.10 -10.93
C SER I 85 -26.19 -58.70 -10.33
N LEU I 86 -27.25 -59.39 -10.74
CA LEU I 86 -28.61 -59.03 -10.34
C LEU I 86 -29.28 -60.21 -9.67
N THR I 87 -30.02 -59.92 -8.60
CA THR I 87 -30.79 -60.92 -7.89
C THR I 87 -32.23 -60.92 -8.42
N SER I 88 -33.13 -61.57 -7.70
CA SER I 88 -34.53 -61.64 -8.09
C SER I 88 -35.36 -60.51 -7.52
N GLU I 89 -34.73 -59.49 -6.93
CA GLU I 89 -35.44 -58.39 -6.29
C GLU I 89 -35.52 -57.14 -7.15
N ASP I 90 -34.55 -56.89 -8.01
CA ASP I 90 -34.52 -55.67 -8.82
C ASP I 90 -35.35 -55.84 -10.10
N THR I 91 -36.61 -56.22 -9.93
CA THR I 91 -37.56 -56.33 -11.05
C THR I 91 -38.34 -55.03 -11.22
N ALA I 92 -37.60 -53.96 -11.47
CA ALA I 92 -38.17 -52.62 -11.52
C ALA I 92 -38.20 -52.11 -12.96
N VAL I 93 -38.63 -50.86 -13.10
CA VAL I 93 -38.67 -50.18 -14.40
C VAL I 93 -37.53 -49.17 -14.43
N TYR I 94 -36.74 -49.22 -15.49
CA TYR I 94 -35.52 -48.42 -15.59
C TYR I 94 -35.72 -47.31 -16.61
N TYR I 95 -35.59 -46.07 -16.16
CA TYR I 95 -35.78 -44.88 -16.96
C TYR I 95 -34.43 -44.22 -17.26
N CYS I 96 -34.39 -43.54 -18.38
CA CYS I 96 -33.21 -42.81 -18.85
C CYS I 96 -33.61 -41.35 -19.03
N ALA I 97 -32.88 -40.44 -18.39
CA ALA I 97 -33.25 -39.04 -18.40
C ALA I 97 -32.03 -38.19 -18.66
N ARG I 98 -32.26 -36.99 -19.20
CA ARG I 98 -31.19 -36.02 -19.39
C ARG I 98 -31.45 -34.81 -18.50
N LYS I 99 -30.36 -34.19 -18.04
CA LYS I 99 -30.51 -33.04 -17.17
C LYS I 99 -31.05 -31.85 -17.95
N GLY I 100 -31.86 -31.04 -17.28
CA GLY I 100 -32.58 -29.94 -17.89
C GLY I 100 -31.89 -28.62 -17.66
N LEU I 101 -32.68 -27.59 -17.37
CA LEU I 101 -32.13 -26.25 -17.24
C LEU I 101 -31.50 -26.03 -15.87
N ARG I 102 -32.31 -26.09 -14.82
CA ARG I 102 -31.80 -25.91 -13.46
C ARG I 102 -31.51 -27.26 -12.81
N TRP I 103 -30.70 -28.07 -13.47
CA TRP I 103 -30.28 -29.38 -13.00
C TRP I 103 -31.44 -30.33 -12.77
N ALA I 104 -32.62 -30.00 -13.26
CA ALA I 104 -33.73 -30.93 -13.27
C ALA I 104 -33.55 -31.95 -14.39
N MET I 105 -34.43 -32.95 -14.43
CA MET I 105 -34.42 -33.97 -15.47
C MET I 105 -35.63 -33.72 -16.36
N ASP I 106 -35.44 -32.92 -17.40
CA ASP I 106 -36.57 -32.45 -18.21
C ASP I 106 -37.11 -33.56 -19.11
N TYR I 107 -36.22 -34.23 -19.84
CA TYR I 107 -36.62 -35.28 -20.79
C TYR I 107 -36.26 -36.64 -20.23
N TRP I 108 -37.29 -37.45 -19.99
CA TRP I 108 -37.15 -38.83 -19.55
C TRP I 108 -37.32 -39.78 -20.73
N GLY I 109 -36.92 -41.03 -20.52
CA GLY I 109 -37.11 -42.05 -21.53
C GLY I 109 -38.51 -42.61 -21.51
N GLN I 110 -38.64 -43.93 -21.66
CA GLN I 110 -39.94 -44.58 -21.62
C GLN I 110 -39.99 -45.76 -20.66
N GLY I 111 -38.85 -46.33 -20.27
CA GLY I 111 -38.83 -47.40 -19.29
C GLY I 111 -38.70 -48.77 -19.90
N THR I 112 -37.64 -49.48 -19.53
CA THR I 112 -37.41 -50.87 -19.93
C THR I 112 -37.67 -51.74 -18.70
N SER I 113 -38.90 -52.25 -18.60
CA SER I 113 -39.31 -53.05 -17.45
C SER I 113 -38.59 -54.39 -17.48
N VAL I 114 -37.55 -54.53 -16.67
CA VAL I 114 -36.83 -55.79 -16.58
C VAL I 114 -37.60 -56.73 -15.67
N THR I 115 -37.42 -58.03 -15.88
CA THR I 115 -38.11 -59.06 -15.10
C THR I 115 -37.13 -60.18 -14.80
N VAL I 116 -37.00 -60.50 -13.51
CA VAL I 116 -36.07 -61.53 -13.03
C VAL I 116 -36.88 -62.68 -12.47
N SER I 117 -36.77 -63.85 -13.09
CA SER I 117 -37.51 -65.03 -12.66
C SER I 117 -36.89 -66.25 -13.35
N THR I 118 -37.56 -67.40 -13.21
CA THR I 118 -37.09 -68.64 -13.82
C THR I 118 -38.24 -69.29 -14.59
#